data_4WUM
#
_entry.id   4WUM
#
_cell.length_a   79.430
_cell.length_b   79.510
_cell.length_c   232.340
_cell.angle_alpha   90.000
_cell.angle_beta   90.000
_cell.angle_gamma   90.000
#
_symmetry.space_group_name_H-M   'P 21 21 21'
#
loop_
_entity.id
_entity.type
_entity.pdbx_description
1 polymer 'Chalcone synthase'
2 water water
#
_entity_poly.entity_id   1
_entity_poly.type   'polypeptide(L)'
_entity_poly.pdbx_seq_one_letter_code
;MVNVEEIRKAQRAEGPAAILAIGTATPPNAIEQSEYPDYYFRVTNSEDKVELKEKFKRMCEKSMIKKRYLYLTEDILKEN
PNVCAYMATSLDARQDMVVVEVPKLGKEAATRAIKEWGQPKSKITHLVFCTTSGVDMPGADYQLTKLLGLRPSVKRLMMY
QQGCFAGGTVLRLAKDLAENNRGARVLVVCSEITAVTFRGPSESHLDSLVGQALFGDGAAALIVGSDAIEGIERPIFEMV
SAAQTILPDSEGAIDGHLREVGLTFHLLKDVPGIISKNIEKSLEEAFKPLGITDYNSLFWIAHPGGPAILDQVEAKIGLK
PEKLRATRHVLSEYGNMSSACVLFILEEMRKKSAEEKNGTTGEGLEWGVLFGFGPGLTVETVVLHSVEA
;
_entity_poly.pdbx_strand_id   A,B,C,D
#
# COMPACT_ATOMS: atom_id res chain seq x y z
N MET A 1 -11.95 -12.67 12.51
CA MET A 1 -10.69 -13.40 12.41
C MET A 1 -9.67 -12.59 11.60
N VAL A 2 -9.35 -13.07 10.39
CA VAL A 2 -8.41 -12.36 9.54
C VAL A 2 -9.14 -11.42 8.57
N ASN A 3 -8.55 -10.25 8.35
CA ASN A 3 -9.17 -9.20 7.54
C ASN A 3 -8.51 -9.12 6.18
N VAL A 4 -9.36 -9.02 5.17
CA VAL A 4 -8.96 -9.04 3.77
C VAL A 4 -8.06 -7.86 3.43
N GLU A 5 -8.21 -6.76 4.16
CA GLU A 5 -7.36 -5.59 3.93
C GLU A 5 -5.88 -5.89 4.21
N GLU A 6 -5.60 -6.57 5.32
CA GLU A 6 -4.22 -6.94 5.66
C GLU A 6 -3.70 -8.05 4.74
N ILE A 7 -4.56 -8.99 4.39
CA ILE A 7 -4.19 -10.07 3.48
C ILE A 7 -3.73 -9.46 2.16
N ARG A 8 -4.47 -8.47 1.68
CA ARG A 8 -4.19 -7.82 0.40
C ARG A 8 -2.81 -7.11 0.43
N LYS A 9 -2.54 -6.44 1.53
CA LYS A 9 -1.27 -5.73 1.68
C LYS A 9 -0.10 -6.70 1.73
N ALA A 10 -0.32 -7.87 2.35
CA ALA A 10 0.70 -8.89 2.41
C ALA A 10 0.88 -9.62 1.09
N GLN A 11 -0.20 -9.82 0.34
CA GLN A 11 -0.06 -10.70 -0.82
C GLN A 11 0.48 -9.98 -2.06
N ARG A 12 0.43 -8.65 -2.11
CA ARG A 12 0.95 -7.92 -3.26
C ARG A 12 2.45 -7.67 -3.17
N ALA A 13 3.10 -7.44 -4.31
CA ALA A 13 4.53 -7.15 -4.30
C ALA A 13 4.78 -5.66 -4.06
N GLU A 14 6.05 -5.33 -3.86
CA GLU A 14 6.45 -3.98 -3.48
C GLU A 14 6.78 -3.09 -4.69
N GLY A 15 7.80 -3.46 -5.45
CA GLY A 15 8.28 -2.56 -6.49
C GLY A 15 7.82 -2.87 -7.92
N PRO A 16 8.40 -2.14 -8.88
CA PRO A 16 8.03 -2.29 -10.29
C PRO A 16 8.54 -3.61 -10.85
N ALA A 17 7.80 -4.14 -11.81
CA ALA A 17 8.19 -5.38 -12.46
C ALA A 17 9.45 -5.19 -13.27
N ALA A 18 10.33 -6.17 -13.24
CA ALA A 18 11.56 -6.11 -14.01
C ALA A 18 11.71 -7.36 -14.87
N ILE A 19 12.26 -7.20 -16.07
CA ILE A 19 12.72 -8.31 -16.86
C ILE A 19 14.04 -8.81 -16.25
N LEU A 20 14.05 -10.05 -15.76
CA LEU A 20 15.19 -10.62 -15.05
C LEU A 20 16.05 -11.52 -15.94
N ALA A 21 15.50 -11.92 -17.08
CA ALA A 21 16.23 -12.81 -17.98
C ALA A 21 15.54 -12.80 -19.33
N ILE A 22 16.32 -13.04 -20.38
CA ILE A 22 15.81 -13.13 -21.73
C ILE A 22 16.47 -14.30 -22.45
N GLY A 23 15.66 -15.10 -23.14
CA GLY A 23 16.17 -16.15 -24.01
C GLY A 23 15.39 -16.14 -25.32
N THR A 24 16.07 -16.55 -26.39
CA THR A 24 15.47 -16.64 -27.71
C THR A 24 15.80 -17.99 -28.38
N ALA A 25 14.97 -18.35 -29.35
CA ALA A 25 15.17 -19.59 -30.10
C ALA A 25 14.55 -19.46 -31.49
N THR A 26 15.16 -20.14 -32.45
CA THR A 26 14.61 -20.19 -33.80
C THR A 26 14.68 -21.62 -34.31
N PRO A 27 13.86 -21.93 -35.32
CA PRO A 27 14.07 -23.20 -36.04
C PRO A 27 15.45 -23.22 -36.65
N PRO A 28 16.02 -24.43 -36.85
CA PRO A 28 17.40 -24.60 -37.32
C PRO A 28 17.69 -24.01 -38.69
N ASN A 29 16.71 -24.05 -39.60
CA ASN A 29 17.00 -23.69 -40.99
C ASN A 29 16.68 -22.23 -41.33
N ALA A 30 17.71 -21.49 -41.71
CA ALA A 30 17.55 -20.13 -42.17
C ALA A 30 17.67 -20.05 -43.67
N ILE A 31 16.74 -19.34 -44.32
CA ILE A 31 16.81 -19.10 -45.75
C ILE A 31 17.24 -17.66 -46.04
N GLU A 32 18.29 -17.51 -46.85
CA GLU A 32 18.78 -16.20 -47.25
C GLU A 32 17.72 -15.52 -48.10
N GLN A 33 17.41 -14.26 -47.80
CA GLN A 33 16.37 -13.53 -48.53
C GLN A 33 16.74 -13.36 -50.00
N SER A 34 18.03 -13.28 -50.31
CA SER A 34 18.49 -13.19 -51.69
C SER A 34 18.02 -14.40 -52.49
N GLU A 35 17.82 -15.52 -51.79
CA GLU A 35 17.46 -16.76 -52.45
C GLU A 35 15.96 -17.05 -52.37
N TYR A 36 15.22 -16.24 -51.60
CA TYR A 36 13.84 -16.60 -51.29
C TYR A 36 12.86 -16.48 -52.46
N PRO A 37 12.98 -15.43 -53.31
CA PRO A 37 12.03 -15.39 -54.43
C PRO A 37 12.10 -16.63 -55.34
N ASP A 38 13.30 -17.08 -55.69
CA ASP A 38 13.46 -18.28 -56.53
C ASP A 38 12.88 -19.51 -55.81
N TYR A 39 13.24 -19.67 -54.54
CA TYR A 39 12.79 -20.77 -53.72
C TYR A 39 11.27 -20.84 -53.62
N TYR A 40 10.65 -19.72 -53.24
CA TYR A 40 9.22 -19.64 -53.01
C TYR A 40 8.40 -19.93 -54.28
N PHE A 41 8.74 -19.28 -55.39
CA PHE A 41 7.98 -19.51 -56.61
C PHE A 41 8.20 -20.91 -57.17
N ARG A 42 9.30 -21.53 -56.77
CA ARG A 42 9.57 -22.92 -57.16
C ARG A 42 8.74 -23.93 -56.35
N VAL A 43 8.80 -23.85 -55.03
CA VAL A 43 8.10 -24.84 -54.21
C VAL A 43 6.57 -24.66 -54.25
N THR A 44 6.12 -23.51 -54.73
CA THR A 44 4.68 -23.28 -54.93
C THR A 44 4.26 -23.50 -56.38
N ASN A 45 5.18 -24.03 -57.19
CA ASN A 45 4.90 -24.34 -58.60
C ASN A 45 4.33 -23.16 -59.37
N SER A 46 4.92 -21.99 -59.17
CA SER A 46 4.37 -20.74 -59.71
C SER A 46 5.35 -20.05 -60.65
N GLU A 47 6.31 -20.79 -61.17
CA GLU A 47 7.37 -20.21 -62.00
C GLU A 47 6.84 -19.60 -63.30
N ASP A 48 5.65 -20.04 -63.70
CA ASP A 48 4.95 -19.48 -64.86
C ASP A 48 4.66 -18.00 -64.67
N LYS A 49 4.38 -17.60 -63.43
CA LYS A 49 3.98 -16.22 -63.16
C LYS A 49 5.22 -15.31 -63.04
N VAL A 50 5.86 -15.06 -64.17
CA VAL A 50 7.09 -14.29 -64.22
C VAL A 50 6.87 -12.84 -63.75
N GLU A 51 5.75 -12.26 -64.18
CA GLU A 51 5.35 -10.91 -63.79
C GLU A 51 5.31 -10.77 -62.26
N LEU A 52 4.59 -11.69 -61.63
CA LEU A 52 4.39 -11.69 -60.19
C LEU A 52 5.72 -11.94 -59.45
N LYS A 53 6.56 -12.79 -60.02
CA LYS A 53 7.85 -13.12 -59.43
C LYS A 53 8.77 -11.90 -59.30
N GLU A 54 8.78 -11.05 -60.32
CA GLU A 54 9.54 -9.80 -60.30
C GLU A 54 9.02 -8.84 -59.23
N LYS A 55 7.70 -8.79 -59.07
CA LYS A 55 7.10 -7.98 -58.02
C LYS A 55 7.57 -8.47 -56.66
N PHE A 56 7.60 -9.79 -56.49
CA PHE A 56 7.99 -10.39 -55.22
C PHE A 56 9.47 -10.16 -54.97
N LYS A 57 10.25 -10.14 -56.05
CA LYS A 57 11.67 -9.83 -55.95
C LYS A 57 11.89 -8.41 -55.43
N ARG A 58 11.13 -7.45 -55.95
CA ARG A 58 11.15 -6.08 -55.45
C ARG A 58 10.79 -6.04 -53.96
N MET A 59 9.75 -6.79 -53.58
CA MET A 59 9.32 -6.86 -52.18
C MET A 59 10.42 -7.38 -51.27
N CYS A 60 11.07 -8.47 -51.66
CA CYS A 60 12.11 -9.07 -50.82
C CYS A 60 13.35 -8.17 -50.77
N GLU A 61 13.67 -7.54 -51.89
CA GLU A 61 14.81 -6.61 -51.93
C GLU A 61 14.53 -5.34 -51.11
N LYS A 62 13.28 -4.89 -51.08
CA LYS A 62 12.87 -3.73 -50.30
C LYS A 62 12.73 -4.03 -48.80
N SER A 63 12.59 -5.32 -48.47
CA SER A 63 12.20 -5.73 -47.14
C SER A 63 13.24 -5.41 -46.07
N MET A 64 14.49 -5.18 -46.48
CA MET A 64 15.63 -5.00 -45.56
C MET A 64 15.80 -6.21 -44.63
N ILE A 65 15.31 -7.36 -45.08
CA ILE A 65 15.52 -8.64 -44.40
C ILE A 65 16.65 -9.41 -45.09
N LYS A 66 17.65 -9.86 -44.32
CA LYS A 66 18.75 -10.64 -44.89
C LYS A 66 18.47 -12.14 -44.90
N LYS A 67 17.82 -12.62 -43.84
CA LYS A 67 17.44 -14.03 -43.75
C LYS A 67 16.28 -14.22 -42.77
N ARG A 68 15.64 -15.38 -42.86
CA ARG A 68 14.61 -15.77 -41.90
C ARG A 68 14.78 -17.22 -41.53
N TYR A 69 14.44 -17.54 -40.30
CA TYR A 69 14.40 -18.92 -39.85
C TYR A 69 13.00 -19.48 -40.08
N LEU A 70 12.92 -20.68 -40.64
CA LEU A 70 11.64 -21.27 -41.00
C LEU A 70 11.55 -22.74 -40.63
N TYR A 71 10.53 -23.07 -39.85
CA TYR A 71 10.20 -24.45 -39.53
C TYR A 71 9.83 -25.19 -40.81
N LEU A 72 9.08 -24.52 -41.69
CA LEU A 72 8.68 -25.10 -42.97
C LEU A 72 9.86 -25.35 -43.90
N THR A 73 10.07 -26.61 -44.25
CA THR A 73 11.12 -26.95 -45.19
C THR A 73 10.48 -27.44 -46.47
N GLU A 74 11.27 -27.54 -47.53
CA GLU A 74 10.77 -28.10 -48.77
C GLU A 74 10.26 -29.53 -48.55
N ASP A 75 10.95 -30.28 -47.70
CA ASP A 75 10.51 -31.64 -47.39
C ASP A 75 9.11 -31.67 -46.77
N ILE A 76 8.83 -30.76 -45.84
CA ILE A 76 7.51 -30.70 -45.19
C ILE A 76 6.43 -30.25 -46.18
N LEU A 77 6.77 -29.29 -47.04
CA LEU A 77 5.84 -28.84 -48.05
C LEU A 77 5.52 -29.97 -49.02
N LYS A 78 6.53 -30.77 -49.37
CA LYS A 78 6.30 -31.89 -50.27
C LYS A 78 5.31 -32.89 -49.66
N GLU A 79 5.37 -33.05 -48.33
CA GLU A 79 4.45 -33.93 -47.62
C GLU A 79 3.06 -33.31 -47.44
N ASN A 80 2.99 -31.99 -47.59
CA ASN A 80 1.74 -31.25 -47.38
C ASN A 80 1.46 -30.32 -48.55
N PRO A 81 1.15 -30.90 -49.73
CA PRO A 81 1.01 -30.10 -50.96
C PRO A 81 -0.15 -29.11 -50.92
N ASN A 82 -1.14 -29.36 -50.06
CA ASN A 82 -2.28 -28.45 -49.93
C ASN A 82 -1.89 -27.14 -49.23
N VAL A 83 -0.71 -27.12 -48.63
CA VAL A 83 -0.20 -25.90 -48.00
C VAL A 83 0.43 -24.96 -49.04
N CYS A 84 0.91 -25.53 -50.15
CA CYS A 84 1.60 -24.76 -51.18
C CYS A 84 0.68 -23.98 -52.09
N ALA A 85 -0.58 -24.41 -52.19
CA ALA A 85 -1.52 -23.70 -53.04
C ALA A 85 -1.89 -22.38 -52.37
N TYR A 86 -2.28 -21.40 -53.18
CA TYR A 86 -2.77 -20.15 -52.61
C TYR A 86 -4.02 -20.42 -51.79
N MET A 87 -4.94 -21.18 -52.35
CA MET A 87 -6.17 -21.52 -51.67
C MET A 87 -6.48 -23.02 -51.84
N ALA A 88 -6.15 -23.80 -50.83
CA ALA A 88 -6.57 -25.18 -50.78
C ALA A 88 -6.89 -25.46 -49.32
N THR A 89 -7.82 -26.38 -49.05
CA THR A 89 -8.15 -26.62 -47.65
C THR A 89 -6.95 -27.28 -47.00
N SER A 90 -6.53 -26.71 -45.88
CA SER A 90 -5.24 -27.07 -45.32
C SER A 90 -5.13 -26.71 -43.84
N LEU A 91 -6.23 -26.31 -43.22
CA LEU A 91 -6.15 -25.92 -41.82
C LEU A 91 -5.69 -27.07 -40.92
N ASP A 92 -6.21 -28.26 -41.16
CA ASP A 92 -5.86 -29.43 -40.36
C ASP A 92 -4.36 -29.74 -40.45
N ALA A 93 -3.80 -29.69 -41.65
CA ALA A 93 -2.39 -29.96 -41.83
C ALA A 93 -1.54 -28.89 -41.14
N ARG A 94 -1.97 -27.64 -41.19
CA ARG A 94 -1.21 -26.56 -40.56
C ARG A 94 -1.31 -26.64 -39.03
N GLN A 95 -2.51 -26.94 -38.52
CA GLN A 95 -2.69 -27.14 -37.06
C GLN A 95 -1.82 -28.28 -36.57
N ASP A 96 -1.80 -29.39 -37.32
CA ASP A 96 -0.99 -30.54 -36.92
C ASP A 96 0.48 -30.16 -36.73
N MET A 97 0.99 -29.23 -37.53
CA MET A 97 2.40 -28.82 -37.40
C MET A 97 2.59 -27.92 -36.18
N VAL A 98 1.75 -26.91 -36.13
CA VAL A 98 1.93 -25.78 -35.25
C VAL A 98 1.51 -26.06 -33.80
N VAL A 99 0.55 -26.95 -33.58
CA VAL A 99 0.15 -27.23 -32.19
C VAL A 99 1.29 -27.95 -31.46
N VAL A 100 2.15 -28.62 -32.22
CA VAL A 100 3.33 -29.27 -31.66
C VAL A 100 4.55 -28.33 -31.65
N GLU A 101 4.82 -27.68 -32.79
CA GLU A 101 6.08 -26.94 -32.94
C GLU A 101 6.08 -25.65 -32.09
N VAL A 102 4.91 -25.02 -31.91
CA VAL A 102 4.90 -23.75 -31.17
C VAL A 102 5.35 -23.94 -29.72
N PRO A 103 4.76 -24.90 -28.97
CA PRO A 103 5.33 -25.04 -27.62
C PRO A 103 6.74 -25.63 -27.58
N LYS A 104 7.09 -26.46 -28.58
CA LYS A 104 8.43 -26.99 -28.65
C LYS A 104 9.47 -25.87 -28.76
N LEU A 105 9.26 -24.96 -29.69
CA LEU A 105 10.15 -23.81 -29.88
C LEU A 105 10.15 -22.90 -28.66
N GLY A 106 8.98 -22.72 -28.06
CA GLY A 106 8.84 -21.93 -26.84
C GLY A 106 9.64 -22.53 -25.70
N LYS A 107 9.67 -23.86 -25.61
CA LYS A 107 10.46 -24.51 -24.57
C LYS A 107 11.95 -24.21 -24.74
N GLU A 108 12.43 -24.16 -25.98
CA GLU A 108 13.84 -23.87 -26.22
C GLU A 108 14.21 -22.48 -25.71
N ALA A 109 13.36 -21.52 -26.02
CA ALA A 109 13.60 -20.14 -25.56
C ALA A 109 13.49 -20.06 -24.03
N ALA A 110 12.49 -20.73 -23.49
CA ALA A 110 12.26 -20.70 -22.05
C ALA A 110 13.43 -21.29 -21.28
N THR A 111 14.00 -22.39 -21.81
CA THR A 111 15.13 -23.04 -21.14
C THR A 111 16.33 -22.10 -21.11
N ARG A 112 16.50 -21.35 -22.17
CA ARG A 112 17.57 -20.36 -22.24
C ARG A 112 17.37 -19.20 -21.26
N ALA A 113 16.14 -18.68 -21.16
CA ALA A 113 15.86 -17.62 -20.20
C ALA A 113 16.07 -18.12 -18.77
N ILE A 114 15.68 -19.35 -18.49
CA ILE A 114 15.78 -19.90 -17.15
C ILE A 114 17.24 -20.14 -16.78
N LYS A 115 18.04 -20.54 -17.77
CA LYS A 115 19.47 -20.71 -17.55
C LYS A 115 20.10 -19.38 -17.10
N GLU A 116 19.79 -18.27 -17.78
CA GLU A 116 20.31 -16.95 -17.40
C GLU A 116 19.81 -16.52 -16.03
N TRP A 117 18.51 -16.70 -15.80
CA TRP A 117 17.89 -16.37 -14.51
C TRP A 117 18.62 -17.09 -13.37
N GLY A 118 18.89 -18.37 -13.58
CA GLY A 118 19.70 -19.15 -12.67
C GLY A 118 18.98 -19.71 -11.45
N GLN A 119 17.68 -19.44 -11.37
CA GLN A 119 16.85 -19.92 -10.26
C GLN A 119 16.20 -21.23 -10.67
N PRO A 120 15.77 -22.04 -9.69
CA PRO A 120 15.06 -23.30 -10.00
C PRO A 120 13.75 -23.07 -10.77
N LYS A 121 13.42 -23.90 -11.76
CA LYS A 121 12.16 -23.82 -12.51
C LYS A 121 10.94 -23.79 -11.61
N SER A 122 11.05 -24.45 -10.47
CA SER A 122 9.96 -24.55 -9.50
C SER A 122 9.58 -23.20 -8.90
N LYS A 123 10.47 -22.21 -9.00
CA LYS A 123 10.19 -20.87 -8.50
C LYS A 123 9.33 -20.05 -9.45
N ILE A 124 9.07 -20.58 -10.65
CA ILE A 124 8.15 -19.89 -11.56
C ILE A 124 6.72 -20.09 -11.07
N THR A 125 6.00 -18.97 -10.92
CA THR A 125 4.64 -18.97 -10.36
C THR A 125 3.54 -18.69 -11.39
N HIS A 126 3.92 -18.04 -12.49
CA HIS A 126 3.00 -17.65 -13.56
C HIS A 126 3.60 -17.94 -14.93
N LEU A 127 2.75 -18.22 -15.90
CA LEU A 127 3.19 -18.41 -17.27
C LEU A 127 2.28 -17.66 -18.21
N VAL A 128 2.84 -16.75 -19.00
CA VAL A 128 2.06 -16.09 -20.04
C VAL A 128 2.57 -16.61 -21.38
N PHE A 129 1.70 -17.29 -22.12
CA PHE A 129 2.10 -17.85 -23.42
C PHE A 129 1.34 -17.16 -24.54
N CYS A 130 2.07 -16.68 -25.54
CA CYS A 130 1.44 -15.94 -26.64
C CYS A 130 1.84 -16.50 -28.01
N THR A 131 0.85 -16.71 -28.87
CA THR A 131 1.13 -17.12 -30.24
C THR A 131 0.02 -16.65 -31.16
N THR A 132 0.33 -16.56 -32.45
CA THR A 132 -0.64 -16.21 -33.50
C THR A 132 -0.71 -17.39 -34.46
N SER A 133 -0.04 -18.48 -34.08
CA SER A 133 0.11 -19.66 -34.91
C SER A 133 -0.62 -20.84 -34.29
N GLY A 134 -1.89 -21.02 -34.65
CA GLY A 134 -2.65 -22.19 -34.25
C GLY A 134 -3.33 -22.03 -32.91
N VAL A 135 -4.36 -22.85 -32.66
CA VAL A 135 -5.08 -22.86 -31.37
C VAL A 135 -5.41 -24.31 -31.05
N ASP A 136 -5.53 -24.60 -29.76
CA ASP A 136 -5.83 -25.95 -29.29
C ASP A 136 -6.28 -25.92 -27.83
N MET A 137 -6.94 -26.98 -27.38
CA MET A 137 -7.35 -27.14 -25.98
C MET A 137 -7.01 -28.53 -25.44
N PRO A 138 -6.25 -28.60 -24.34
CA PRO A 138 -5.61 -27.46 -23.64
C PRO A 138 -4.58 -26.79 -24.55
N GLY A 139 -4.21 -25.56 -24.20
CA GLY A 139 -3.40 -24.75 -25.09
C GLY A 139 -1.90 -24.97 -25.02
N ALA A 140 -1.17 -24.16 -25.78
CA ALA A 140 0.29 -24.25 -25.80
C ALA A 140 0.90 -23.98 -24.42
N ASP A 141 0.17 -23.23 -23.59
CA ASP A 141 0.61 -22.95 -22.22
C ASP A 141 0.66 -24.23 -21.40
N TYR A 142 -0.38 -25.04 -21.52
CA TYR A 142 -0.41 -26.34 -20.88
C TYR A 142 0.74 -27.20 -21.41
N GLN A 143 0.92 -27.19 -22.73
CA GLN A 143 1.95 -28.04 -23.30
C GLN A 143 3.35 -27.64 -22.81
N LEU A 144 3.60 -26.35 -22.71
CA LEU A 144 4.91 -25.85 -22.28
C LEU A 144 5.17 -26.22 -20.83
N THR A 145 4.12 -26.09 -20.02
CA THR A 145 4.15 -26.48 -18.62
C THR A 145 4.57 -27.92 -18.47
N LYS A 146 4.01 -28.81 -19.30
CA LYS A 146 4.37 -30.21 -19.30
C LYS A 146 5.80 -30.46 -19.84
N LEU A 147 6.15 -29.78 -20.93
CA LEU A 147 7.48 -29.92 -21.52
C LEU A 147 8.59 -29.47 -20.57
N LEU A 148 8.36 -28.34 -19.89
CA LEU A 148 9.37 -27.78 -18.98
C LEU A 148 9.34 -28.40 -17.61
N GLY A 149 8.23 -29.03 -17.24
CA GLY A 149 8.10 -29.59 -15.92
C GLY A 149 7.90 -28.52 -14.86
N LEU A 150 7.10 -27.51 -15.17
CA LEU A 150 6.78 -26.47 -14.18
C LEU A 150 5.87 -27.06 -13.13
N ARG A 151 5.77 -26.40 -11.99
CA ARG A 151 4.84 -26.88 -10.96
C ARG A 151 3.43 -26.90 -11.53
N PRO A 152 2.67 -27.95 -11.20
CA PRO A 152 1.25 -27.75 -11.43
C PRO A 152 0.94 -26.66 -10.42
N SER A 153 -0.07 -25.86 -10.67
CA SER A 153 -0.41 -24.68 -9.89
C SER A 153 0.31 -23.45 -10.43
N VAL A 154 1.13 -23.59 -11.47
CA VAL A 154 1.59 -22.40 -12.18
C VAL A 154 0.34 -21.71 -12.73
N LYS A 155 0.26 -20.40 -12.58
CA LYS A 155 -0.91 -19.64 -13.00
C LYS A 155 -0.73 -19.22 -14.44
N ARG A 156 -1.58 -19.76 -15.32
CA ARG A 156 -1.35 -19.63 -16.74
C ARG A 156 -2.33 -18.67 -17.42
N LEU A 157 -1.80 -17.94 -18.40
CA LEU A 157 -2.60 -17.08 -19.26
C LEU A 157 -2.24 -17.42 -20.70
N MET A 158 -3.19 -17.99 -21.43
CA MET A 158 -2.97 -18.44 -22.80
C MET A 158 -3.49 -17.37 -23.75
N MET A 159 -2.59 -16.71 -24.46
CA MET A 159 -2.91 -15.63 -25.38
C MET A 159 -2.81 -16.10 -26.84
N TYR A 160 -3.97 -16.44 -27.41
CA TYR A 160 -4.06 -16.98 -28.76
C TYR A 160 -4.50 -15.96 -29.80
N GLN A 161 -4.03 -16.13 -31.03
CA GLN A 161 -4.53 -15.38 -32.20
C GLN A 161 -4.42 -13.88 -31.97
N GLN A 162 -3.29 -13.47 -31.39
CA GLN A 162 -3.12 -12.10 -30.93
C GLN A 162 -2.67 -11.16 -32.04
N GLY A 163 -1.61 -11.53 -32.74
CA GLY A 163 -1.07 -10.66 -33.78
C GLY A 163 0.17 -9.91 -33.31
N CYS A 164 0.68 -9.05 -34.19
CA CYS A 164 2.02 -8.47 -34.02
C CYS A 164 2.20 -7.48 -32.87
N PHE A 165 1.11 -7.00 -32.25
CA PHE A 165 1.25 -6.05 -31.15
C PHE A 165 1.48 -6.75 -29.81
N ALA A 166 1.35 -8.08 -29.81
CA ALA A 166 1.22 -8.82 -28.57
C ALA A 166 2.51 -8.94 -27.77
N GLY A 167 3.64 -8.60 -28.36
CA GLY A 167 4.87 -8.51 -27.60
C GLY A 167 4.68 -7.47 -26.51
N GLY A 168 3.95 -6.42 -26.85
CA GLY A 168 3.62 -5.40 -25.89
C GLY A 168 2.61 -5.90 -24.88
N THR A 169 1.62 -6.66 -25.34
CA THR A 169 0.57 -7.13 -24.47
C THR A 169 1.10 -8.05 -23.39
N VAL A 170 2.04 -8.93 -23.76
CA VAL A 170 2.53 -9.87 -22.76
C VAL A 170 3.35 -9.12 -21.70
N LEU A 171 4.01 -8.04 -22.09
CA LEU A 171 4.73 -7.22 -21.11
C LEU A 171 3.73 -6.55 -20.17
N ARG A 172 2.66 -5.99 -20.76
CA ARG A 172 1.59 -5.37 -20.00
C ARG A 172 0.97 -6.34 -19.00
N LEU A 173 0.75 -7.57 -19.46
CA LEU A 173 0.20 -8.63 -18.60
C LEU A 173 1.16 -9.01 -17.51
N ALA A 174 2.40 -9.31 -17.88
CA ALA A 174 3.38 -9.75 -16.89
C ALA A 174 3.62 -8.68 -15.85
N LYS A 175 3.55 -7.42 -16.25
CA LYS A 175 3.72 -6.30 -15.31
C LYS A 175 2.73 -6.38 -14.17
N ASP A 176 1.44 -6.52 -14.50
CA ASP A 176 0.40 -6.57 -13.47
C ASP A 176 0.49 -7.88 -12.64
N LEU A 177 0.78 -9.01 -13.29
CA LEU A 177 0.95 -10.26 -12.54
C LEU A 177 2.09 -10.19 -11.52
N ALA A 178 3.25 -9.69 -11.96
CA ALA A 178 4.42 -9.59 -11.07
C ALA A 178 4.22 -8.56 -9.96
N GLU A 179 3.65 -7.42 -10.29
CA GLU A 179 3.52 -6.32 -9.32
C GLU A 179 2.43 -6.55 -8.28
N ASN A 180 1.42 -7.34 -8.62
CA ASN A 180 0.31 -7.55 -7.70
C ASN A 180 0.45 -8.80 -6.83
N ASN A 181 1.56 -9.52 -6.99
CA ASN A 181 1.76 -10.80 -6.30
C ASN A 181 3.18 -10.96 -5.76
N ARG A 182 3.30 -10.90 -4.42
CA ARG A 182 4.60 -10.75 -3.76
C ARG A 182 5.77 -11.66 -4.21
N GLY A 183 5.60 -12.96 -4.32
CA GLY A 183 6.78 -13.73 -4.72
C GLY A 183 6.79 -14.13 -6.19
N ALA A 184 5.95 -13.47 -6.98
CA ALA A 184 5.67 -13.95 -8.33
C ALA A 184 6.86 -13.83 -9.27
N ARG A 185 7.09 -14.92 -9.99
CA ARG A 185 8.08 -14.93 -11.06
C ARG A 185 7.35 -15.41 -12.29
N VAL A 186 7.25 -14.56 -13.30
CA VAL A 186 6.43 -14.83 -14.48
C VAL A 186 7.28 -15.25 -15.66
N LEU A 187 7.03 -16.45 -16.16
CA LEU A 187 7.65 -16.91 -17.40
C LEU A 187 6.78 -16.39 -18.53
N VAL A 188 7.37 -15.61 -19.43
CA VAL A 188 6.67 -15.09 -20.60
C VAL A 188 7.24 -15.71 -21.85
N VAL A 189 6.39 -16.27 -22.70
CA VAL A 189 6.86 -16.86 -23.94
C VAL A 189 6.00 -16.39 -25.09
N CYS A 190 6.65 -15.85 -26.12
CA CYS A 190 6.01 -15.61 -27.42
C CYS A 190 6.63 -16.58 -28.42
N SER A 191 5.81 -17.34 -29.15
CA SER A 191 6.35 -18.32 -30.09
C SER A 191 5.53 -18.29 -31.36
N GLU A 192 6.21 -18.07 -32.48
CA GLU A 192 5.56 -17.75 -33.73
C GLU A 192 6.10 -18.64 -34.85
N ILE A 193 5.19 -19.33 -35.54
CA ILE A 193 5.59 -20.24 -36.61
C ILE A 193 4.69 -20.03 -37.82
N THR A 194 5.32 -19.66 -38.92
CA THR A 194 4.58 -19.19 -40.08
C THR A 194 3.98 -20.29 -40.94
N ALA A 195 4.05 -21.56 -40.50
CA ALA A 195 3.40 -22.60 -41.30
C ALA A 195 1.88 -22.36 -41.39
N VAL A 196 1.33 -21.57 -40.48
CA VAL A 196 -0.11 -21.36 -40.48
C VAL A 196 -0.51 -20.34 -41.56
N THR A 197 0.46 -19.54 -42.02
CA THR A 197 0.15 -18.50 -43.02
C THR A 197 0.80 -18.69 -44.39
N PHE A 198 1.78 -19.59 -44.46
CA PHE A 198 2.45 -19.84 -45.73
C PHE A 198 1.48 -20.29 -46.80
N ARG A 199 1.54 -19.67 -47.97
CA ARG A 199 0.74 -20.14 -49.10
C ARG A 199 1.32 -19.61 -50.40
N GLY A 200 0.84 -20.17 -51.51
CA GLY A 200 1.30 -19.75 -52.80
C GLY A 200 0.82 -18.37 -53.17
N PRO A 201 1.35 -17.83 -54.27
CA PRO A 201 1.08 -16.46 -54.69
C PRO A 201 -0.17 -16.32 -55.55
N SER A 202 -0.79 -15.15 -55.48
CA SER A 202 -1.95 -14.84 -56.30
C SER A 202 -1.86 -13.38 -56.74
N GLU A 203 -1.98 -13.14 -58.05
CA GLU A 203 -1.86 -11.78 -58.56
C GLU A 203 -3.02 -10.91 -58.10
N SER A 204 -4.07 -11.53 -57.58
CA SER A 204 -5.24 -10.81 -57.10
C SER A 204 -5.08 -10.33 -55.65
N HIS A 205 -4.08 -10.86 -54.96
CA HIS A 205 -3.90 -10.57 -53.54
C HIS A 205 -2.46 -10.23 -53.22
N LEU A 206 -2.03 -9.06 -53.64
CA LEU A 206 -0.64 -8.65 -53.47
C LEU A 206 -0.29 -8.40 -52.00
N ASP A 207 -1.28 -8.12 -51.18
CA ASP A 207 -1.01 -7.87 -49.78
C ASP A 207 -0.64 -9.18 -49.09
N SER A 208 -1.23 -10.29 -49.51
CA SER A 208 -0.80 -11.59 -49.01
C SER A 208 0.65 -11.85 -49.38
N LEU A 209 1.04 -11.38 -50.55
CA LEU A 209 2.40 -11.57 -51.05
C LEU A 209 3.44 -10.87 -50.16
N VAL A 210 3.12 -9.68 -49.64
CA VAL A 210 4.10 -9.00 -48.78
C VAL A 210 4.34 -9.80 -47.51
N GLY A 211 3.31 -10.48 -47.02
CA GLY A 211 3.46 -11.35 -45.85
C GLY A 211 4.44 -12.47 -46.11
N GLN A 212 4.41 -13.03 -47.32
CA GLN A 212 5.32 -14.11 -47.68
C GLN A 212 6.76 -13.61 -47.71
N ALA A 213 6.93 -12.31 -47.90
CA ALA A 213 8.25 -11.70 -47.95
C ALA A 213 8.79 -11.30 -46.58
N LEU A 214 7.90 -11.14 -45.62
CA LEU A 214 8.28 -10.54 -44.35
C LEU A 214 8.29 -11.46 -43.13
N PHE A 215 7.35 -12.38 -43.04
CA PHE A 215 7.14 -13.14 -41.82
C PHE A 215 8.17 -14.25 -41.67
N GLY A 216 8.76 -14.35 -40.48
CA GLY A 216 9.69 -15.42 -40.14
C GLY A 216 9.34 -16.05 -38.80
N ASP A 217 10.06 -17.10 -38.41
CA ASP A 217 9.73 -17.85 -37.18
C ASP A 217 10.68 -17.52 -36.05
N GLY A 218 10.17 -17.65 -34.83
CA GLY A 218 11.01 -17.42 -33.67
C GLY A 218 10.23 -17.47 -32.37
N ALA A 219 10.96 -17.69 -31.29
CA ALA A 219 10.34 -17.64 -29.98
C ALA A 219 11.24 -16.87 -29.03
N ALA A 220 10.61 -16.14 -28.11
CA ALA A 220 11.39 -15.43 -27.10
C ALA A 220 10.75 -15.69 -25.75
N ALA A 221 11.57 -15.69 -24.72
CA ALA A 221 11.13 -15.93 -23.35
C ALA A 221 11.73 -14.91 -22.37
N LEU A 222 10.93 -14.52 -21.39
CA LEU A 222 11.38 -13.63 -20.31
C LEU A 222 11.05 -14.27 -18.98
N ILE A 223 11.84 -13.92 -17.96
CA ILE A 223 11.42 -14.05 -16.57
C ILE A 223 11.13 -12.63 -16.11
N VAL A 224 9.93 -12.40 -15.58
CA VAL A 224 9.57 -11.08 -15.09
C VAL A 224 9.22 -11.15 -13.60
N GLY A 225 9.74 -10.23 -12.81
CA GLY A 225 9.39 -10.25 -11.39
C GLY A 225 9.68 -8.93 -10.72
N SER A 226 8.92 -8.62 -9.66
CA SER A 226 9.22 -7.48 -8.80
C SER A 226 10.13 -7.93 -7.64
N ASP A 227 10.83 -6.98 -7.04
CA ASP A 227 11.60 -7.22 -5.82
C ASP A 227 12.67 -8.29 -6.04
N ALA A 228 13.50 -8.09 -7.07
CA ALA A 228 14.58 -9.02 -7.38
C ALA A 228 15.46 -9.28 -6.15
N ILE A 229 15.85 -10.53 -5.93
CA ILE A 229 16.67 -10.83 -4.76
C ILE A 229 18.11 -10.36 -5.00
N GLU A 230 18.56 -9.42 -4.19
CA GLU A 230 19.81 -8.71 -4.47
C GLU A 230 21.00 -9.67 -4.50
N GLY A 231 21.88 -9.48 -5.49
CA GLY A 231 23.03 -10.34 -5.63
C GLY A 231 22.74 -11.70 -6.26
N ILE A 232 21.47 -12.01 -6.46
CA ILE A 232 21.11 -13.31 -7.00
C ILE A 232 20.40 -13.16 -8.32
N GLU A 233 19.41 -12.27 -8.34
CA GLU A 233 18.71 -11.93 -9.56
C GLU A 233 19.18 -10.56 -10.01
N ARG A 234 19.16 -10.34 -11.32
CA ARG A 234 19.67 -9.11 -11.90
C ARG A 234 18.71 -8.53 -12.93
N PRO A 235 18.01 -7.45 -12.57
CA PRO A 235 17.12 -6.75 -13.49
C PRO A 235 17.89 -6.30 -14.75
N ILE A 236 17.24 -6.39 -15.90
CA ILE A 236 17.80 -5.95 -17.16
C ILE A 236 17.10 -4.67 -17.63
N PHE A 237 15.77 -4.70 -17.59
CA PHE A 237 14.93 -3.53 -17.84
C PHE A 237 13.82 -3.52 -16.80
N GLU A 238 13.41 -2.35 -16.36
CA GLU A 238 12.26 -2.26 -15.47
C GLU A 238 11.07 -1.64 -16.21
N MET A 239 9.87 -2.09 -15.90
CA MET A 239 8.69 -1.51 -16.52
C MET A 239 8.12 -0.38 -15.69
N VAL A 240 7.71 0.68 -16.38
CA VAL A 240 7.19 1.87 -15.70
C VAL A 240 5.69 2.02 -15.94
N SER A 241 5.27 1.87 -17.19
CA SER A 241 3.84 1.94 -17.52
C SER A 241 3.60 1.15 -18.80
N ALA A 242 2.33 0.78 -19.05
CA ALA A 242 1.97 0.02 -20.25
C ALA A 242 0.60 0.45 -20.71
N ALA A 243 0.50 0.90 -21.96
CA ALA A 243 -0.75 1.40 -22.52
C ALA A 243 -1.12 0.65 -23.77
N GLN A 244 -2.39 0.76 -24.16
CA GLN A 244 -2.84 0.15 -25.41
C GLN A 244 -3.90 1.05 -26.00
N THR A 245 -3.86 1.29 -27.31
CA THR A 245 -4.93 2.08 -27.93
C THR A 245 -5.20 1.62 -29.36
N ILE A 246 -6.39 1.96 -29.85
CA ILE A 246 -6.80 1.72 -31.23
C ILE A 246 -6.65 3.01 -31.99
N LEU A 247 -5.84 2.98 -33.05
CA LEU A 247 -5.62 4.19 -33.82
C LEU A 247 -6.89 4.58 -34.53
N PRO A 248 -7.20 5.88 -34.53
CA PRO A 248 -8.47 6.38 -35.05
C PRO A 248 -8.64 6.06 -36.52
N ASP A 249 -9.88 5.69 -36.88
CA ASP A 249 -10.28 5.42 -38.24
C ASP A 249 -9.21 4.62 -39.01
N SER A 250 -8.91 3.45 -38.47
CA SER A 250 -7.89 2.57 -39.06
C SER A 250 -8.50 1.19 -39.28
N GLU A 251 -9.83 1.17 -39.45
CA GLU A 251 -10.66 -0.04 -39.34
C GLU A 251 -10.06 -1.38 -39.81
N GLY A 252 -9.89 -1.53 -41.11
CA GLY A 252 -9.40 -2.79 -41.66
C GLY A 252 -7.95 -2.74 -42.08
N ALA A 253 -7.15 -1.94 -41.37
CA ALA A 253 -5.74 -1.75 -41.71
C ALA A 253 -4.96 -3.08 -41.73
N ILE A 254 -5.19 -3.90 -40.71
CA ILE A 254 -4.54 -5.21 -40.58
C ILE A 254 -5.55 -6.23 -40.06
N ASP A 255 -5.93 -7.16 -40.93
CA ASP A 255 -6.87 -8.22 -40.57
C ASP A 255 -6.26 -9.58 -40.81
N GLY A 256 -6.66 -10.55 -40.00
CA GLY A 256 -6.24 -11.92 -40.21
C GLY A 256 -7.39 -12.84 -39.87
N HIS A 257 -7.74 -13.74 -40.78
CA HIS A 257 -8.83 -14.68 -40.52
C HIS A 257 -8.32 -16.11 -40.53
N LEU A 258 -8.78 -16.90 -39.56
CA LEU A 258 -8.40 -18.31 -39.52
C LEU A 258 -9.48 -19.12 -40.22
N ARG A 259 -9.15 -19.65 -41.39
CA ARG A 259 -10.16 -20.30 -42.21
C ARG A 259 -9.74 -21.70 -42.59
N GLU A 260 -10.56 -22.37 -43.39
CA GLU A 260 -10.23 -23.71 -43.83
C GLU A 260 -8.95 -23.75 -44.67
N VAL A 261 -8.53 -22.61 -45.20
CA VAL A 261 -7.30 -22.53 -46.01
C VAL A 261 -6.11 -22.08 -45.14
N GLY A 262 -6.34 -21.99 -43.83
CA GLY A 262 -5.29 -21.54 -42.92
C GLY A 262 -5.51 -20.09 -42.56
N LEU A 263 -4.47 -19.44 -42.05
CA LEU A 263 -4.58 -18.05 -41.62
C LEU A 263 -4.32 -17.12 -42.77
N THR A 264 -5.32 -16.31 -43.10
CA THR A 264 -5.20 -15.37 -44.20
C THR A 264 -4.90 -14.00 -43.64
N PHE A 265 -4.19 -13.19 -44.40
CA PHE A 265 -3.86 -11.85 -43.91
C PHE A 265 -4.22 -10.79 -44.92
N HIS A 266 -4.74 -9.68 -44.42
CA HIS A 266 -5.13 -8.56 -45.24
C HIS A 266 -4.48 -7.31 -44.67
N LEU A 267 -3.85 -6.55 -45.55
CA LEU A 267 -3.00 -5.44 -45.15
C LEU A 267 -3.25 -4.28 -46.10
N LEU A 268 -3.98 -3.27 -45.62
CA LEU A 268 -4.61 -2.28 -46.50
C LEU A 268 -4.28 -0.83 -46.20
N LYS A 269 -4.23 -0.03 -47.25
CA LYS A 269 -3.99 1.43 -47.19
C LYS A 269 -2.58 1.77 -46.69
N ASP A 270 -2.47 2.85 -45.94
CA ASP A 270 -1.16 3.27 -45.50
C ASP A 270 -0.97 2.87 -44.06
N VAL A 271 -0.76 1.58 -43.80
CA VAL A 271 -0.38 1.18 -42.44
C VAL A 271 0.81 2.02 -41.91
N PRO A 272 1.90 2.16 -42.70
CA PRO A 272 2.98 3.02 -42.19
C PRO A 272 2.53 4.46 -41.94
N GLY A 273 1.68 4.99 -42.84
CA GLY A 273 1.14 6.33 -42.67
C GLY A 273 0.23 6.49 -41.46
N ILE A 274 -0.61 5.49 -41.21
CA ILE A 274 -1.51 5.53 -40.06
C ILE A 274 -0.72 5.51 -38.75
N ILE A 275 0.29 4.64 -38.70
CA ILE A 275 1.13 4.56 -37.50
C ILE A 275 1.90 5.86 -37.29
N SER A 276 2.50 6.40 -38.34
CA SER A 276 3.29 7.61 -38.21
C SER A 276 2.46 8.83 -37.82
N LYS A 277 1.24 8.93 -38.37
CA LYS A 277 0.37 10.05 -38.05
C LYS A 277 0.03 10.13 -36.57
N ASN A 278 -0.07 8.97 -35.94
CA ASN A 278 -0.63 8.88 -34.60
C ASN A 278 0.38 8.63 -33.47
N ILE A 279 1.61 8.27 -33.82
CA ILE A 279 2.50 7.70 -32.81
C ILE A 279 2.95 8.75 -31.78
N GLU A 280 3.03 10.01 -32.19
CA GLU A 280 3.45 11.04 -31.25
C GLU A 280 2.44 11.21 -30.11
N LYS A 281 1.17 10.94 -30.38
CA LYS A 281 0.15 11.01 -29.34
C LYS A 281 0.41 9.95 -28.26
N SER A 282 0.87 8.76 -28.66
CA SER A 282 1.19 7.73 -27.69
C SER A 282 2.47 8.06 -26.91
N LEU A 283 3.44 8.67 -27.59
CA LEU A 283 4.66 9.15 -26.95
C LEU A 283 4.33 10.16 -25.85
N GLU A 284 3.48 11.12 -26.19
CA GLU A 284 3.14 12.20 -25.28
C GLU A 284 2.37 11.67 -24.09
N GLU A 285 1.43 10.76 -24.33
CA GLU A 285 0.67 10.18 -23.23
C GLU A 285 1.59 9.42 -22.27
N ALA A 286 2.59 8.76 -22.82
CA ALA A 286 3.53 7.99 -22.02
C ALA A 286 4.57 8.84 -21.30
N PHE A 287 5.07 9.88 -21.97
CA PHE A 287 6.26 10.57 -21.46
C PHE A 287 6.05 11.98 -20.93
N LYS A 288 4.94 12.62 -21.28
CA LYS A 288 4.64 13.92 -20.64
C LYS A 288 4.63 13.85 -19.11
N PRO A 289 4.05 12.78 -18.51
CA PRO A 289 4.10 12.71 -17.03
C PRO A 289 5.50 12.59 -16.43
N LEU A 290 6.47 12.12 -17.21
CA LEU A 290 7.84 11.96 -16.74
C LEU A 290 8.65 13.20 -17.06
N GLY A 291 8.01 14.16 -17.72
CA GLY A 291 8.68 15.40 -18.07
C GLY A 291 9.64 15.27 -19.24
N ILE A 292 9.41 14.25 -20.07
CA ILE A 292 10.30 13.98 -21.19
C ILE A 292 9.65 14.35 -22.52
N THR A 293 10.33 15.21 -23.28
CA THR A 293 9.79 15.69 -24.55
C THR A 293 10.74 15.42 -25.72
N ASP A 294 12.00 15.10 -25.43
CA ASP A 294 12.97 14.83 -26.48
C ASP A 294 13.04 13.33 -26.71
N TYR A 295 12.38 12.87 -27.77
CA TYR A 295 12.20 11.44 -27.95
C TYR A 295 13.49 10.79 -28.47
N ASN A 296 14.46 11.60 -28.86
CA ASN A 296 15.79 11.09 -29.17
C ASN A 296 16.62 10.74 -27.93
N SER A 297 16.14 11.13 -26.75
CA SER A 297 16.86 10.82 -25.52
C SER A 297 16.42 9.48 -24.93
N LEU A 298 15.50 8.81 -25.63
CA LEU A 298 14.99 7.51 -25.26
C LEU A 298 15.70 6.40 -26.01
N PHE A 299 15.85 5.23 -25.41
CA PHE A 299 16.21 4.06 -26.22
C PHE A 299 14.91 3.50 -26.79
N TRP A 300 14.98 3.04 -28.03
CA TRP A 300 13.78 2.72 -28.80
C TRP A 300 13.68 1.25 -29.15
N ILE A 301 12.50 0.68 -28.91
CA ILE A 301 12.16 -0.64 -29.44
C ILE A 301 10.84 -0.52 -30.19
N ALA A 302 10.85 -0.81 -31.49
CA ALA A 302 9.61 -0.75 -32.26
C ALA A 302 9.40 -2.04 -33.01
N HIS A 303 8.17 -2.54 -33.00
CA HIS A 303 7.88 -3.72 -33.80
C HIS A 303 8.17 -3.44 -35.28
N PRO A 304 9.08 -4.23 -35.88
CA PRO A 304 9.43 -3.99 -37.28
C PRO A 304 8.43 -4.63 -38.24
N GLY A 305 7.20 -4.14 -38.28
CA GLY A 305 6.17 -4.72 -39.15
C GLY A 305 6.63 -4.73 -40.59
N GLY A 306 7.41 -3.71 -40.94
CA GLY A 306 8.07 -3.60 -42.22
C GLY A 306 8.99 -2.42 -42.15
N PRO A 307 9.96 -2.34 -43.06
CA PRO A 307 10.89 -1.21 -43.04
C PRO A 307 10.20 0.13 -43.29
N ALA A 308 9.07 0.13 -44.01
CA ALA A 308 8.37 1.38 -44.29
C ALA A 308 7.78 2.01 -43.02
N ILE A 309 7.33 1.16 -42.10
CA ILE A 309 6.82 1.65 -40.83
C ILE A 309 7.97 2.34 -40.07
N LEU A 310 9.11 1.67 -40.00
CA LEU A 310 10.26 2.20 -39.30
C LEU A 310 10.74 3.50 -39.92
N ASP A 311 10.86 3.52 -41.25
CA ASP A 311 11.33 4.72 -41.93
C ASP A 311 10.40 5.90 -41.68
N GLN A 312 9.09 5.64 -41.68
CA GLN A 312 8.17 6.77 -41.58
C GLN A 312 8.01 7.29 -40.15
N VAL A 313 8.10 6.40 -39.16
CA VAL A 313 8.11 6.83 -37.76
C VAL A 313 9.36 7.67 -37.49
N GLU A 314 10.50 7.19 -37.96
CA GLU A 314 11.77 7.92 -37.83
C GLU A 314 11.68 9.33 -38.42
N ALA A 315 11.14 9.46 -39.62
CA ALA A 315 11.05 10.75 -40.26
C ALA A 315 10.07 11.68 -39.52
N LYS A 316 8.93 11.12 -39.10
CA LYS A 316 7.88 11.90 -38.47
C LYS A 316 8.33 12.47 -37.12
N ILE A 317 8.98 11.63 -36.31
CA ILE A 317 9.40 11.99 -34.96
C ILE A 317 10.74 12.74 -34.97
N GLY A 318 11.48 12.62 -36.07
CA GLY A 318 12.77 13.28 -36.19
C GLY A 318 13.86 12.54 -35.43
N LEU A 319 13.76 11.21 -35.44
CA LEU A 319 14.75 10.37 -34.79
C LEU A 319 16.06 10.38 -35.56
N LYS A 320 17.15 10.40 -34.81
CA LYS A 320 18.50 10.22 -35.33
C LYS A 320 18.56 8.86 -36.03
N PRO A 321 19.31 8.78 -37.13
CA PRO A 321 19.34 7.60 -38.02
C PRO A 321 19.73 6.30 -37.31
N GLU A 322 20.38 6.41 -36.16
CA GLU A 322 20.86 5.21 -35.47
C GLU A 322 19.97 4.75 -34.32
N LYS A 323 18.92 5.51 -34.01
CA LYS A 323 18.03 5.17 -32.90
C LYS A 323 17.36 3.80 -33.05
N LEU A 324 17.00 3.43 -34.28
CA LEU A 324 16.35 2.14 -34.51
C LEU A 324 17.33 1.05 -34.96
N ARG A 325 18.61 1.19 -34.61
CA ARG A 325 19.61 0.21 -35.03
C ARG A 325 19.26 -1.20 -34.54
N ALA A 326 18.94 -1.33 -33.25
CA ALA A 326 18.61 -2.63 -32.69
C ALA A 326 17.40 -3.26 -33.37
N THR A 327 16.35 -2.46 -33.60
CA THR A 327 15.16 -2.99 -34.24
C THR A 327 15.44 -3.43 -35.66
N ARG A 328 16.19 -2.60 -36.39
CA ARG A 328 16.53 -2.92 -37.76
C ARG A 328 17.45 -4.14 -37.84
N HIS A 329 18.29 -4.31 -36.83
CA HIS A 329 19.16 -5.50 -36.81
C HIS A 329 18.32 -6.77 -36.71
N VAL A 330 17.33 -6.83 -35.82
CA VAL A 330 16.63 -8.10 -35.75
C VAL A 330 15.71 -8.25 -36.97
N LEU A 331 15.20 -7.16 -37.53
CA LEU A 331 14.50 -7.28 -38.82
C LEU A 331 15.42 -7.92 -39.87
N SER A 332 16.65 -7.43 -39.91
CA SER A 332 17.61 -7.95 -40.87
C SER A 332 17.91 -9.43 -40.66
N GLU A 333 18.09 -9.85 -39.41
CA GLU A 333 18.58 -11.19 -39.16
C GLU A 333 17.47 -12.23 -38.95
N TYR A 334 16.25 -11.76 -38.71
CA TYR A 334 15.14 -12.67 -38.40
C TYR A 334 13.83 -12.43 -39.16
N GLY A 335 13.70 -11.26 -39.79
CA GLY A 335 12.44 -10.88 -40.41
C GLY A 335 11.41 -10.53 -39.36
N ASN A 336 10.15 -10.48 -39.76
CA ASN A 336 9.04 -10.14 -38.88
C ASN A 336 8.52 -11.38 -38.16
N MET A 337 8.90 -11.56 -36.90
CA MET A 337 8.49 -12.73 -36.11
C MET A 337 7.27 -12.40 -35.24
N SER A 338 6.43 -11.52 -35.75
CA SER A 338 5.18 -11.14 -35.08
C SER A 338 5.43 -10.79 -33.61
N SER A 339 4.70 -11.40 -32.68
CA SER A 339 4.73 -10.96 -31.28
C SER A 339 6.09 -11.09 -30.61
N ALA A 340 6.92 -12.01 -31.10
CA ALA A 340 8.22 -12.26 -30.48
C ALA A 340 9.26 -11.19 -30.82
N CYS A 341 9.04 -10.46 -31.91
CA CYS A 341 10.04 -9.53 -32.45
C CYS A 341 10.62 -8.61 -31.42
N VAL A 342 9.72 -7.89 -30.77
CA VAL A 342 10.07 -6.86 -29.81
C VAL A 342 10.91 -7.42 -28.66
N LEU A 343 10.69 -8.68 -28.31
CA LEU A 343 11.48 -9.30 -27.26
C LEU A 343 12.90 -9.63 -27.76
N PHE A 344 13.00 -10.08 -29.00
CA PHE A 344 14.32 -10.26 -29.62
C PHE A 344 15.08 -8.94 -29.64
N ILE A 345 14.37 -7.83 -29.86
CA ILE A 345 15.03 -6.53 -29.93
C ILE A 345 15.56 -6.10 -28.55
N LEU A 346 14.80 -6.40 -27.49
CA LEU A 346 15.30 -6.18 -26.14
C LEU A 346 16.60 -6.95 -25.91
N GLU A 347 16.65 -8.19 -26.38
CA GLU A 347 17.87 -8.97 -26.25
C GLU A 347 19.03 -8.37 -27.03
N GLU A 348 18.78 -8.02 -28.29
CA GLU A 348 19.79 -7.35 -29.14
C GLU A 348 20.36 -6.12 -28.48
N MET A 349 19.45 -5.28 -28.00
CA MET A 349 19.84 -4.01 -27.39
C MET A 349 20.72 -4.20 -26.17
N ARG A 350 20.36 -5.11 -25.27
CA ARG A 350 21.17 -5.19 -24.07
C ARG A 350 22.50 -5.88 -24.38
N LYS A 351 22.49 -6.81 -25.32
CA LYS A 351 23.73 -7.46 -25.74
C LYS A 351 24.70 -6.49 -26.43
N LYS A 352 24.18 -5.69 -27.35
CA LYS A 352 24.98 -4.69 -28.02
C LYS A 352 25.49 -3.64 -27.04
N SER A 353 24.62 -3.20 -26.11
CA SER A 353 25.01 -2.17 -25.15
C SER A 353 26.16 -2.66 -24.28
N ALA A 354 26.12 -3.94 -23.94
CA ALA A 354 27.16 -4.53 -23.11
C ALA A 354 28.47 -4.61 -23.89
N GLU A 355 28.39 -5.00 -25.16
CA GLU A 355 29.62 -5.15 -25.92
C GLU A 355 30.20 -3.77 -26.25
N GLU A 356 29.37 -2.74 -26.24
CA GLU A 356 29.91 -1.41 -26.51
C GLU A 356 30.25 -0.65 -25.23
N LYS A 357 30.08 -1.33 -24.09
CA LYS A 357 30.38 -0.77 -22.77
C LYS A 357 29.63 0.55 -22.54
N ASN A 358 28.38 0.60 -22.98
CA ASN A 358 27.51 1.72 -22.60
C ASN A 358 27.20 1.64 -21.12
N GLY A 359 26.77 2.75 -20.54
CA GLY A 359 26.57 2.80 -19.11
C GLY A 359 25.35 2.04 -18.64
N THR A 360 24.53 1.59 -19.58
CA THR A 360 23.29 0.93 -19.21
C THR A 360 22.82 -0.07 -20.24
N THR A 361 21.82 -0.86 -19.86
CA THR A 361 21.30 -1.88 -20.75
C THR A 361 20.53 -1.27 -21.94
N GLY A 362 20.18 -0.01 -21.83
CA GLY A 362 19.46 0.68 -22.88
C GLY A 362 20.33 1.68 -23.61
N GLU A 363 21.47 1.21 -24.13
CA GLU A 363 22.38 2.00 -24.96
C GLU A 363 22.96 3.22 -24.24
N GLY A 364 23.05 3.14 -22.92
CA GLY A 364 23.61 4.21 -22.12
C GLY A 364 22.58 5.21 -21.64
N LEU A 365 21.33 5.05 -22.08
CA LEU A 365 20.24 5.97 -21.74
C LEU A 365 19.37 5.45 -20.60
N GLU A 366 18.68 6.34 -19.88
CA GLU A 366 17.89 5.91 -18.72
C GLU A 366 16.51 5.38 -19.07
N TRP A 367 15.81 6.09 -19.94
CA TRP A 367 14.42 5.79 -20.26
C TRP A 367 14.28 5.32 -21.69
N GLY A 368 13.32 4.43 -21.91
CA GLY A 368 13.08 3.87 -23.22
C GLY A 368 11.61 3.61 -23.50
N VAL A 369 11.30 3.31 -24.76
CA VAL A 369 9.93 3.04 -25.14
C VAL A 369 9.91 1.81 -26.02
N LEU A 370 8.92 0.97 -25.80
CA LEU A 370 8.73 -0.21 -26.62
C LEU A 370 7.34 -0.16 -27.23
N PHE A 371 7.28 -0.32 -28.55
CA PHE A 371 6.03 -0.28 -29.29
C PHE A 371 5.69 -1.61 -29.94
N GLY A 372 4.46 -2.05 -29.74
CA GLY A 372 3.92 -3.13 -30.55
C GLY A 372 2.85 -2.59 -31.48
N PHE A 373 2.82 -3.09 -32.72
CA PHE A 373 1.85 -2.65 -33.73
C PHE A 373 1.15 -3.87 -34.30
N GLY A 374 -0.17 -3.81 -34.46
CA GLY A 374 -0.88 -4.97 -34.97
C GLY A 374 -2.32 -4.66 -35.34
N PRO A 375 -3.11 -5.72 -35.56
CA PRO A 375 -4.53 -5.62 -35.93
C PRO A 375 -5.35 -4.70 -35.02
N GLY A 376 -6.26 -3.95 -35.66
CA GLY A 376 -7.17 -3.02 -35.04
C GLY A 376 -6.72 -1.66 -35.50
N LEU A 377 -5.57 -1.73 -36.14
CA LEU A 377 -4.41 -0.96 -35.80
C LEU A 377 -4.41 -0.61 -34.33
N THR A 378 -3.89 -1.58 -33.59
CA THR A 378 -3.59 -1.48 -32.18
C THR A 378 -2.13 -1.08 -31.98
N VAL A 379 -1.87 -0.13 -31.08
CA VAL A 379 -0.51 0.11 -30.65
C VAL A 379 -0.42 -0.11 -29.15
N GLU A 380 0.55 -0.93 -28.76
CA GLU A 380 0.92 -1.12 -27.37
C GLU A 380 2.12 -0.23 -27.09
N THR A 381 2.09 0.53 -25.98
CA THR A 381 3.19 1.43 -25.63
C THR A 381 3.65 1.12 -24.21
N VAL A 382 4.89 0.66 -24.09
CA VAL A 382 5.46 0.31 -22.79
C VAL A 382 6.63 1.24 -22.47
N VAL A 383 6.57 1.89 -21.32
CA VAL A 383 7.69 2.71 -20.87
C VAL A 383 8.65 1.84 -20.07
N LEU A 384 9.92 1.90 -20.44
CA LEU A 384 10.98 1.12 -19.82
C LEU A 384 12.00 1.98 -19.12
N HIS A 385 12.58 1.41 -18.07
CA HIS A 385 13.72 1.99 -17.36
C HIS A 385 14.90 1.03 -17.49
N SER A 386 16.03 1.54 -17.96
CA SER A 386 17.22 0.71 -18.10
C SER A 386 17.87 0.47 -16.74
N VAL A 387 18.87 -0.40 -16.73
CA VAL A 387 19.61 -0.74 -15.52
C VAL A 387 21.10 -0.45 -15.72
N GLU A 388 21.77 0.04 -14.68
CA GLU A 388 23.19 0.34 -14.76
C GLU A 388 24.02 -0.90 -15.09
N ALA A 389 25.07 -0.71 -15.88
CA ALA A 389 25.98 -1.79 -16.24
C ALA A 389 27.19 -1.80 -15.29
N MET B 1 15.03 13.80 -10.10
CA MET B 1 13.71 14.29 -10.48
C MET B 1 12.62 13.31 -10.01
N VAL B 2 12.01 12.59 -10.94
CA VAL B 2 10.95 11.65 -10.56
C VAL B 2 11.46 10.23 -10.29
N ASN B 3 10.92 9.63 -9.22
CA ASN B 3 11.33 8.30 -8.75
C ASN B 3 10.30 7.22 -9.03
N VAL B 4 10.77 6.09 -9.55
CA VAL B 4 9.91 4.99 -9.95
C VAL B 4 9.16 4.41 -8.74
N GLU B 5 9.77 4.52 -7.57
CA GLU B 5 9.15 4.04 -6.34
C GLU B 5 7.87 4.84 -6.04
N GLU B 6 7.94 6.16 -6.20
CA GLU B 6 6.75 6.99 -6.01
C GLU B 6 5.73 6.80 -7.13
N ILE B 7 6.22 6.63 -8.35
CA ILE B 7 5.33 6.34 -9.47
C ILE B 7 4.51 5.08 -9.23
N ARG B 8 5.20 4.06 -8.73
CA ARG B 8 4.57 2.76 -8.51
C ARG B 8 3.48 2.86 -7.44
N LYS B 9 3.76 3.58 -6.36
CA LYS B 9 2.80 3.73 -5.27
C LYS B 9 1.57 4.53 -5.72
N ALA B 10 1.77 5.52 -6.58
CA ALA B 10 0.65 6.30 -7.10
C ALA B 10 -0.13 5.52 -8.16
N GLN B 11 0.52 4.68 -8.95
CA GLN B 11 -0.25 4.08 -10.06
C GLN B 11 -1.02 2.84 -9.62
N ARG B 12 -0.66 2.25 -8.49
CA ARG B 12 -1.37 1.05 -8.00
C ARG B 12 -2.66 1.41 -7.24
N ALA B 13 -3.62 0.48 -7.20
CA ALA B 13 -4.90 0.70 -6.50
C ALA B 13 -4.81 0.34 -5.02
N GLU B 14 -5.84 0.65 -4.26
CA GLU B 14 -5.74 0.48 -2.81
C GLU B 14 -6.14 -0.92 -2.28
N GLY B 15 -7.40 -1.28 -2.30
CA GLY B 15 -7.81 -2.49 -1.61
C GLY B 15 -8.04 -3.66 -2.55
N PRO B 16 -8.76 -4.68 -2.07
CA PRO B 16 -9.08 -5.86 -2.88
C PRO B 16 -10.05 -5.53 -4.02
N ALA B 17 -9.93 -6.23 -5.15
CA ALA B 17 -10.87 -6.03 -6.25
C ALA B 17 -12.26 -6.53 -5.89
N ALA B 18 -13.29 -5.84 -6.37
CA ALA B 18 -14.67 -6.25 -6.13
C ALA B 18 -15.43 -6.39 -7.44
N ILE B 19 -16.38 -7.32 -7.50
CA ILE B 19 -17.37 -7.31 -8.58
C ILE B 19 -18.37 -6.20 -8.26
N LEU B 20 -18.47 -5.20 -9.14
CA LEU B 20 -19.32 -4.04 -8.89
C LEU B 20 -20.67 -4.13 -9.60
N ALA B 21 -20.75 -5.01 -10.59
CA ALA B 21 -21.98 -5.18 -11.36
C ALA B 21 -21.91 -6.47 -12.15
N ILE B 22 -23.09 -7.04 -12.41
CA ILE B 22 -23.20 -8.26 -13.22
C ILE B 22 -24.35 -8.13 -14.21
N GLY B 23 -24.12 -8.53 -15.46
CA GLY B 23 -25.20 -8.62 -16.42
C GLY B 23 -25.11 -9.90 -17.24
N THR B 24 -26.25 -10.40 -17.69
CA THR B 24 -26.26 -11.62 -18.50
C THR B 24 -27.13 -11.45 -19.73
N ALA B 25 -26.88 -12.30 -20.72
CA ALA B 25 -27.67 -12.30 -21.94
C ALA B 25 -27.60 -13.69 -22.59
N THR B 26 -28.66 -14.06 -23.27
CA THR B 26 -28.69 -15.32 -24.03
C THR B 26 -29.34 -15.08 -25.40
N PRO B 27 -29.07 -15.98 -26.36
CA PRO B 27 -29.85 -15.95 -27.61
C PRO B 27 -31.33 -16.11 -27.31
N PRO B 28 -32.20 -15.61 -28.21
CA PRO B 28 -33.65 -15.59 -27.96
C PRO B 28 -34.29 -16.97 -27.81
N ASN B 29 -33.84 -17.96 -28.56
CA ASN B 29 -34.56 -19.23 -28.62
C ASN B 29 -34.09 -20.29 -27.61
N ALA B 30 -34.95 -20.66 -26.68
CA ALA B 30 -34.64 -21.76 -25.76
C ALA B 30 -35.37 -23.02 -26.19
N ILE B 31 -34.63 -24.12 -26.30
CA ILE B 31 -35.20 -25.42 -26.63
C ILE B 31 -35.29 -26.30 -25.40
N GLU B 32 -36.47 -26.82 -25.13
CA GLU B 32 -36.69 -27.69 -23.99
C GLU B 32 -35.92 -28.99 -24.14
N GLN B 33 -35.22 -29.38 -23.09
CA GLN B 33 -34.41 -30.59 -23.14
C GLN B 33 -35.28 -31.83 -23.38
N SER B 34 -36.52 -31.80 -22.91
CA SER B 34 -37.43 -32.92 -23.14
C SER B 34 -37.64 -33.16 -24.63
N GLU B 35 -37.48 -32.09 -25.41
CA GLU B 35 -37.76 -32.11 -26.84
C GLU B 35 -36.49 -32.29 -27.68
N TYR B 36 -35.34 -32.23 -27.03
CA TYR B 36 -34.09 -32.13 -27.78
C TYR B 36 -33.66 -33.43 -28.50
N PRO B 37 -33.80 -34.61 -27.86
CA PRO B 37 -33.41 -35.81 -28.62
C PRO B 37 -34.19 -35.98 -29.94
N ASP B 38 -35.50 -35.74 -29.93
CA ASP B 38 -36.26 -35.83 -31.17
C ASP B 38 -35.78 -34.81 -32.19
N TYR B 39 -35.61 -33.59 -31.72
CA TYR B 39 -35.11 -32.49 -32.53
C TYR B 39 -33.71 -32.77 -33.09
N TYR B 40 -32.79 -33.15 -32.22
CA TYR B 40 -31.40 -33.33 -32.62
C TYR B 40 -31.28 -34.44 -33.67
N PHE B 41 -31.90 -35.59 -33.40
CA PHE B 41 -31.80 -36.70 -34.37
C PHE B 41 -32.58 -36.42 -35.66
N ARG B 42 -33.53 -35.49 -35.63
CA ARG B 42 -34.21 -35.08 -36.85
C ARG B 42 -33.37 -34.14 -37.72
N VAL B 43 -32.88 -33.04 -37.14
CA VAL B 43 -32.15 -32.06 -37.95
C VAL B 43 -30.77 -32.57 -38.37
N THR B 44 -30.29 -33.63 -37.73
CA THR B 44 -29.02 -34.24 -38.15
C THR B 44 -29.27 -35.47 -39.03
N ASN B 45 -30.52 -35.67 -39.42
CA ASN B 45 -30.90 -36.78 -40.31
C ASN B 45 -30.41 -38.14 -39.81
N SER B 46 -30.59 -38.38 -38.51
CA SER B 46 -30.02 -39.56 -37.87
C SER B 46 -31.09 -40.47 -37.28
N GLU B 47 -32.32 -40.31 -37.76
CA GLU B 47 -33.47 -41.04 -37.24
C GLU B 47 -33.33 -42.55 -37.41
N ASP B 48 -32.48 -42.96 -38.35
CA ASP B 48 -32.14 -44.37 -38.56
C ASP B 48 -31.45 -45.00 -37.35
N LYS B 49 -30.67 -44.20 -36.62
CA LYS B 49 -29.84 -44.70 -35.54
C LYS B 49 -30.61 -44.83 -34.22
N VAL B 50 -31.48 -45.84 -34.16
CA VAL B 50 -32.37 -46.06 -33.02
C VAL B 50 -31.62 -46.34 -31.73
N GLU B 51 -30.60 -47.18 -31.81
CA GLU B 51 -29.73 -47.50 -30.68
C GLU B 51 -29.11 -46.23 -30.09
N LEU B 52 -28.53 -45.42 -30.97
CA LEU B 52 -27.84 -44.22 -30.56
C LEU B 52 -28.78 -43.19 -29.95
N LYS B 53 -29.98 -43.11 -30.49
CA LYS B 53 -30.99 -42.17 -30.01
C LYS B 53 -31.38 -42.49 -28.58
N GLU B 54 -31.50 -43.78 -28.27
CA GLU B 54 -31.82 -44.24 -26.93
C GLU B 54 -30.75 -43.84 -25.91
N LYS B 55 -29.48 -43.94 -26.31
CA LYS B 55 -28.38 -43.47 -25.46
C LYS B 55 -28.47 -41.97 -25.21
N PHE B 56 -28.77 -41.22 -26.27
CA PHE B 56 -28.83 -39.76 -26.19
C PHE B 56 -30.05 -39.34 -25.36
N LYS B 57 -31.13 -40.11 -25.43
CA LYS B 57 -32.29 -39.83 -24.60
C LYS B 57 -31.90 -39.94 -23.14
N ARG B 58 -31.19 -41.02 -22.80
CA ARG B 58 -30.66 -41.18 -21.45
C ARG B 58 -29.73 -40.03 -21.05
N MET B 59 -28.86 -39.63 -21.96
CA MET B 59 -27.96 -38.51 -21.72
C MET B 59 -28.73 -37.24 -21.38
N CYS B 60 -29.73 -36.92 -22.19
CA CYS B 60 -30.50 -35.69 -21.98
C CYS B 60 -31.39 -35.76 -20.73
N GLU B 61 -31.96 -36.94 -20.48
CA GLU B 61 -32.80 -37.08 -19.29
C GLU B 61 -31.96 -37.03 -18.00
N LYS B 62 -30.74 -37.56 -18.08
CA LYS B 62 -29.79 -37.59 -16.96
C LYS B 62 -29.14 -36.22 -16.71
N SER B 63 -29.17 -35.34 -17.72
CA SER B 63 -28.37 -34.11 -17.70
C SER B 63 -28.77 -33.12 -16.63
N MET B 64 -29.99 -33.27 -16.09
CA MET B 64 -30.58 -32.31 -15.14
C MET B 64 -30.66 -30.91 -15.74
N ILE B 65 -30.69 -30.86 -17.07
CA ILE B 65 -30.91 -29.63 -17.82
C ILE B 65 -32.37 -29.59 -18.27
N LYS B 66 -33.08 -28.50 -17.96
CA LYS B 66 -34.47 -28.34 -18.41
C LYS B 66 -34.55 -27.68 -19.78
N LYS B 67 -33.68 -26.72 -20.04
CA LYS B 67 -33.65 -26.04 -21.34
C LYS B 67 -32.30 -25.41 -21.60
N ARG B 68 -32.05 -25.08 -22.87
CA ARG B 68 -30.86 -24.35 -23.26
C ARG B 68 -31.23 -23.28 -24.28
N TYR B 69 -30.54 -22.15 -24.24
CA TYR B 69 -30.70 -21.14 -25.26
C TYR B 69 -29.70 -21.37 -26.36
N LEU B 70 -30.15 -21.31 -27.61
CA LEU B 70 -29.28 -21.65 -28.73
C LEU B 70 -29.42 -20.67 -29.89
N TYR B 71 -28.29 -20.08 -30.29
CA TYR B 71 -28.24 -19.21 -31.46
C TYR B 71 -28.63 -20.00 -32.70
N LEU B 72 -28.15 -21.23 -32.76
CA LEU B 72 -28.46 -22.13 -33.88
C LEU B 72 -29.94 -22.47 -33.90
N THR B 73 -30.60 -22.15 -35.00
CA THR B 73 -31.99 -22.52 -35.18
C THR B 73 -32.09 -23.57 -36.28
N GLU B 74 -33.24 -24.21 -36.39
CA GLU B 74 -33.47 -25.16 -37.46
C GLU B 74 -33.28 -24.50 -38.83
N ASP B 75 -33.75 -23.26 -38.95
CA ASP B 75 -33.59 -22.51 -40.20
C ASP B 75 -32.12 -22.29 -40.54
N ILE B 76 -31.31 -21.95 -39.55
CA ILE B 76 -29.89 -21.74 -39.81
C ILE B 76 -29.22 -23.05 -40.22
N LEU B 77 -29.61 -24.14 -39.57
CA LEU B 77 -29.09 -25.47 -39.89
C LEU B 77 -29.46 -25.90 -41.30
N LYS B 78 -30.66 -25.54 -41.75
CA LYS B 78 -31.10 -25.83 -43.12
C LYS B 78 -30.19 -25.17 -44.15
N GLU B 79 -29.71 -23.98 -43.79
CA GLU B 79 -28.81 -23.23 -44.63
C GLU B 79 -27.39 -23.78 -44.57
N ASN B 80 -27.09 -24.53 -43.52
CA ASN B 80 -25.73 -25.01 -43.29
C ASN B 80 -25.67 -26.52 -43.05
N PRO B 81 -25.98 -27.32 -44.09
CA PRO B 81 -26.06 -28.77 -43.85
C PRO B 81 -24.74 -29.42 -43.46
N ASN B 82 -23.59 -28.82 -43.77
CA ASN B 82 -22.32 -29.43 -43.35
C ASN B 82 -22.10 -29.31 -41.84
N VAL B 83 -22.88 -28.46 -41.19
CA VAL B 83 -22.80 -28.30 -39.74
C VAL B 83 -23.55 -29.44 -39.03
N CYS B 84 -24.51 -30.03 -39.75
CA CYS B 84 -25.34 -31.11 -39.21
C CYS B 84 -24.68 -32.48 -39.27
N ALA B 85 -23.66 -32.63 -40.10
CA ALA B 85 -22.96 -33.90 -40.20
C ALA B 85 -22.07 -34.05 -38.98
N TYR B 86 -21.74 -35.28 -38.61
CA TYR B 86 -20.75 -35.48 -37.57
C TYR B 86 -19.44 -34.82 -37.99
N MET B 87 -18.99 -35.12 -39.20
CA MET B 87 -17.75 -34.56 -39.73
C MET B 87 -17.92 -34.12 -41.20
N ALA B 88 -18.14 -32.83 -41.42
CA ALA B 88 -18.14 -32.26 -42.77
C ALA B 88 -17.45 -30.91 -42.68
N THR B 89 -16.79 -30.49 -43.75
CA THR B 89 -16.05 -29.24 -43.66
C THR B 89 -17.01 -28.06 -43.48
N SER B 90 -16.78 -27.30 -42.42
CA SER B 90 -17.78 -26.35 -42.00
C SER B 90 -17.20 -25.26 -41.11
N LEU B 91 -15.88 -25.24 -40.96
CA LEU B 91 -15.24 -24.26 -40.09
C LEU B 91 -15.54 -22.84 -40.55
N ASP B 92 -15.45 -22.61 -41.86
CA ASP B 92 -15.72 -21.27 -42.36
C ASP B 92 -17.13 -20.78 -42.05
N ALA B 93 -18.13 -21.64 -42.24
CA ALA B 93 -19.51 -21.24 -41.96
C ALA B 93 -19.70 -21.00 -40.46
N ARG B 94 -19.05 -21.80 -39.63
CA ARG B 94 -19.21 -21.65 -38.18
C ARG B 94 -18.53 -20.37 -37.73
N GLN B 95 -17.34 -20.09 -38.26
CA GLN B 95 -16.63 -18.85 -37.97
C GLN B 95 -17.46 -17.65 -38.39
N ASP B 96 -18.05 -17.72 -39.58
CA ASP B 96 -18.88 -16.61 -40.06
C ASP B 96 -20.01 -16.27 -39.08
N MET B 97 -20.57 -17.29 -38.44
CA MET B 97 -21.62 -17.07 -37.44
C MET B 97 -21.06 -16.46 -36.16
N VAL B 98 -20.03 -17.10 -35.67
CA VAL B 98 -19.56 -16.86 -34.33
C VAL B 98 -18.71 -15.59 -34.20
N VAL B 99 -18.01 -15.20 -35.26
CA VAL B 99 -17.20 -13.98 -35.15
C VAL B 99 -18.10 -12.77 -35.03
N VAL B 100 -19.33 -12.88 -35.53
CA VAL B 100 -20.31 -11.81 -35.37
C VAL B 100 -21.13 -11.97 -34.08
N GLU B 101 -21.64 -13.17 -33.84
CA GLU B 101 -22.60 -13.37 -32.74
C GLU B 101 -21.97 -13.28 -31.35
N VAL B 102 -20.71 -13.70 -31.20
CA VAL B 102 -20.05 -13.70 -29.90
C VAL B 102 -19.92 -12.25 -29.34
N PRO B 103 -19.37 -11.31 -30.14
CA PRO B 103 -19.36 -9.96 -29.55
C PRO B 103 -20.75 -9.31 -29.46
N LYS B 104 -21.67 -9.66 -30.36
CA LYS B 104 -23.05 -9.17 -30.29
C LYS B 104 -23.72 -9.55 -28.97
N LEU B 105 -23.67 -10.83 -28.62
CA LEU B 105 -24.22 -11.35 -27.36
C LEU B 105 -23.48 -10.75 -26.17
N GLY B 106 -22.16 -10.65 -26.32
CA GLY B 106 -21.34 -10.03 -25.29
C GLY B 106 -21.76 -8.59 -25.05
N LYS B 107 -22.09 -7.86 -26.11
CA LYS B 107 -22.55 -6.48 -25.94
C LYS B 107 -23.86 -6.40 -25.14
N GLU B 108 -24.75 -7.35 -25.39
CA GLU B 108 -26.03 -7.36 -24.69
C GLU B 108 -25.81 -7.52 -23.20
N ALA B 109 -24.90 -8.44 -22.84
CA ALA B 109 -24.57 -8.69 -21.44
C ALA B 109 -23.87 -7.47 -20.81
N ALA B 110 -22.93 -6.88 -21.56
CA ALA B 110 -22.18 -5.73 -21.07
C ALA B 110 -23.04 -4.52 -20.82
N THR B 111 -24.00 -4.27 -21.70
CA THR B 111 -24.87 -3.11 -21.53
C THR B 111 -25.69 -3.24 -20.25
N ARG B 112 -26.12 -4.46 -19.95
CA ARG B 112 -26.85 -4.70 -18.72
C ARG B 112 -25.98 -4.48 -17.47
N ALA B 113 -24.75 -4.99 -17.50
CA ALA B 113 -23.85 -4.78 -16.38
C ALA B 113 -23.56 -3.30 -16.19
N ILE B 114 -23.39 -2.59 -17.31
CA ILE B 114 -23.05 -1.17 -17.25
C ILE B 114 -24.26 -0.38 -16.72
N LYS B 115 -25.46 -0.83 -17.07
CA LYS B 115 -26.69 -0.23 -16.54
C LYS B 115 -26.76 -0.36 -15.01
N GLU B 116 -26.46 -1.54 -14.49
CA GLU B 116 -26.46 -1.74 -13.04
C GLU B 116 -25.38 -0.88 -12.39
N TRP B 117 -24.20 -0.87 -13.01
CA TRP B 117 -23.07 -0.09 -12.51
C TRP B 117 -23.43 1.39 -12.40
N GLY B 118 -24.06 1.91 -13.45
CA GLY B 118 -24.58 3.27 -13.42
C GLY B 118 -23.57 4.35 -13.75
N GLN B 119 -22.32 3.95 -14.04
CA GLN B 119 -21.27 4.90 -14.39
C GLN B 119 -21.15 5.04 -15.90
N PRO B 120 -20.58 6.16 -16.38
CA PRO B 120 -20.37 6.34 -17.82
C PRO B 120 -19.45 5.26 -18.40
N LYS B 121 -19.76 4.79 -19.61
CA LYS B 121 -18.92 3.83 -20.31
C LYS B 121 -17.48 4.30 -20.42
N SER B 122 -17.30 5.61 -20.49
CA SER B 122 -15.96 6.18 -20.66
C SER B 122 -15.04 5.91 -19.47
N LYS B 123 -15.62 5.54 -18.32
CA LYS B 123 -14.84 5.22 -17.12
C LYS B 123 -14.27 3.80 -17.14
N ILE B 124 -14.66 3.00 -18.12
CA ILE B 124 -14.09 1.66 -18.26
C ILE B 124 -12.67 1.81 -18.82
N THR B 125 -11.70 1.17 -18.14
CA THR B 125 -10.29 1.34 -18.48
C THR B 125 -9.68 0.09 -19.10
N HIS B 126 -10.32 -1.04 -18.82
CA HIS B 126 -9.85 -2.35 -19.23
C HIS B 126 -11.01 -3.20 -19.72
N LEU B 127 -10.70 -4.11 -20.65
CA LEU B 127 -11.66 -5.09 -21.13
C LEU B 127 -11.00 -6.45 -21.23
N VAL B 128 -11.57 -7.42 -20.52
CA VAL B 128 -11.14 -8.80 -20.66
C VAL B 128 -12.29 -9.51 -21.37
N PHE B 129 -12.03 -10.02 -22.57
CA PHE B 129 -13.07 -10.71 -23.34
C PHE B 129 -12.64 -12.16 -23.46
N CYS B 130 -13.54 -13.06 -23.11
CA CYS B 130 -13.24 -14.48 -23.14
C CYS B 130 -14.26 -15.28 -23.95
N THR B 131 -13.78 -16.15 -24.84
CA THR B 131 -14.68 -17.04 -25.55
C THR B 131 -13.96 -18.34 -25.91
N THR B 132 -14.75 -19.38 -26.17
CA THR B 132 -14.25 -20.67 -26.64
C THR B 132 -14.83 -20.91 -28.03
N SER B 133 -15.56 -19.92 -28.54
CA SER B 133 -16.27 -20.07 -29.82
C SER B 133 -15.73 -19.11 -30.87
N GLY B 134 -14.78 -19.59 -31.67
CA GLY B 134 -14.26 -18.83 -32.81
C GLY B 134 -13.05 -17.98 -32.46
N VAL B 135 -12.28 -17.62 -33.47
CA VAL B 135 -11.10 -16.75 -33.35
C VAL B 135 -11.03 -15.84 -34.58
N ASP B 136 -10.52 -14.62 -34.39
CA ASP B 136 -10.40 -13.67 -35.48
C ASP B 136 -9.43 -12.56 -35.09
N MET B 137 -8.90 -11.84 -36.09
CA MET B 137 -8.02 -10.69 -35.86
C MET B 137 -8.42 -9.49 -36.71
N PRO B 138 -8.68 -8.33 -36.08
CA PRO B 138 -8.69 -8.15 -34.61
C PRO B 138 -9.80 -8.97 -33.96
N GLY B 139 -9.69 -9.18 -32.65
CA GLY B 139 -10.57 -10.11 -31.96
C GLY B 139 -11.91 -9.55 -31.52
N ALA B 140 -12.67 -10.39 -30.83
CA ALA B 140 -13.98 -10.02 -30.29
C ALA B 140 -13.86 -8.86 -29.31
N ASP B 141 -12.69 -8.73 -28.69
CA ASP B 141 -12.47 -7.62 -27.76
C ASP B 141 -12.53 -6.30 -28.50
N TYR B 142 -11.88 -6.27 -29.65
CA TYR B 142 -11.94 -5.11 -30.53
C TYR B 142 -13.37 -4.84 -31.00
N GLN B 143 -14.08 -5.89 -31.40
CA GLN B 143 -15.43 -5.72 -31.91
C GLN B 143 -16.35 -5.16 -30.82
N LEU B 144 -16.21 -5.68 -29.62
CA LEU B 144 -17.02 -5.21 -28.49
C LEU B 144 -16.69 -3.78 -28.14
N THR B 145 -15.40 -3.44 -28.19
CA THR B 145 -14.98 -2.06 -27.98
C THR B 145 -15.68 -1.10 -28.94
N LYS B 146 -15.75 -1.49 -30.22
CA LYS B 146 -16.42 -0.68 -31.23
C LYS B 146 -17.94 -0.65 -31.03
N LEU B 147 -18.55 -1.81 -30.75
CA LEU B 147 -20.00 -1.87 -30.56
C LEU B 147 -20.47 -1.00 -29.40
N LEU B 148 -19.72 -1.01 -28.31
CA LEU B 148 -20.08 -0.28 -27.10
C LEU B 148 -19.67 1.19 -27.13
N GLY B 149 -18.70 1.51 -27.98
CA GLY B 149 -18.17 2.85 -28.05
C GLY B 149 -17.31 3.18 -26.84
N LEU B 150 -16.50 2.21 -26.41
CA LEU B 150 -15.58 2.40 -25.31
C LEU B 150 -14.46 3.34 -25.75
N ARG B 151 -13.72 3.90 -24.80
CA ARG B 151 -12.61 4.77 -25.16
C ARG B 151 -11.64 3.97 -26.02
N PRO B 152 -11.07 4.61 -27.04
CA PRO B 152 -9.87 4.01 -27.56
C PRO B 152 -8.93 4.18 -26.37
N SER B 153 -7.92 3.34 -26.25
CA SER B 153 -7.02 3.31 -25.10
C SER B 153 -7.57 2.44 -23.97
N VAL B 154 -8.76 1.85 -24.17
CA VAL B 154 -9.16 0.78 -23.26
C VAL B 154 -8.12 -0.33 -23.41
N LYS B 155 -7.65 -0.84 -22.29
CA LYS B 155 -6.60 -1.85 -22.29
C LYS B 155 -7.27 -3.22 -22.37
N ARG B 156 -7.05 -3.92 -23.48
CA ARG B 156 -7.81 -5.12 -23.81
C ARG B 156 -6.98 -6.37 -23.61
N LEU B 157 -7.64 -7.43 -23.13
CA LEU B 157 -7.03 -8.76 -23.03
C LEU B 157 -7.98 -9.75 -23.69
N MET B 158 -7.57 -10.29 -24.83
CA MET B 158 -8.44 -11.18 -25.62
C MET B 158 -8.08 -12.63 -25.32
N MET B 159 -9.01 -13.31 -24.66
CA MET B 159 -8.79 -14.68 -24.21
C MET B 159 -9.57 -15.63 -25.11
N TYR B 160 -8.86 -16.23 -26.07
CA TYR B 160 -9.47 -17.11 -27.07
C TYR B 160 -9.26 -18.58 -26.76
N GLN B 161 -10.23 -19.40 -27.15
CA GLN B 161 -10.13 -20.85 -27.14
C GLN B 161 -9.77 -21.37 -25.75
N GLN B 162 -10.42 -20.82 -24.74
CA GLN B 162 -10.05 -21.06 -23.36
C GLN B 162 -10.62 -22.35 -22.77
N GLY B 163 -11.92 -22.54 -22.91
CA GLY B 163 -12.56 -23.71 -22.33
C GLY B 163 -13.26 -23.40 -21.04
N CYS B 164 -13.83 -24.43 -20.41
CA CYS B 164 -14.80 -24.24 -19.34
C CYS B 164 -14.25 -23.70 -18.03
N PHE B 165 -12.93 -23.67 -17.85
CA PHE B 165 -12.38 -23.17 -16.59
C PHE B 165 -12.25 -21.65 -16.59
N ALA B 166 -12.45 -21.03 -17.75
CA ALA B 166 -12.04 -19.65 -17.95
C ALA B 166 -12.90 -18.61 -17.23
N GLY B 167 -14.07 -19.02 -16.73
CA GLY B 167 -14.83 -18.12 -15.87
C GLY B 167 -13.97 -17.77 -14.67
N GLY B 168 -13.22 -18.75 -14.17
CA GLY B 168 -12.27 -18.47 -13.09
C GLY B 168 -11.10 -17.64 -13.54
N THR B 169 -10.62 -17.91 -14.75
CA THR B 169 -9.46 -17.19 -15.26
C THR B 169 -9.72 -15.71 -15.39
N VAL B 170 -10.89 -15.33 -15.93
CA VAL B 170 -11.13 -13.91 -16.16
C VAL B 170 -11.26 -13.20 -14.83
N LEU B 171 -11.73 -13.90 -13.81
CA LEU B 171 -11.75 -13.34 -12.48
C LEU B 171 -10.32 -13.16 -11.97
N ARG B 172 -9.48 -14.18 -12.13
CA ARG B 172 -8.07 -14.08 -11.73
C ARG B 172 -7.37 -12.89 -12.44
N LEU B 173 -7.66 -12.74 -13.73
CA LEU B 173 -7.13 -11.65 -14.53
C LEU B 173 -7.62 -10.29 -14.07
N ALA B 174 -8.93 -10.14 -13.93
CA ALA B 174 -9.50 -8.85 -13.55
C ALA B 174 -9.01 -8.43 -12.18
N LYS B 175 -8.80 -9.42 -11.31
CA LYS B 175 -8.30 -9.14 -9.96
C LYS B 175 -6.97 -8.40 -10.02
N ASP B 176 -6.04 -8.91 -10.81
CA ASP B 176 -4.71 -8.29 -10.90
C ASP B 176 -4.78 -6.95 -11.64
N LEU B 177 -5.58 -6.85 -12.70
CA LEU B 177 -5.74 -5.57 -13.40
C LEU B 177 -6.29 -4.47 -12.51
N ALA B 178 -7.37 -4.79 -11.79
CA ALA B 178 -8.03 -3.82 -10.90
C ALA B 178 -7.15 -3.44 -9.71
N GLU B 179 -6.50 -4.42 -9.10
CA GLU B 179 -5.75 -4.16 -7.86
C GLU B 179 -4.43 -3.43 -8.14
N ASN B 180 -3.87 -3.60 -9.35
CA ASN B 180 -2.57 -2.99 -9.64
C ASN B 180 -2.64 -1.63 -10.33
N ASN B 181 -3.86 -1.13 -10.56
CA ASN B 181 -4.06 0.08 -11.35
C ASN B 181 -5.12 0.99 -10.76
N ARG B 182 -4.68 2.10 -10.17
CA ARG B 182 -5.48 2.91 -9.27
C ARG B 182 -6.92 3.24 -9.69
N GLY B 183 -7.17 3.70 -10.90
CA GLY B 183 -8.55 4.05 -11.22
C GLY B 183 -9.25 3.02 -12.09
N ALA B 184 -8.67 1.83 -12.14
CA ALA B 184 -9.08 0.84 -13.13
C ALA B 184 -10.50 0.33 -12.93
N ARG B 185 -11.26 0.31 -14.01
CA ARG B 185 -12.56 -0.34 -13.98
C ARG B 185 -12.54 -1.32 -15.11
N VAL B 186 -12.66 -2.61 -14.77
CA VAL B 186 -12.47 -3.66 -15.76
C VAL B 186 -13.78 -4.24 -16.20
N LEU B 187 -14.07 -4.15 -17.50
CA LEU B 187 -15.21 -4.83 -18.09
C LEU B 187 -14.79 -6.26 -18.41
N VAL B 188 -15.49 -7.23 -17.83
CA VAL B 188 -15.19 -8.62 -18.11
C VAL B 188 -16.36 -9.22 -18.86
N VAL B 189 -16.11 -9.87 -19.99
CA VAL B 189 -17.19 -10.50 -20.75
C VAL B 189 -16.79 -11.92 -21.14
N CYS B 190 -17.64 -12.88 -20.81
CA CYS B 190 -17.52 -14.24 -21.33
C CYS B 190 -18.69 -14.48 -22.24
N SER B 191 -18.44 -14.91 -23.47
CA SER B 191 -19.52 -15.07 -24.44
C SER B 191 -19.31 -16.37 -25.19
N GLU B 192 -20.29 -17.25 -25.14
CA GLU B 192 -20.13 -18.63 -25.57
C GLU B 192 -21.25 -19.02 -26.52
N ILE B 193 -20.90 -19.50 -27.71
CA ILE B 193 -21.93 -19.87 -28.70
C ILE B 193 -21.57 -21.20 -29.32
N THR B 194 -22.48 -22.15 -29.18
CA THR B 194 -22.18 -23.55 -29.47
C THR B 194 -22.27 -23.89 -30.95
N ALA B 195 -22.45 -22.88 -31.81
CA ALA B 195 -22.44 -23.12 -33.24
C ALA B 195 -21.09 -23.67 -33.72
N VAL B 196 -20.02 -23.46 -32.94
CA VAL B 196 -18.72 -23.95 -33.35
C VAL B 196 -18.56 -25.44 -33.06
N THR B 197 -19.37 -25.97 -32.14
CA THR B 197 -19.26 -27.38 -31.72
C THR B 197 -20.43 -28.27 -32.10
N PHE B 198 -21.57 -27.67 -32.47
CA PHE B 198 -22.74 -28.47 -32.85
C PHE B 198 -22.39 -29.39 -34.02
N ARG B 199 -22.73 -30.67 -33.88
CA ARG B 199 -22.55 -31.60 -35.00
C ARG B 199 -23.40 -32.84 -34.82
N GLY B 200 -23.49 -33.64 -35.88
CA GLY B 200 -24.26 -34.86 -35.84
C GLY B 200 -23.61 -35.94 -35.01
N PRO B 201 -24.32 -37.07 -34.79
CA PRO B 201 -23.86 -38.15 -33.91
C PRO B 201 -22.96 -39.19 -34.58
N SER B 202 -22.11 -39.82 -33.78
CA SER B 202 -21.25 -40.91 -34.24
C SER B 202 -21.18 -42.00 -33.17
N GLU B 203 -21.49 -43.23 -33.54
CA GLU B 203 -21.51 -44.31 -32.57
C GLU B 203 -20.10 -44.63 -32.07
N SER B 204 -19.10 -44.15 -32.80
CA SER B 204 -17.69 -44.35 -32.44
C SER B 204 -17.20 -43.30 -31.44
N HIS B 205 -17.99 -42.24 -31.26
CA HIS B 205 -17.58 -41.14 -30.41
C HIS B 205 -18.72 -40.68 -29.49
N LEU B 206 -19.04 -41.51 -28.51
CA LEU B 206 -20.15 -41.22 -27.60
C LEU B 206 -19.84 -40.01 -26.74
N ASP B 207 -18.57 -39.70 -26.54
CA ASP B 207 -18.24 -38.55 -25.70
C ASP B 207 -18.61 -37.25 -26.40
N SER B 208 -18.45 -37.20 -27.72
CA SER B 208 -18.89 -36.03 -28.48
C SER B 208 -20.40 -35.87 -28.33
N LEU B 209 -21.10 -37.00 -28.25
CA LEU B 209 -22.55 -36.97 -28.10
C LEU B 209 -22.98 -36.35 -26.76
N VAL B 210 -22.23 -36.61 -25.69
CA VAL B 210 -22.63 -36.03 -24.39
C VAL B 210 -22.49 -34.51 -24.47
N GLY B 211 -21.51 -34.02 -25.24
CA GLY B 211 -21.35 -32.60 -25.43
C GLY B 211 -22.57 -31.99 -26.08
N GLN B 212 -23.16 -32.72 -27.03
CA GLN B 212 -24.36 -32.26 -27.72
C GLN B 212 -25.55 -32.18 -26.77
N ALA B 213 -25.49 -32.96 -25.69
CA ALA B 213 -26.55 -32.97 -24.71
C ALA B 213 -26.39 -31.88 -23.64
N LEU B 214 -25.18 -31.34 -23.45
CA LEU B 214 -24.93 -30.45 -22.32
C LEU B 214 -24.72 -28.97 -22.66
N PHE B 215 -24.09 -28.68 -23.78
CA PHE B 215 -23.65 -27.30 -24.05
C PHE B 215 -24.76 -26.37 -24.56
N GLY B 216 -24.83 -25.18 -23.96
CA GLY B 216 -25.76 -24.14 -24.39
C GLY B 216 -25.07 -22.79 -24.53
N ASP B 217 -25.82 -21.77 -24.97
CA ASP B 217 -25.25 -20.45 -25.24
C ASP B 217 -25.57 -19.44 -24.17
N GLY B 218 -24.69 -18.47 -24.00
CA GLY B 218 -24.92 -17.38 -23.08
C GLY B 218 -23.72 -16.48 -22.96
N ALA B 219 -23.94 -15.27 -22.46
CA ALA B 219 -22.84 -14.35 -22.20
C ALA B 219 -23.08 -13.70 -20.85
N ALA B 220 -21.99 -13.43 -20.14
CA ALA B 220 -22.08 -12.74 -18.85
C ALA B 220 -21.02 -11.67 -18.84
N ALA B 221 -21.34 -10.57 -18.16
CA ALA B 221 -20.42 -9.43 -18.06
C ALA B 221 -20.33 -8.96 -16.62
N LEU B 222 -19.13 -8.53 -16.23
CA LEU B 222 -18.91 -7.94 -14.91
C LEU B 222 -18.24 -6.59 -15.08
N ILE B 223 -18.44 -5.71 -14.11
CA ILE B 223 -17.53 -4.60 -13.88
C ILE B 223 -16.73 -4.96 -12.63
N VAL B 224 -15.42 -4.94 -12.73
CA VAL B 224 -14.58 -5.23 -11.58
C VAL B 224 -13.66 -4.05 -11.26
N GLY B 225 -13.56 -3.71 -9.98
CA GLY B 225 -12.70 -2.61 -9.58
C GLY B 225 -12.37 -2.64 -8.11
N SER B 226 -11.23 -2.07 -7.77
CA SER B 226 -10.87 -1.79 -6.40
C SER B 226 -11.34 -0.39 -6.02
N ASP B 227 -11.49 -0.18 -4.71
CA ASP B 227 -11.71 1.17 -4.18
C ASP B 227 -12.99 1.79 -4.72
N ALA B 228 -14.11 1.10 -4.50
CA ALA B 228 -15.43 1.55 -4.92
C ALA B 228 -15.73 2.98 -4.46
N ILE B 229 -16.30 3.79 -5.34
CA ILE B 229 -16.57 5.19 -4.96
C ILE B 229 -17.82 5.23 -4.07
N GLU B 230 -17.68 5.75 -2.85
CA GLU B 230 -18.75 5.61 -1.85
C GLU B 230 -20.03 6.30 -2.33
N GLY B 231 -21.16 5.64 -2.08
CA GLY B 231 -22.45 6.19 -2.45
C GLY B 231 -22.79 6.07 -3.93
N ILE B 232 -21.82 5.65 -4.75
CA ILE B 232 -22.02 5.57 -6.19
C ILE B 232 -21.85 4.13 -6.68
N GLU B 233 -20.78 3.49 -6.25
CA GLU B 233 -20.53 2.09 -6.57
C GLU B 233 -20.79 1.20 -5.36
N ARG B 234 -21.21 -0.03 -5.60
CA ARG B 234 -21.55 -0.97 -4.54
C ARG B 234 -20.98 -2.36 -4.81
N PRO B 235 -19.95 -2.76 -4.07
CA PRO B 235 -19.44 -4.13 -4.23
C PRO B 235 -20.50 -5.19 -3.99
N ILE B 236 -20.43 -6.25 -4.78
CA ILE B 236 -21.32 -7.39 -4.65
C ILE B 236 -20.57 -8.59 -4.04
N PHE B 237 -19.38 -8.87 -4.58
CA PHE B 237 -18.46 -9.87 -4.04
C PHE B 237 -17.06 -9.27 -4.08
N GLU B 238 -16.24 -9.58 -3.08
CA GLU B 238 -14.84 -9.18 -3.15
C GLU B 238 -13.95 -10.39 -3.36
N MET B 239 -12.89 -10.22 -4.15
CA MET B 239 -11.97 -11.33 -4.36
C MET B 239 -10.83 -11.32 -3.35
N VAL B 240 -10.48 -12.49 -2.85
CA VAL B 240 -9.44 -12.62 -1.84
C VAL B 240 -8.20 -13.28 -2.42
N SER B 241 -8.38 -14.35 -3.18
CA SER B 241 -7.26 -15.03 -3.83
C SER B 241 -7.77 -15.73 -5.08
N ALA B 242 -6.85 -16.07 -5.98
CA ALA B 242 -7.23 -16.79 -7.19
C ALA B 242 -6.09 -17.72 -7.56
N ALA B 243 -6.40 -19.02 -7.65
CA ALA B 243 -5.39 -20.04 -7.96
C ALA B 243 -5.77 -20.83 -9.20
N GLN B 244 -4.78 -21.53 -9.77
CA GLN B 244 -5.02 -22.40 -10.91
C GLN B 244 -4.10 -23.59 -10.80
N THR B 245 -4.59 -24.79 -11.07
CA THR B 245 -3.70 -25.94 -11.07
C THR B 245 -4.14 -26.97 -12.10
N ILE B 246 -3.20 -27.82 -12.46
CA ILE B 246 -3.47 -28.95 -13.35
C ILE B 246 -3.60 -30.19 -12.49
N LEU B 247 -4.74 -30.88 -12.60
CA LEU B 247 -4.96 -32.08 -11.80
C LEU B 247 -4.04 -33.20 -12.25
N PRO B 248 -3.46 -33.94 -11.28
CA PRO B 248 -2.46 -34.95 -11.62
C PRO B 248 -3.04 -36.06 -12.50
N ASP B 249 -2.21 -36.47 -13.45
CA ASP B 249 -2.45 -37.55 -14.40
C ASP B 249 -3.89 -37.56 -14.90
N SER B 250 -4.23 -36.45 -15.54
CA SER B 250 -5.55 -36.23 -16.10
C SER B 250 -5.43 -35.86 -17.58
N GLU B 251 -4.33 -36.26 -18.20
CA GLU B 251 -3.87 -35.76 -19.50
C GLU B 251 -4.93 -35.38 -20.54
N GLY B 252 -5.61 -36.38 -21.08
CA GLY B 252 -6.58 -36.13 -22.14
C GLY B 252 -8.00 -36.20 -21.64
N ALA B 253 -8.21 -35.82 -20.38
CA ALA B 253 -9.53 -35.88 -19.75
C ALA B 253 -10.54 -35.03 -20.52
N ILE B 254 -10.13 -33.84 -20.91
CA ILE B 254 -10.97 -32.96 -21.71
C ILE B 254 -10.15 -32.29 -22.81
N ASP B 255 -10.38 -32.68 -24.06
CA ASP B 255 -9.66 -32.09 -25.18
C ASP B 255 -10.64 -31.44 -26.14
N GLY B 256 -10.18 -30.40 -26.83
CA GLY B 256 -10.95 -29.76 -27.88
C GLY B 256 -10.04 -29.28 -28.99
N HIS B 257 -10.29 -29.70 -30.21
CA HIS B 257 -9.44 -29.31 -31.34
C HIS B 257 -10.22 -28.50 -32.36
N LEU B 258 -9.59 -27.44 -32.86
CA LEU B 258 -10.26 -26.63 -33.87
C LEU B 258 -9.81 -27.10 -35.24
N ARG B 259 -10.74 -27.73 -35.97
CA ARG B 259 -10.41 -28.37 -37.23
C ARG B 259 -11.30 -27.85 -38.36
N GLU B 260 -11.09 -28.40 -39.55
CA GLU B 260 -11.87 -28.04 -40.72
C GLU B 260 -13.35 -28.35 -40.53
N VAL B 261 -13.67 -29.24 -39.59
CA VAL B 261 -15.04 -29.61 -39.29
C VAL B 261 -15.61 -28.81 -38.07
N GLY B 262 -14.83 -27.85 -37.60
CA GLY B 262 -15.23 -27.06 -36.45
C GLY B 262 -14.51 -27.51 -35.19
N LEU B 263 -15.06 -27.17 -34.03
CA LEU B 263 -14.43 -27.53 -32.77
C LEU B 263 -14.93 -28.90 -32.31
N THR B 264 -14.00 -29.83 -32.14
CA THR B 264 -14.31 -31.20 -31.75
C THR B 264 -14.11 -31.35 -30.26
N PHE B 265 -14.82 -32.30 -29.65
CA PHE B 265 -14.66 -32.48 -28.21
C PHE B 265 -14.43 -33.92 -27.81
N HIS B 266 -13.49 -34.09 -26.89
CA HIS B 266 -13.13 -35.39 -26.39
C HIS B 266 -13.22 -35.34 -24.86
N LEU B 267 -13.92 -36.30 -24.28
CA LEU B 267 -14.22 -36.26 -22.85
C LEU B 267 -14.11 -37.66 -22.29
N LEU B 268 -13.00 -37.94 -21.59
CA LEU B 268 -12.59 -39.33 -21.34
C LEU B 268 -12.28 -39.70 -19.88
N LYS B 269 -12.53 -40.96 -19.54
CA LYS B 269 -12.28 -41.56 -18.22
C LYS B 269 -13.21 -41.01 -17.14
N ASP B 270 -12.71 -40.87 -15.92
CA ASP B 270 -13.60 -40.41 -14.89
C ASP B 270 -13.35 -38.94 -14.64
N VAL B 271 -13.78 -38.08 -15.57
CA VAL B 271 -13.71 -36.63 -15.30
C VAL B 271 -14.38 -36.32 -13.95
N PRO B 272 -15.60 -36.84 -13.69
CA PRO B 272 -16.16 -36.54 -12.36
C PRO B 272 -15.32 -37.11 -11.22
N GLY B 273 -14.80 -38.32 -11.40
CA GLY B 273 -13.93 -38.95 -10.44
C GLY B 273 -12.64 -38.18 -10.25
N ILE B 274 -12.08 -37.70 -11.35
CA ILE B 274 -10.83 -36.94 -11.26
C ILE B 274 -11.01 -35.63 -10.51
N ILE B 275 -12.09 -34.92 -10.82
CA ILE B 275 -12.33 -33.67 -10.12
C ILE B 275 -12.60 -33.95 -8.64
N SER B 276 -13.43 -34.93 -8.34
CA SER B 276 -13.80 -35.24 -6.97
C SER B 276 -12.64 -35.70 -6.12
N LYS B 277 -11.75 -36.48 -6.72
CA LYS B 277 -10.59 -37.01 -6.03
C LYS B 277 -9.65 -35.92 -5.55
N ASN B 278 -9.58 -34.86 -6.34
CA ASN B 278 -8.57 -33.81 -6.19
C ASN B 278 -9.06 -32.50 -5.59
N ILE B 279 -10.37 -32.33 -5.50
CA ILE B 279 -10.86 -30.97 -5.21
C ILE B 279 -10.55 -30.51 -3.78
N GLU B 280 -10.49 -31.44 -2.84
CA GLU B 280 -10.23 -31.06 -1.45
C GLU B 280 -8.84 -30.43 -1.30
N LYS B 281 -7.91 -30.81 -2.17
CA LYS B 281 -6.56 -30.23 -2.11
C LYS B 281 -6.61 -28.75 -2.45
N SER B 282 -7.43 -28.40 -3.44
CA SER B 282 -7.57 -27.01 -3.82
C SER B 282 -8.31 -26.23 -2.74
N LEU B 283 -9.30 -26.86 -2.11
CA LEU B 283 -10.01 -26.27 -0.98
C LEU B 283 -9.03 -25.93 0.13
N GLU B 284 -8.18 -26.88 0.48
CA GLU B 284 -7.28 -26.71 1.60
C GLU B 284 -6.23 -25.62 1.31
N GLU B 285 -5.70 -25.61 0.10
CA GLU B 285 -4.71 -24.58 -0.25
C GLU B 285 -5.33 -23.18 -0.17
N ALA B 286 -6.60 -23.10 -0.51
CA ALA B 286 -7.30 -21.81 -0.51
C ALA B 286 -7.73 -21.39 0.89
N PHE B 287 -8.17 -22.35 1.71
CA PHE B 287 -8.85 -21.96 2.95
C PHE B 287 -8.12 -22.27 4.26
N LYS B 288 -7.18 -23.20 4.26
CA LYS B 288 -6.36 -23.44 5.45
C LYS B 288 -5.66 -22.14 5.91
N PRO B 289 -5.13 -21.33 4.97
CA PRO B 289 -4.54 -20.06 5.44
C PRO B 289 -5.54 -19.11 6.10
N LEU B 290 -6.83 -19.29 5.84
CA LEU B 290 -7.88 -18.44 6.40
C LEU B 290 -8.43 -19.05 7.68
N GLY B 291 -7.93 -20.22 8.05
CA GLY B 291 -8.40 -20.91 9.24
C GLY B 291 -9.76 -21.55 9.01
N ILE B 292 -10.09 -21.83 7.76
CA ILE B 292 -11.40 -22.41 7.44
C ILE B 292 -11.28 -23.86 7.03
N THR B 293 -11.98 -24.73 7.76
CA THR B 293 -11.91 -26.17 7.54
C THR B 293 -13.28 -26.80 7.27
N ASP B 294 -14.35 -26.07 7.59
CA ASP B 294 -15.71 -26.55 7.35
C ASP B 294 -16.25 -25.96 6.04
N TYR B 295 -16.26 -26.79 5.00
CA TYR B 295 -16.56 -26.30 3.65
C TYR B 295 -18.05 -26.07 3.46
N ASN B 296 -18.85 -26.54 4.41
CA ASN B 296 -20.28 -26.24 4.43
C ASN B 296 -20.59 -24.83 4.93
N SER B 297 -19.58 -24.18 5.49
CA SER B 297 -19.72 -22.81 5.98
C SER B 297 -19.41 -21.81 4.87
N LEU B 298 -19.08 -22.32 3.68
CA LEU B 298 -18.82 -21.49 2.50
C LEU B 298 -20.04 -21.40 1.60
N PHE B 299 -20.21 -20.27 0.89
CA PHE B 299 -21.15 -20.29 -0.23
C PHE B 299 -20.40 -20.80 -1.46
N TRP B 300 -21.08 -21.60 -2.28
CA TRP B 300 -20.43 -22.38 -3.32
C TRP B 300 -20.83 -21.96 -4.72
N ILE B 301 -19.83 -21.79 -5.59
CA ILE B 301 -20.08 -21.65 -7.02
C ILE B 301 -19.18 -22.66 -7.72
N ALA B 302 -19.76 -23.62 -8.42
CA ALA B 302 -18.95 -24.59 -9.17
C ALA B 302 -19.38 -24.65 -10.63
N HIS B 303 -18.42 -24.71 -11.55
CA HIS B 303 -18.78 -24.87 -12.95
C HIS B 303 -19.55 -26.17 -13.12
N PRO B 304 -20.80 -26.07 -13.63
CA PRO B 304 -21.61 -27.28 -13.78
C PRO B 304 -21.31 -28.01 -15.08
N GLY B 305 -20.12 -28.60 -15.18
CA GLY B 305 -19.69 -29.31 -16.38
C GLY B 305 -20.66 -30.44 -16.73
N GLY B 306 -21.23 -31.04 -15.70
CA GLY B 306 -22.29 -32.03 -15.85
C GLY B 306 -22.76 -32.34 -14.46
N PRO B 307 -23.97 -32.91 -14.32
CA PRO B 307 -24.51 -33.21 -12.99
C PRO B 307 -23.69 -34.25 -12.22
N ALA B 308 -23.00 -35.15 -12.93
CA ALA B 308 -22.19 -36.16 -12.23
C ALA B 308 -21.01 -35.52 -11.50
N ILE B 309 -20.45 -34.45 -12.06
CA ILE B 309 -19.37 -33.72 -11.41
C ILE B 309 -19.86 -33.13 -10.08
N LEU B 310 -21.01 -32.47 -10.12
CA LEU B 310 -21.57 -31.83 -8.93
C LEU B 310 -21.93 -32.86 -7.87
N ASP B 311 -22.56 -33.95 -8.31
CA ASP B 311 -22.95 -35.00 -7.38
C ASP B 311 -21.75 -35.62 -6.67
N GLN B 312 -20.68 -35.86 -7.42
CA GLN B 312 -19.54 -36.56 -6.85
C GLN B 312 -18.71 -35.62 -5.96
N VAL B 313 -18.63 -34.36 -6.34
CA VAL B 313 -17.99 -33.36 -5.45
C VAL B 313 -18.76 -33.21 -4.15
N GLU B 314 -20.08 -33.09 -4.24
CA GLU B 314 -20.96 -33.03 -3.07
C GLU B 314 -20.75 -34.24 -2.14
N ALA B 315 -20.69 -35.43 -2.73
CA ALA B 315 -20.54 -36.64 -1.93
C ALA B 315 -19.15 -36.70 -1.31
N LYS B 316 -18.13 -36.33 -2.07
CA LYS B 316 -16.76 -36.42 -1.58
C LYS B 316 -16.50 -35.47 -0.43
N ILE B 317 -16.94 -34.23 -0.59
CA ILE B 317 -16.69 -33.18 0.38
C ILE B 317 -17.72 -33.24 1.52
N GLY B 318 -18.83 -33.92 1.27
CA GLY B 318 -19.87 -34.04 2.28
C GLY B 318 -20.70 -32.77 2.39
N LEU B 319 -20.95 -32.12 1.25
CA LEU B 319 -21.77 -30.92 1.24
C LEU B 319 -23.22 -31.24 1.57
N LYS B 320 -23.86 -30.35 2.32
CA LYS B 320 -25.30 -30.45 2.53
C LYS B 320 -25.99 -30.35 1.17
N PRO B 321 -27.14 -31.04 1.02
CA PRO B 321 -27.79 -31.15 -0.30
C PRO B 321 -28.15 -29.81 -0.97
N GLU B 322 -28.21 -28.71 -0.21
CA GLU B 322 -28.64 -27.43 -0.76
C GLU B 322 -27.48 -26.48 -1.10
N LYS B 323 -26.26 -26.88 -0.80
CA LYS B 323 -25.10 -26.02 -1.05
C LYS B 323 -24.94 -25.66 -2.52
N LEU B 324 -25.23 -26.60 -3.42
CA LEU B 324 -25.07 -26.35 -4.84
C LEU B 324 -26.38 -25.95 -5.51
N ARG B 325 -27.33 -25.41 -4.76
CA ARG B 325 -28.62 -25.04 -5.31
C ARG B 325 -28.47 -24.02 -6.46
N ALA B 326 -27.71 -22.95 -6.23
CA ALA B 326 -27.52 -21.92 -7.25
C ALA B 326 -26.88 -22.49 -8.51
N THR B 327 -25.86 -23.31 -8.34
CA THR B 327 -25.15 -23.90 -9.48
C THR B 327 -26.07 -24.84 -10.25
N ARG B 328 -26.83 -25.67 -9.55
CA ARG B 328 -27.74 -26.58 -10.23
C ARG B 328 -28.88 -25.83 -10.91
N HIS B 329 -29.27 -24.69 -10.34
CA HIS B 329 -30.31 -23.89 -10.98
C HIS B 329 -29.85 -23.40 -12.35
N VAL B 330 -28.63 -22.87 -12.47
CA VAL B 330 -28.31 -22.38 -13.82
C VAL B 330 -28.02 -23.55 -14.75
N LEU B 331 -27.53 -24.68 -14.23
CA LEU B 331 -27.44 -25.87 -15.07
C LEU B 331 -28.82 -26.23 -15.61
N SER B 332 -29.80 -26.19 -14.73
CA SER B 332 -31.17 -26.53 -15.14
C SER B 332 -31.74 -25.57 -16.21
N GLU B 333 -31.51 -24.28 -16.03
CA GLU B 333 -32.19 -23.28 -16.86
C GLU B 333 -31.40 -22.87 -18.10
N TYR B 334 -30.09 -23.18 -18.11
CA TYR B 334 -29.22 -22.73 -19.21
C TYR B 334 -28.32 -23.79 -19.79
N GLY B 335 -28.16 -24.90 -19.08
CA GLY B 335 -27.19 -25.89 -19.50
C GLY B 335 -25.78 -25.43 -19.22
N ASN B 336 -24.82 -26.09 -19.85
CA ASN B 336 -23.40 -25.81 -19.69
C ASN B 336 -22.97 -24.71 -20.68
N MET B 337 -22.84 -23.47 -20.19
CA MET B 337 -22.45 -22.36 -21.06
C MET B 337 -20.96 -22.06 -20.99
N SER B 338 -20.19 -23.13 -20.79
CA SER B 338 -18.73 -23.06 -20.74
C SER B 338 -18.28 -21.93 -19.81
N SER B 339 -17.40 -21.05 -20.28
CA SER B 339 -16.76 -20.07 -19.37
C SER B 339 -17.72 -19.11 -18.69
N ALA B 340 -18.87 -18.85 -19.32
CA ALA B 340 -19.83 -17.90 -18.77
C ALA B 340 -20.60 -18.44 -17.56
N CYS B 341 -20.66 -19.77 -17.42
CA CYS B 341 -21.52 -20.45 -16.42
C CYS B 341 -21.42 -19.89 -15.01
N VAL B 342 -20.21 -19.90 -14.51
CA VAL B 342 -19.90 -19.51 -13.16
C VAL B 342 -20.33 -18.05 -12.87
N LEU B 343 -20.29 -17.21 -13.89
CA LEU B 343 -20.74 -15.84 -13.71
C LEU B 343 -22.27 -15.76 -13.63
N PHE B 344 -22.97 -16.59 -14.41
CA PHE B 344 -24.41 -16.70 -14.25
C PHE B 344 -24.77 -17.15 -12.84
N ILE B 345 -23.95 -18.04 -12.27
CA ILE B 345 -24.22 -18.58 -10.95
C ILE B 345 -24.05 -17.50 -9.87
N LEU B 346 -23.03 -16.66 -10.03
CA LEU B 346 -22.89 -15.51 -9.15
C LEU B 346 -24.13 -14.60 -9.17
N GLU B 347 -24.64 -14.35 -10.37
CA GLU B 347 -25.85 -13.54 -10.52
C GLU B 347 -27.05 -14.23 -9.84
N GLU B 348 -27.24 -15.51 -10.12
CA GLU B 348 -28.29 -16.32 -9.48
C GLU B 348 -28.18 -16.23 -7.95
N MET B 349 -26.98 -16.45 -7.44
CA MET B 349 -26.79 -16.47 -6.00
C MET B 349 -27.12 -15.13 -5.34
N ARG B 350 -26.67 -14.02 -5.91
CA ARG B 350 -26.91 -12.74 -5.23
C ARG B 350 -28.38 -12.33 -5.37
N LYS B 351 -29.00 -12.69 -6.49
CA LYS B 351 -30.42 -12.40 -6.66
C LYS B 351 -31.31 -13.18 -5.70
N LYS B 352 -31.05 -14.47 -5.56
CA LYS B 352 -31.81 -15.34 -4.64
C LYS B 352 -31.61 -14.93 -3.19
N SER B 353 -30.37 -14.60 -2.84
CA SER B 353 -30.03 -14.19 -1.48
C SER B 353 -30.80 -12.93 -1.10
N ALA B 354 -30.95 -12.02 -2.06
CA ALA B 354 -31.70 -10.79 -1.81
C ALA B 354 -33.18 -11.08 -1.66
N GLU B 355 -33.70 -11.96 -2.51
CA GLU B 355 -35.13 -12.22 -2.48
C GLU B 355 -35.51 -13.05 -1.26
N GLU B 356 -34.57 -13.83 -0.73
CA GLU B 356 -34.82 -14.62 0.46
C GLU B 356 -34.38 -13.89 1.72
N LYS B 357 -33.92 -12.66 1.53
CA LYS B 357 -33.48 -11.78 2.62
C LYS B 357 -32.41 -12.41 3.50
N ASN B 358 -31.45 -13.09 2.89
CA ASN B 358 -30.26 -13.49 3.62
C ASN B 358 -29.49 -12.22 3.94
N GLY B 359 -28.61 -12.28 4.92
CA GLY B 359 -27.88 -11.10 5.36
C GLY B 359 -26.77 -10.63 4.44
N THR B 360 -26.46 -11.42 3.43
CA THR B 360 -25.35 -11.10 2.56
C THR B 360 -25.59 -11.62 1.15
N THR B 361 -24.74 -11.20 0.22
CA THR B 361 -24.86 -11.60 -1.18
C THR B 361 -24.49 -13.07 -1.42
N GLY B 362 -23.86 -13.69 -0.44
CA GLY B 362 -23.46 -15.08 -0.53
C GLY B 362 -24.27 -15.99 0.39
N GLU B 363 -25.60 -15.93 0.24
CA GLU B 363 -26.54 -16.82 0.97
C GLU B 363 -26.46 -16.65 2.49
N GLY B 364 -26.05 -15.47 2.94
CA GLY B 364 -25.97 -15.18 4.36
C GLY B 364 -24.62 -15.51 4.95
N LEU B 365 -23.74 -16.10 4.15
CA LEU B 365 -22.43 -16.50 4.63
C LEU B 365 -21.35 -15.48 4.28
N GLU B 366 -20.23 -15.49 4.98
CA GLU B 366 -19.15 -14.51 4.73
C GLU B 366 -18.19 -14.91 3.61
N TRP B 367 -17.78 -16.17 3.61
CA TRP B 367 -16.74 -16.63 2.69
C TRP B 367 -17.28 -17.61 1.68
N GLY B 368 -16.73 -17.56 0.47
CA GLY B 368 -17.18 -18.46 -0.57
C GLY B 368 -16.08 -18.93 -1.51
N VAL B 369 -16.42 -19.91 -2.34
CA VAL B 369 -15.45 -20.44 -3.26
C VAL B 369 -16.11 -20.58 -4.62
N LEU B 370 -15.33 -20.26 -5.63
CA LEU B 370 -15.77 -20.38 -7.00
C LEU B 370 -14.77 -21.26 -7.72
N PHE B 371 -15.30 -22.28 -8.41
CA PHE B 371 -14.48 -23.22 -9.15
C PHE B 371 -14.77 -23.20 -10.64
N GLY B 372 -13.72 -23.13 -11.45
CA GLY B 372 -13.84 -23.43 -12.86
C GLY B 372 -13.12 -24.73 -13.15
N PHE B 373 -13.70 -25.54 -14.04
CA PHE B 373 -13.14 -26.85 -14.40
C PHE B 373 -13.06 -26.89 -15.91
N GLY B 374 -11.95 -27.39 -16.47
CA GLY B 374 -11.84 -27.40 -17.92
C GLY B 374 -10.65 -28.20 -18.40
N PRO B 375 -10.33 -28.08 -19.70
CA PRO B 375 -9.19 -28.80 -20.29
C PRO B 375 -7.87 -28.68 -19.54
N GLY B 376 -7.14 -29.79 -19.50
CA GLY B 376 -5.85 -29.91 -18.83
C GLY B 376 -6.13 -30.82 -17.67
N LEU B 377 -7.42 -31.07 -17.54
CA LEU B 377 -8.12 -30.89 -16.29
C LEU B 377 -7.42 -29.82 -15.48
N THR B 378 -7.79 -28.60 -15.84
CA THR B 378 -7.44 -27.40 -15.12
C THR B 378 -8.55 -27.07 -14.14
N VAL B 379 -8.18 -26.71 -12.92
CA VAL B 379 -9.14 -26.15 -11.99
C VAL B 379 -8.71 -24.76 -11.55
N GLU B 380 -9.63 -23.81 -11.68
CA GLU B 380 -9.43 -22.46 -11.16
C GLU B 380 -10.15 -22.38 -9.83
N THR B 381 -9.49 -21.81 -8.82
CA THR B 381 -10.10 -21.67 -7.48
C THR B 381 -10.03 -20.21 -7.05
N VAL B 382 -11.20 -19.59 -6.90
CA VAL B 382 -11.26 -18.20 -6.47
C VAL B 382 -11.95 -18.12 -5.12
N VAL B 383 -11.27 -17.50 -4.16
CA VAL B 383 -11.85 -17.28 -2.84
C VAL B 383 -12.57 -15.95 -2.86
N LEU B 384 -13.84 -15.97 -2.45
CA LEU B 384 -14.69 -14.79 -2.46
C LEU B 384 -15.13 -14.37 -1.07
N HIS B 385 -15.37 -13.08 -0.91
CA HIS B 385 -16.00 -12.54 0.30
C HIS B 385 -17.32 -11.89 -0.10
N SER B 386 -18.38 -12.25 0.61
CA SER B 386 -19.69 -11.66 0.36
C SER B 386 -19.73 -10.22 0.90
N VAL B 387 -20.81 -9.51 0.58
CA VAL B 387 -21.01 -8.15 1.08
C VAL B 387 -22.35 -8.13 1.83
N GLU B 388 -22.44 -7.35 2.90
CA GLU B 388 -23.70 -7.27 3.63
C GLU B 388 -24.81 -6.77 2.73
N ALA B 389 -25.99 -7.36 2.86
CA ALA B 389 -27.14 -6.93 2.08
C ALA B 389 -28.01 -5.97 2.87
N MET C 1 -3.40 44.54 44.74
CA MET C 1 -4.40 43.48 44.87
C MET C 1 -3.79 42.28 45.58
N VAL C 2 -3.74 41.17 44.86
CA VAL C 2 -3.05 39.98 45.32
C VAL C 2 -1.70 40.01 44.62
N ASN C 3 -0.63 39.61 45.30
CA ASN C 3 0.67 39.71 44.66
C ASN C 3 1.16 38.35 44.24
N VAL C 4 1.55 38.28 42.98
CA VAL C 4 1.97 37.05 42.33
C VAL C 4 3.22 36.49 43.00
N GLU C 5 4.01 37.38 43.60
CA GLU C 5 5.22 36.94 44.31
C GLU C 5 4.91 35.99 45.46
N GLU C 6 3.91 36.34 46.28
CA GLU C 6 3.53 35.49 47.40
C GLU C 6 2.81 34.21 46.92
N ILE C 7 1.98 34.36 45.88
CA ILE C 7 1.29 33.22 45.31
C ILE C 7 2.31 32.17 44.84
N ARG C 8 3.36 32.64 44.18
CA ARG C 8 4.39 31.74 43.64
C ARG C 8 5.11 30.99 44.77
N LYS C 9 5.43 31.71 45.84
CA LYS C 9 6.11 31.09 46.96
C LYS C 9 5.23 30.05 47.64
N ALA C 10 3.92 30.29 47.65
CA ALA C 10 2.98 29.32 48.21
C ALA C 10 2.72 28.14 47.27
N GLN C 11 2.74 28.36 45.97
CA GLN C 11 2.29 27.27 45.10
C GLN C 11 3.41 26.28 44.78
N ARG C 12 4.67 26.66 44.98
CA ARG C 12 5.77 25.72 44.71
C ARG C 12 6.09 24.80 45.88
N ALA C 13 6.72 23.67 45.59
CA ALA C 13 7.07 22.72 46.65
C ALA C 13 8.41 23.09 47.29
N GLU C 14 8.70 22.40 48.38
CA GLU C 14 9.85 22.70 49.23
C GLU C 14 11.12 21.91 48.82
N GLY C 15 11.06 20.59 48.93
CA GLY C 15 12.27 19.80 48.76
C GLY C 15 12.43 19.11 47.40
N PRO C 16 13.43 18.25 47.28
CA PRO C 16 13.71 17.55 46.03
C PRO C 16 12.67 16.49 45.72
N ALA C 17 12.46 16.26 44.42
CA ALA C 17 11.55 15.23 43.97
C ALA C 17 12.09 13.85 44.35
N ALA C 18 11.21 12.97 44.79
CA ALA C 18 11.59 11.61 45.13
C ALA C 18 10.68 10.64 44.41
N ILE C 19 11.25 9.50 44.01
CA ILE C 19 10.47 8.37 43.58
C ILE C 19 9.88 7.72 44.82
N LEU C 20 8.55 7.69 44.92
CA LEU C 20 7.86 7.19 46.10
C LEU C 20 7.33 5.78 45.92
N ALA C 21 7.26 5.32 44.68
CA ALA C 21 6.75 3.98 44.40
C ALA C 21 7.15 3.60 42.99
N ILE C 22 7.32 2.30 42.76
CA ILE C 22 7.65 1.76 41.45
C ILE C 22 6.81 0.50 41.19
N GLY C 23 6.24 0.40 39.99
CA GLY C 23 5.58 -0.82 39.56
C GLY C 23 5.97 -1.13 38.12
N THR C 24 5.98 -2.41 37.78
CA THR C 24 6.29 -2.87 36.42
C THR C 24 5.25 -3.87 35.95
N ALA C 25 5.16 -4.02 34.63
CA ALA C 25 4.25 -4.99 34.03
C ALA C 25 4.79 -5.40 32.67
N THR C 26 4.52 -6.64 32.28
CA THR C 26 4.89 -7.12 30.94
C THR C 26 3.73 -7.91 30.34
N PRO C 27 3.70 -8.07 29.01
CA PRO C 27 2.75 -9.04 28.43
C PRO C 27 3.00 -10.42 28.99
N PRO C 28 1.96 -11.28 29.01
CA PRO C 28 2.02 -12.61 29.64
C PRO C 28 3.03 -13.58 28.99
N ASN C 29 3.21 -13.48 27.68
CA ASN C 29 4.03 -14.49 27.01
C ASN C 29 5.49 -14.09 26.82
N ALA C 30 6.38 -14.86 27.43
CA ALA C 30 7.82 -14.67 27.27
C ALA C 30 8.40 -15.72 26.34
N ILE C 31 9.21 -15.28 25.37
CA ILE C 31 9.90 -16.21 24.49
C ILE C 31 11.39 -16.32 24.85
N GLU C 32 11.84 -17.55 25.07
CA GLU C 32 13.24 -17.83 25.39
C GLU C 32 14.12 -17.45 24.22
N GLN C 33 15.18 -16.69 24.48
CA GLN C 33 16.07 -16.22 23.42
C GLN C 33 16.74 -17.40 22.71
N SER C 34 16.98 -18.50 23.44
CA SER C 34 17.56 -19.70 22.84
C SER C 34 16.66 -20.22 21.72
N GLU C 35 15.37 -19.93 21.83
CA GLU C 35 14.39 -20.44 20.89
C GLU C 35 14.01 -19.40 19.81
N TYR C 36 14.47 -18.17 19.99
CA TYR C 36 13.94 -17.08 19.16
C TYR C 36 14.38 -17.11 17.68
N PRO C 37 15.65 -17.45 17.38
CA PRO C 37 15.99 -17.51 15.95
C PRO C 37 15.13 -18.48 15.13
N ASP C 38 14.91 -19.68 15.66
CA ASP C 38 14.06 -20.67 14.98
C ASP C 38 12.64 -20.11 14.84
N TYR C 39 12.13 -19.57 15.94
CA TYR C 39 10.79 -19.00 15.98
C TYR C 39 10.60 -17.89 14.95
N TYR C 40 11.50 -16.91 14.98
CA TYR C 40 11.41 -15.71 14.15
C TYR C 40 11.48 -16.04 12.65
N PHE C 41 12.47 -16.82 12.26
CA PHE C 41 12.61 -17.14 10.83
C PHE C 41 11.48 -18.02 10.32
N ARG C 42 10.81 -18.73 11.23
CA ARG C 42 9.66 -19.54 10.88
C ARG C 42 8.42 -18.69 10.66
N VAL C 43 8.07 -17.85 11.62
CA VAL C 43 6.82 -17.08 11.52
C VAL C 43 6.92 -15.97 10.48
N THR C 44 8.15 -15.65 10.04
CA THR C 44 8.34 -14.69 8.95
C THR C 44 8.57 -15.38 7.62
N ASN C 45 8.40 -16.71 7.61
CA ASN C 45 8.55 -17.52 6.39
C ASN C 45 9.90 -17.29 5.69
N SER C 46 10.97 -17.28 6.48
CA SER C 46 12.27 -16.90 5.96
C SER C 46 13.30 -18.01 6.11
N GLU C 47 12.82 -19.24 6.26
CA GLU C 47 13.70 -20.38 6.50
C GLU C 47 14.63 -20.66 5.33
N ASP C 48 14.28 -20.16 4.15
CA ASP C 48 15.14 -20.26 2.98
C ASP C 48 16.48 -19.57 3.21
N LYS C 49 16.47 -18.49 3.98
CA LYS C 49 17.67 -17.69 4.18
C LYS C 49 18.53 -18.26 5.30
N VAL C 50 19.18 -19.40 5.03
CA VAL C 50 19.98 -20.10 6.03
C VAL C 50 21.17 -19.27 6.50
N GLU C 51 21.81 -18.58 5.55
CA GLU C 51 22.93 -17.69 5.84
C GLU C 51 22.56 -16.61 6.87
N LEU C 52 21.46 -15.92 6.61
CA LEU C 52 21.00 -14.84 7.46
C LEU C 52 20.58 -15.36 8.83
N LYS C 53 20.00 -16.55 8.86
CA LYS C 53 19.56 -17.18 10.11
C LYS C 53 20.74 -17.46 11.06
N GLU C 54 21.86 -17.92 10.52
CA GLU C 54 23.06 -18.13 11.34
C GLU C 54 23.59 -16.81 11.90
N LYS C 55 23.53 -15.75 11.09
CA LYS C 55 23.93 -14.42 11.55
C LYS C 55 23.03 -14.00 12.72
N PHE C 56 21.74 -14.28 12.59
CA PHE C 56 20.77 -13.88 13.60
C PHE C 56 20.97 -14.70 14.87
N LYS C 57 21.39 -15.96 14.71
CA LYS C 57 21.72 -16.79 15.86
C LYS C 57 22.90 -16.20 16.62
N ARG C 58 23.94 -15.78 15.90
CA ARG C 58 25.07 -15.11 16.51
C ARG C 58 24.61 -13.87 17.28
N MET C 59 23.75 -13.07 16.66
CA MET C 59 23.22 -11.87 17.30
C MET C 59 22.49 -12.19 18.60
N CYS C 60 21.60 -13.18 18.56
CA CYS C 60 20.82 -13.53 19.74
C CYS C 60 21.71 -14.15 20.82
N GLU C 61 22.69 -14.96 20.41
CA GLU C 61 23.60 -15.55 21.38
C GLU C 61 24.52 -14.50 22.03
N LYS C 62 24.90 -13.48 21.27
CA LYS C 62 25.73 -12.39 21.77
C LYS C 62 24.93 -11.37 22.60
N SER C 63 23.62 -11.38 22.45
CA SER C 63 22.78 -10.32 22.99
C SER C 63 22.76 -10.28 24.51
N MET C 64 23.18 -11.38 25.16
CA MET C 64 23.10 -11.53 26.61
C MET C 64 21.67 -11.37 27.15
N ILE C 65 20.71 -11.62 26.27
CA ILE C 65 19.29 -11.68 26.64
C ILE C 65 18.85 -13.14 26.81
N LYS C 66 18.24 -13.46 27.95
CA LYS C 66 17.74 -14.83 28.16
C LYS C 66 16.31 -15.02 27.67
N LYS C 67 15.49 -14.00 27.84
CA LYS C 67 14.11 -14.04 27.37
C LYS C 67 13.57 -12.64 27.19
N ARG C 68 12.46 -12.55 26.45
CA ARG C 68 11.74 -11.29 26.31
C ARG C 68 10.23 -11.54 26.39
N TYR C 69 9.50 -10.57 26.94
CA TYR C 69 8.05 -10.62 26.93
C TYR C 69 7.53 -9.92 25.69
N LEU C 70 6.57 -10.55 25.01
CA LEU C 70 6.10 -10.05 23.73
C LEU C 70 4.58 -10.10 23.61
N TYR C 71 3.97 -8.96 23.36
CA TYR C 71 2.54 -8.90 23.07
C TYR C 71 2.21 -9.65 21.79
N LEU C 72 3.07 -9.51 20.79
CA LEU C 72 2.91 -10.21 19.52
C LEU C 72 3.05 -11.71 19.68
N THR C 73 1.99 -12.42 19.34
CA THR C 73 2.03 -13.87 19.37
C THR C 73 1.93 -14.37 17.95
N GLU C 74 2.22 -15.65 17.76
CA GLU C 74 2.07 -16.27 16.45
C GLU C 74 0.63 -16.15 15.95
N ASP C 75 -0.32 -16.27 16.86
CA ASP C 75 -1.73 -16.12 16.51
C ASP C 75 -2.02 -14.72 15.95
N ILE C 76 -1.46 -13.70 16.57
CA ILE C 76 -1.67 -12.32 16.10
C ILE C 76 -0.96 -12.09 14.77
N LEU C 77 0.24 -12.65 14.62
CA LEU C 77 0.95 -12.52 13.36
C LEU C 77 0.18 -13.20 12.23
N LYS C 78 -0.43 -14.35 12.52
CA LYS C 78 -1.22 -15.05 11.52
C LYS C 78 -2.40 -14.21 11.05
N GLU C 79 -2.99 -13.43 11.96
CA GLU C 79 -4.11 -12.54 11.62
C GLU C 79 -3.65 -11.28 10.91
N ASN C 80 -2.36 -10.96 11.01
CA ASN C 80 -1.81 -9.75 10.43
C ASN C 80 -0.59 -10.07 9.59
N PRO C 81 -0.76 -10.78 8.45
CA PRO C 81 0.40 -11.26 7.70
C PRO C 81 1.27 -10.15 7.12
N ASN C 82 0.72 -8.95 6.96
CA ASN C 82 1.50 -7.82 6.45
C ASN C 82 2.54 -7.29 7.47
N VAL C 83 2.43 -7.73 8.71
CA VAL C 83 3.41 -7.37 9.73
C VAL C 83 4.65 -8.27 9.64
N CYS C 84 4.50 -9.47 9.10
CA CYS C 84 5.59 -10.43 9.01
C CYS C 84 6.57 -10.15 7.89
N ALA C 85 6.12 -9.44 6.87
CA ALA C 85 7.01 -9.14 5.77
C ALA C 85 8.03 -8.09 6.23
N TYR C 86 9.20 -8.08 5.61
CA TYR C 86 10.16 -7.03 5.90
C TYR C 86 9.56 -5.68 5.54
N MET C 87 8.98 -5.59 4.36
CA MET C 87 8.35 -4.36 3.89
C MET C 87 7.00 -4.63 3.25
N ALA C 88 5.93 -4.43 4.02
CA ALA C 88 4.57 -4.45 3.48
C ALA C 88 3.82 -3.36 4.19
N THR C 89 2.83 -2.76 3.54
CA THR C 89 2.14 -1.67 4.23
C THR C 89 1.37 -2.28 5.40
N SER C 90 1.56 -1.70 6.58
CA SER C 90 1.11 -2.35 7.79
C SER C 90 0.97 -1.39 8.96
N LEU C 91 1.09 -0.09 8.68
CA LEU C 91 1.04 0.88 9.78
C LEU C 91 -0.32 0.83 10.49
N ASP C 92 -1.39 0.75 9.72
CA ASP C 92 -2.75 0.73 10.27
C ASP C 92 -2.93 -0.47 11.19
N ALA C 93 -2.47 -1.64 10.77
CA ALA C 93 -2.61 -2.85 11.58
C ALA C 93 -1.79 -2.74 12.87
N ARG C 94 -0.60 -2.15 12.79
CA ARG C 94 0.25 -2.00 13.97
C ARG C 94 -0.35 -0.95 14.93
N GLN C 95 -0.85 0.15 14.38
CA GLN C 95 -1.53 1.17 15.21
C GLN C 95 -2.73 0.58 15.93
N ASP C 96 -3.54 -0.20 15.21
CA ASP C 96 -4.73 -0.81 15.82
C ASP C 96 -4.35 -1.62 17.07
N MET C 97 -3.20 -2.29 17.06
CA MET C 97 -2.75 -3.06 18.23
C MET C 97 -2.26 -2.15 19.35
N VAL C 98 -1.37 -1.26 18.99
CA VAL C 98 -0.57 -0.52 19.94
C VAL C 98 -1.32 0.64 20.60
N VAL C 99 -2.29 1.23 19.91
CA VAL C 99 -3.02 2.33 20.54
C VAL C 99 -3.88 1.81 21.69
N VAL C 100 -4.21 0.53 21.63
CA VAL C 100 -4.92 -0.13 22.72
C VAL C 100 -3.97 -0.76 23.75
N GLU C 101 -2.98 -1.50 23.30
CA GLU C 101 -2.15 -2.29 24.22
C GLU C 101 -1.23 -1.41 25.07
N VAL C 102 -0.77 -0.29 24.53
CA VAL C 102 0.17 0.55 25.28
C VAL C 102 -0.44 1.14 26.55
N PRO C 103 -1.62 1.77 26.47
CA PRO C 103 -2.19 2.22 27.76
C PRO C 103 -2.68 1.07 28.64
N LYS C 104 -3.11 -0.06 28.04
CA LYS C 104 -3.51 -1.22 28.82
C LYS C 104 -2.37 -1.72 29.69
N LEU C 105 -1.22 -1.93 29.08
CA LEU C 105 -0.02 -2.37 29.81
C LEU C 105 0.43 -1.32 30.83
N GLY C 106 0.32 -0.05 30.43
CA GLY C 106 0.67 1.06 31.30
C GLY C 106 -0.20 1.05 32.55
N LYS C 107 -1.49 0.75 32.36
CA LYS C 107 -2.40 0.67 33.50
C LYS C 107 -2.00 -0.42 34.51
N GLU C 108 -1.54 -1.55 34.01
CA GLU C 108 -1.10 -2.62 34.89
C GLU C 108 0.07 -2.17 35.75
N ALA C 109 1.04 -1.52 35.14
CA ALA C 109 2.19 -1.04 35.89
C ALA C 109 1.77 0.05 36.88
N ALA C 110 0.92 0.96 36.43
CA ALA C 110 0.47 2.05 37.28
C ALA C 110 -0.30 1.55 38.49
N THR C 111 -1.13 0.52 38.30
CA THR C 111 -1.91 -0.03 39.41
C THR C 111 -0.97 -0.61 40.47
N ARG C 112 0.09 -1.25 40.02
CA ARG C 112 1.11 -1.78 40.93
C ARG C 112 1.86 -0.66 41.67
N ALA C 113 2.24 0.41 40.98
CA ALA C 113 2.91 1.54 41.63
C ALA C 113 2.00 2.19 42.67
N ILE C 114 0.73 2.33 42.35
CA ILE C 114 -0.23 2.98 43.24
C ILE C 114 -0.49 2.11 44.46
N LYS C 115 -0.49 0.79 44.28
CA LYS C 115 -0.65 -0.12 45.40
C LYS C 115 0.50 0.05 46.41
N GLU C 116 1.74 0.14 45.92
CA GLU C 116 2.91 0.35 46.81
C GLU C 116 2.84 1.71 47.51
N TRP C 117 2.52 2.74 46.73
CA TRP C 117 2.38 4.11 47.24
C TRP C 117 1.37 4.13 48.38
N GLY C 118 0.23 3.48 48.16
CA GLY C 118 -0.77 3.30 49.20
C GLY C 118 -1.72 4.47 49.42
N GLN C 119 -1.57 5.51 48.60
CA GLN C 119 -2.42 6.68 48.68
C GLN C 119 -3.56 6.54 47.68
N PRO C 120 -4.68 7.27 47.89
CA PRO C 120 -5.81 7.25 46.93
C PRO C 120 -5.39 7.75 45.53
N LYS C 121 -5.90 7.12 44.46
CA LYS C 121 -5.63 7.54 43.08
C LYS C 121 -5.94 9.01 42.85
N SER C 122 -6.93 9.49 43.59
CA SER C 122 -7.40 10.87 43.47
C SER C 122 -6.34 11.88 43.88
N LYS C 123 -5.32 11.44 44.62
CA LYS C 123 -4.24 12.34 45.04
C LYS C 123 -3.21 12.55 43.94
N ILE C 124 -3.32 11.80 42.85
CA ILE C 124 -2.43 12.03 41.72
C ILE C 124 -2.84 13.30 41.00
N THR C 125 -1.88 14.21 40.83
CA THR C 125 -2.13 15.54 40.25
C THR C 125 -1.60 15.72 38.84
N HIS C 126 -0.61 14.90 38.48
CA HIS C 126 0.07 14.98 37.18
C HIS C 126 0.24 13.58 36.61
N LEU C 127 0.25 13.49 35.29
CA LEU C 127 0.56 12.25 34.61
C LEU C 127 1.53 12.50 33.47
N VAL C 128 2.66 11.82 33.52
CA VAL C 128 3.62 11.85 32.40
C VAL C 128 3.58 10.47 31.75
N PHE C 129 3.15 10.42 30.49
CA PHE C 129 3.06 9.15 29.78
C PHE C 129 4.04 9.15 28.62
N CYS C 130 4.86 8.12 28.53
CA CYS C 130 5.87 8.04 27.49
C CYS C 130 5.80 6.72 26.71
N THR C 131 5.84 6.80 25.38
CA THR C 131 5.93 5.60 24.56
C THR C 131 6.64 5.91 23.25
N THR C 132 7.14 4.85 22.62
CA THR C 132 7.77 4.95 21.30
C THR C 132 6.95 4.10 20.33
N SER C 133 5.85 3.53 20.83
CA SER C 133 5.05 2.61 20.05
C SER C 133 3.67 3.19 19.78
N GLY C 134 3.54 3.83 18.62
CA GLY C 134 2.26 4.32 18.14
C GLY C 134 1.95 5.74 18.62
N VAL C 135 1.03 6.40 17.93
CA VAL C 135 0.56 7.74 18.31
C VAL C 135 -0.94 7.80 18.04
N ASP C 136 -1.64 8.65 18.78
CA ASP C 136 -3.09 8.81 18.60
C ASP C 136 -3.57 10.09 19.28
N MET C 137 -4.76 10.57 18.90
CA MET C 137 -5.38 11.75 19.54
C MET C 137 -6.85 11.49 19.87
N PRO C 138 -7.24 11.63 21.14
CA PRO C 138 -6.36 11.92 22.28
C PRO C 138 -5.38 10.78 22.53
N GLY C 139 -4.32 11.07 23.26
CA GLY C 139 -3.22 10.14 23.39
C GLY C 139 -3.35 9.06 24.44
N ALA C 140 -2.29 8.27 24.59
CA ALA C 140 -2.30 7.19 25.58
C ALA C 140 -2.48 7.74 27.00
N ASP C 141 -2.08 9.00 27.20
CA ASP C 141 -2.21 9.65 28.51
C ASP C 141 -3.69 9.82 28.84
N TYR C 142 -4.47 10.25 27.86
CA TYR C 142 -5.91 10.33 28.04
C TYR C 142 -6.49 8.94 28.32
N GLN C 143 -6.06 7.95 27.55
CA GLN C 143 -6.63 6.61 27.73
C GLN C 143 -6.34 6.06 29.12
N LEU C 144 -5.12 6.29 29.61
CA LEU C 144 -4.74 5.78 30.93
C LEU C 144 -5.55 6.45 32.03
N THR C 145 -5.73 7.75 31.86
CA THR C 145 -6.54 8.55 32.77
C THR C 145 -7.93 7.96 32.88
N LYS C 146 -8.52 7.59 31.75
CA LYS C 146 -9.83 6.95 31.73
C LYS C 146 -9.82 5.53 32.31
N LEU C 147 -8.82 4.73 31.91
CA LEU C 147 -8.68 3.36 32.41
C LEU C 147 -8.50 3.29 33.94
N LEU C 148 -7.71 4.21 34.47
CA LEU C 148 -7.40 4.24 35.90
C LEU C 148 -8.42 4.99 36.72
N GLY C 149 -9.18 5.85 36.06
CA GLY C 149 -10.14 6.68 36.75
C GLY C 149 -9.49 7.80 37.55
N LEU C 150 -8.47 8.42 36.98
CA LEU C 150 -7.83 9.57 37.64
C LEU C 150 -8.79 10.75 37.60
N ARG C 151 -8.54 11.76 38.44
CA ARG C 151 -9.36 12.96 38.41
C ARG C 151 -9.28 13.57 37.01
N PRO C 152 -10.42 14.03 36.47
CA PRO C 152 -10.22 14.93 35.36
C PRO C 152 -9.56 16.10 36.04
N SER C 153 -8.78 16.87 35.31
CA SER C 153 -7.93 17.94 35.85
C SER C 153 -6.57 17.42 36.27
N VAL C 154 -6.33 16.11 36.12
CA VAL C 154 -4.95 15.63 36.19
C VAL C 154 -4.18 16.32 35.07
N LYS C 155 -3.00 16.84 35.38
CA LYS C 155 -2.21 17.59 34.41
C LYS C 155 -1.32 16.65 33.64
N ARG C 156 -1.60 16.52 32.34
CA ARG C 156 -1.01 15.47 31.55
C ARG C 156 0.08 15.97 30.61
N LEU C 157 1.11 15.15 30.45
CA LEU C 157 2.16 15.40 29.47
C LEU C 157 2.34 14.12 28.68
N MET C 158 2.01 14.18 27.41
CA MET C 158 2.05 13.01 26.53
C MET C 158 3.34 13.05 25.72
N MET C 159 4.24 12.11 26.01
CA MET C 159 5.55 12.02 25.38
C MET C 159 5.56 10.89 24.35
N TYR C 160 5.39 11.25 23.09
CA TYR C 160 5.29 10.27 21.98
C TYR C 160 6.57 10.17 21.15
N GLN C 161 6.85 8.98 20.61
CA GLN C 161 7.91 8.77 19.60
C GLN C 161 9.25 9.25 20.12
N GLN C 162 9.50 8.92 21.38
CA GLN C 162 10.64 9.46 22.11
C GLN C 162 11.93 8.68 21.87
N GLY C 163 11.86 7.37 22.06
CA GLY C 163 13.04 6.53 21.91
C GLY C 163 13.67 6.15 23.23
N CYS C 164 14.79 5.44 23.17
CA CYS C 164 15.34 4.76 24.32
C CYS C 164 15.92 5.64 25.42
N PHE C 165 16.10 6.93 25.17
CA PHE C 165 16.67 7.81 26.21
C PHE C 165 15.58 8.33 27.15
N ALA C 166 14.33 8.07 26.79
CA ALA C 166 13.21 8.78 27.41
C ALA C 166 12.89 8.37 28.84
N GLY C 167 13.48 7.28 29.32
CA GLY C 167 13.40 6.94 30.73
C GLY C 167 14.01 8.05 31.54
N GLY C 168 15.09 8.62 31.01
CA GLY C 168 15.72 9.75 31.64
C GLY C 168 14.85 10.98 31.52
N THR C 169 14.24 11.15 30.34
CA THR C 169 13.44 12.35 30.10
C THR C 169 12.24 12.42 31.04
N VAL C 170 11.57 11.29 31.24
CA VAL C 170 10.37 11.35 32.09
C VAL C 170 10.77 11.67 33.54
N LEU C 171 11.96 11.22 33.93
CA LEU C 171 12.46 11.56 35.28
C LEU C 171 12.73 13.06 35.36
N ARG C 172 13.40 13.58 34.33
CA ARG C 172 13.71 15.00 34.24
C ARG C 172 12.43 15.84 34.28
N LEU C 173 11.40 15.35 33.58
CA LEU C 173 10.09 16.03 33.56
C LEU C 173 9.42 15.98 34.93
N ALA C 174 9.30 14.79 35.48
CA ALA C 174 8.64 14.61 36.78
C ALA C 174 9.31 15.42 37.88
N LYS C 175 10.63 15.54 37.80
CA LYS C 175 11.40 16.32 38.78
C LYS C 175 10.89 17.74 38.82
N ASP C 176 10.80 18.38 37.66
CA ASP C 176 10.35 19.79 37.63
C ASP C 176 8.87 19.94 38.00
N LEU C 177 8.01 19.02 37.53
CA LEU C 177 6.60 19.08 37.90
C LEU C 177 6.40 18.95 39.42
N ALA C 178 7.07 17.97 40.03
CA ALA C 178 6.95 17.74 41.47
C ALA C 178 7.54 18.86 42.32
N GLU C 179 8.72 19.35 41.92
CA GLU C 179 9.42 20.36 42.71
C GLU C 179 8.81 21.76 42.62
N ASN C 180 8.14 22.05 41.50
CA ASN C 180 7.56 23.38 41.31
C ASN C 180 6.11 23.51 41.75
N ASN C 181 5.53 22.42 42.28
CA ASN C 181 4.12 22.41 42.63
C ASN C 181 3.85 21.72 43.96
N ARG C 182 3.48 22.51 44.98
CA ARG C 182 3.56 22.08 46.37
C ARG C 182 3.02 20.68 46.73
N GLY C 183 1.80 20.35 46.35
CA GLY C 183 1.26 19.05 46.73
C GLY C 183 1.28 18.00 45.61
N ALA C 184 2.07 18.28 44.57
CA ALA C 184 2.00 17.48 43.34
C ALA C 184 2.48 16.05 43.55
N ARG C 185 1.71 15.11 43.02
CA ARG C 185 2.12 13.71 42.99
C ARG C 185 2.03 13.28 41.53
N VAL C 186 3.17 12.94 40.94
CA VAL C 186 3.24 12.69 39.51
C VAL C 186 3.28 11.21 39.21
N LEU C 187 2.29 10.74 38.46
CA LEU C 187 2.30 9.36 37.95
C LEU C 187 3.10 9.39 36.66
N VAL C 188 4.17 8.61 36.60
CA VAL C 188 5.01 8.51 35.42
C VAL C 188 4.84 7.11 34.83
N VAL C 189 4.56 7.01 33.53
CA VAL C 189 4.41 5.70 32.92
C VAL C 189 5.18 5.66 31.60
N CYS C 190 6.06 4.67 31.47
CA CYS C 190 6.67 4.33 30.19
C CYS C 190 6.12 2.97 29.77
N SER C 191 5.59 2.88 28.54
CA SER C 191 4.99 1.63 28.08
C SER C 191 5.41 1.41 26.64
N GLU C 192 6.01 0.26 26.40
CA GLU C 192 6.70 0.00 25.15
C GLU C 192 6.24 -1.36 24.58
N ILE C 193 5.76 -1.34 23.34
CA ILE C 193 5.27 -2.57 22.70
C ILE C 193 5.83 -2.65 21.28
N THR C 194 6.57 -3.71 21.02
CA THR C 194 7.37 -3.83 19.81
C THR C 194 6.58 -4.26 18.58
N ALA C 195 5.26 -4.36 18.69
CA ALA C 195 4.46 -4.68 17.50
C ALA C 195 4.64 -3.61 16.42
N VAL C 196 5.07 -2.42 16.81
CA VAL C 196 5.21 -1.33 15.84
C VAL C 196 6.51 -1.49 15.03
N THR C 197 7.46 -2.26 15.54
CA THR C 197 8.75 -2.43 14.84
C THR C 197 9.02 -3.83 14.34
N PHE C 198 8.23 -4.81 14.79
CA PHE C 198 8.44 -6.18 14.34
C PHE C 198 8.31 -6.29 12.84
N ARG C 199 9.29 -6.94 12.21
CA ARG C 199 9.18 -7.25 10.78
C ARG C 199 10.14 -8.36 10.41
N GLY C 200 9.96 -8.91 9.21
CA GLY C 200 10.80 -9.99 8.74
C GLY C 200 12.20 -9.53 8.40
N PRO C 201 13.10 -10.48 8.15
CA PRO C 201 14.52 -10.17 7.96
C PRO C 201 14.87 -9.81 6.53
N SER C 202 15.92 -9.00 6.38
CA SER C 202 16.43 -8.61 5.07
C SER C 202 17.95 -8.56 5.08
N GLU C 203 18.59 -9.26 4.15
CA GLU C 203 20.04 -9.32 4.13
C GLU C 203 20.66 -7.96 3.81
N SER C 204 19.84 -7.04 3.31
CA SER C 204 20.29 -5.69 2.97
C SER C 204 20.27 -4.75 4.17
N HIS C 205 19.61 -5.16 5.25
CA HIS C 205 19.43 -4.29 6.40
C HIS C 205 19.72 -5.02 7.69
N LEU C 206 21.00 -5.28 7.94
CA LEU C 206 21.43 -6.05 9.09
C LEU C 206 21.18 -5.30 10.39
N ASP C 207 21.12 -3.99 10.33
CA ASP C 207 20.89 -3.21 11.54
C ASP C 207 19.44 -3.38 12.01
N SER C 208 18.51 -3.53 11.06
CA SER C 208 17.14 -3.85 11.46
C SER C 208 17.10 -5.21 12.16
N LEU C 209 17.94 -6.13 11.72
CA LEU C 209 17.98 -7.46 12.31
C LEU C 209 18.40 -7.42 13.78
N VAL C 210 19.33 -6.55 14.14
CA VAL C 210 19.75 -6.49 15.53
C VAL C 210 18.60 -6.00 16.41
N GLY C 211 17.75 -5.13 15.89
CA GLY C 211 16.59 -4.69 16.64
C GLY C 211 15.67 -5.85 16.97
N GLN C 212 15.52 -6.75 16.01
CA GLN C 212 14.67 -7.93 16.16
C GLN C 212 15.25 -8.86 17.22
N ALA C 213 16.55 -8.75 17.45
CA ALA C 213 17.22 -9.58 18.44
C ALA C 213 17.17 -8.98 19.84
N LEU C 214 16.96 -7.67 19.94
CA LEU C 214 17.14 -6.98 21.23
C LEU C 214 15.87 -6.46 21.89
N PHE C 215 14.93 -5.96 21.09
CA PHE C 215 13.80 -5.21 21.65
C PHE C 215 12.73 -6.14 22.25
N GLY C 216 12.29 -5.83 23.46
CA GLY C 216 11.21 -6.58 24.11
C GLY C 216 10.16 -5.61 24.64
N ASP C 217 9.08 -6.13 25.22
CA ASP C 217 7.95 -5.29 25.67
C ASP C 217 7.92 -5.12 27.18
N GLY C 218 7.38 -3.99 27.62
CA GLY C 218 7.26 -3.77 29.05
C GLY C 218 6.74 -2.39 29.40
N ALA C 219 6.23 -2.26 30.62
CA ALA C 219 5.81 -0.95 31.10
C ALA C 219 6.27 -0.75 32.52
N ALA C 220 6.64 0.47 32.86
CA ALA C 220 7.02 0.77 34.22
C ALA C 220 6.31 2.04 34.64
N ALA C 221 6.00 2.13 35.93
CA ALA C 221 5.32 3.28 36.48
C ALA C 221 5.97 3.75 37.78
N LEU C 222 6.01 5.07 37.97
CA LEU C 222 6.47 5.67 39.21
C LEU C 222 5.43 6.61 39.77
N ILE C 223 5.47 6.80 41.09
CA ILE C 223 4.89 7.98 41.72
C ILE C 223 6.07 8.86 42.14
N VAL C 224 6.06 10.12 41.70
CA VAL C 224 7.12 11.05 42.05
C VAL C 224 6.51 12.24 42.79
N GLY C 225 7.15 12.66 43.88
CA GLY C 225 6.67 13.81 44.62
C GLY C 225 7.72 14.39 45.54
N SER C 226 7.62 15.69 45.80
CA SER C 226 8.44 16.35 46.82
C SER C 226 7.69 16.33 48.15
N ASP C 227 8.44 16.48 49.24
CA ASP C 227 7.85 16.68 50.58
C ASP C 227 6.98 15.48 50.97
N ALA C 228 7.56 14.30 50.91
CA ALA C 228 6.86 13.07 51.29
C ALA C 228 6.25 13.19 52.68
N ILE C 229 5.01 12.73 52.85
CA ILE C 229 4.37 12.84 54.15
C ILE C 229 4.97 11.77 55.08
N GLU C 230 5.62 12.25 56.14
CA GLU C 230 6.45 11.37 56.96
C GLU C 230 5.61 10.25 57.58
N GLY C 231 6.16 9.04 57.55
CA GLY C 231 5.47 7.88 58.09
C GLY C 231 4.39 7.30 57.20
N ILE C 232 4.05 7.98 56.11
CA ILE C 232 2.99 7.51 55.23
C ILE C 232 3.54 7.19 53.85
N GLU C 233 4.30 8.13 53.31
CA GLU C 233 4.97 7.94 52.04
C GLU C 233 6.43 7.66 52.32
N ARG C 234 7.06 6.89 51.44
CA ARG C 234 8.44 6.43 51.66
C ARG C 234 9.28 6.61 50.41
N PRO C 235 10.15 7.62 50.41
CA PRO C 235 11.07 7.82 49.28
C PRO C 235 11.94 6.59 49.05
N ILE C 236 12.20 6.28 47.78
CA ILE C 236 13.06 5.16 47.40
C ILE C 236 14.39 5.70 46.85
N PHE C 237 14.29 6.67 45.95
CA PHE C 237 15.44 7.41 45.41
C PHE C 237 15.03 8.87 45.34
N GLU C 238 15.97 9.79 45.59
CA GLU C 238 15.69 11.20 45.41
C GLU C 238 16.47 11.73 44.21
N MET C 239 15.90 12.67 43.48
CA MET C 239 16.59 13.24 42.32
C MET C 239 17.36 14.50 42.71
N VAL C 240 18.57 14.63 42.17
CA VAL C 240 19.44 15.74 42.52
C VAL C 240 19.58 16.71 41.35
N SER C 241 19.82 16.16 40.16
CA SER C 241 19.92 16.96 38.95
C SER C 241 19.56 16.09 37.75
N ALA C 242 19.22 16.72 36.63
CA ALA C 242 18.87 16.00 35.40
C ALA C 242 19.38 16.78 34.19
N ALA C 243 20.21 16.13 33.38
CA ALA C 243 20.80 16.79 32.22
C ALA C 243 20.47 16.05 30.95
N GLN C 244 20.64 16.72 29.81
CA GLN C 244 20.43 16.09 28.51
C GLN C 244 21.42 16.69 27.54
N THR C 245 22.05 15.87 26.72
CA THR C 245 22.95 16.42 25.71
C THR C 245 22.98 15.55 24.45
N ILE C 246 23.41 16.17 23.35
CA ILE C 246 23.61 15.49 22.08
C ILE C 246 25.08 15.22 21.91
N LEU C 247 25.45 13.96 21.72
CA LEU C 247 26.85 13.63 21.57
C LEU C 247 27.40 14.19 20.28
N PRO C 248 28.61 14.75 20.32
CA PRO C 248 29.18 15.46 19.18
C PRO C 248 29.35 14.55 17.98
N ASP C 249 29.04 15.09 16.81
CA ASP C 249 29.20 14.42 15.53
C ASP C 249 28.77 12.96 15.63
N SER C 250 27.50 12.77 16.00
CA SER C 250 26.92 11.43 16.14
C SER C 250 25.66 11.34 15.28
N GLU C 251 25.61 12.17 14.25
CA GLU C 251 24.38 12.51 13.51
C GLU C 251 23.31 11.43 13.34
N GLY C 252 23.58 10.44 12.51
CA GLY C 252 22.59 9.42 12.21
C GLY C 252 22.84 8.10 12.92
N ALA C 253 23.42 8.18 14.11
CA ALA C 253 23.79 6.99 14.88
C ALA C 253 22.60 6.07 15.17
N ILE C 254 21.47 6.66 15.56
CA ILE C 254 20.24 5.94 15.84
C ILE C 254 19.06 6.73 15.29
N ASP C 255 18.43 6.21 14.23
CA ASP C 255 17.27 6.86 13.64
C ASP C 255 16.09 5.93 13.63
N GLY C 256 14.88 6.48 13.72
CA GLY C 256 13.68 5.70 13.62
C GLY C 256 12.63 6.50 12.86
N HIS C 257 12.07 5.92 11.82
CA HIS C 257 11.04 6.64 11.03
C HIS C 257 9.71 5.91 11.08
N LEU C 258 8.63 6.66 11.28
CA LEU C 258 7.30 6.05 11.28
C LEU C 258 6.71 6.15 9.88
N ARG C 259 6.61 5.01 9.20
CA ARG C 259 6.23 4.95 7.80
C ARG C 259 5.05 4.04 7.56
N GLU C 260 4.66 3.93 6.30
CA GLU C 260 3.54 3.05 5.94
C GLU C 260 3.83 1.59 6.29
N VAL C 261 5.11 1.23 6.45
CA VAL C 261 5.51 -0.13 6.77
C VAL C 261 5.72 -0.30 8.30
N GLY C 262 5.37 0.73 9.06
CA GLY C 262 5.55 0.70 10.50
C GLY C 262 6.79 1.48 10.89
N LEU C 263 7.29 1.22 12.08
CA LEU C 263 8.47 1.94 12.57
C LEU C 263 9.75 1.25 12.15
N THR C 264 10.58 1.95 11.38
CA THR C 264 11.83 1.39 10.91
C THR C 264 12.97 1.91 11.77
N PHE C 265 14.03 1.11 11.90
CA PHE C 265 15.14 1.51 12.73
C PHE C 265 16.46 1.39 12.00
N HIS C 266 17.30 2.38 12.22
CA HIS C 266 18.60 2.41 11.60
C HIS C 266 19.62 2.64 12.71
N LEU C 267 20.64 1.80 12.71
CA LEU C 267 21.59 1.76 13.81
C LEU C 267 22.97 1.57 13.19
N LEU C 268 23.75 2.64 13.12
CA LEU C 268 24.91 2.63 12.24
C LEU C 268 26.20 2.96 12.96
N LYS C 269 27.28 2.35 12.49
CA LYS C 269 28.64 2.57 13.00
C LYS C 269 28.83 2.09 14.44
N ASP C 270 29.62 2.85 15.18
CA ASP C 270 29.97 2.45 16.53
C ASP C 270 29.15 3.22 17.54
N VAL C 271 27.86 2.93 17.64
CA VAL C 271 27.08 3.48 18.75
C VAL C 271 27.77 3.20 20.09
N PRO C 272 28.24 1.95 20.34
CA PRO C 272 28.95 1.77 21.62
C PRO C 272 30.20 2.63 21.75
N GLY C 273 30.94 2.79 20.67
CA GLY C 273 32.13 3.62 20.67
C GLY C 273 31.84 5.09 20.94
N ILE C 274 30.77 5.59 20.33
CA ILE C 274 30.38 6.98 20.49
C ILE C 274 29.97 7.27 21.93
N ILE C 275 29.19 6.37 22.52
CA ILE C 275 28.77 6.52 23.91
C ILE C 275 29.97 6.47 24.84
N SER C 276 30.85 5.50 24.64
CA SER C 276 32.01 5.34 25.53
C SER C 276 32.97 6.51 25.45
N LYS C 277 33.15 7.07 24.25
CA LYS C 277 34.07 8.18 24.07
C LYS C 277 33.63 9.41 24.87
N ASN C 278 32.33 9.58 25.00
CA ASN C 278 31.78 10.81 25.52
C ASN C 278 31.24 10.76 26.95
N ILE C 279 31.07 9.57 27.50
CA ILE C 279 30.24 9.45 28.70
C ILE C 279 30.91 10.09 29.92
N GLU C 280 32.24 10.11 29.95
CA GLU C 280 32.92 10.71 31.10
C GLU C 280 32.66 12.22 31.20
N LYS C 281 32.43 12.87 30.07
CA LYS C 281 32.12 14.30 30.09
C LYS C 281 30.79 14.52 30.82
N SER C 282 29.83 13.61 30.59
CA SER C 282 28.55 13.73 31.27
C SER C 282 28.67 13.40 32.75
N LEU C 283 29.51 12.43 33.08
CA LEU C 283 29.82 12.10 34.48
C LEU C 283 30.39 13.31 35.20
N GLU C 284 31.37 13.95 34.56
CA GLU C 284 32.07 15.06 35.17
C GLU C 284 31.16 16.26 35.36
N GLU C 285 30.34 16.56 34.35
CA GLU C 285 29.40 17.67 34.47
C GLU C 285 28.41 17.45 35.60
N ALA C 286 28.03 16.20 35.79
CA ALA C 286 27.09 15.82 36.84
C ALA C 286 27.70 15.75 38.23
N PHE C 287 28.94 15.26 38.33
CA PHE C 287 29.48 14.94 39.66
C PHE C 287 30.63 15.83 40.15
N LYS C 288 31.28 16.56 39.26
CA LYS C 288 32.27 17.54 39.75
C LYS C 288 31.70 18.53 40.79
N PRO C 289 30.47 19.05 40.58
CA PRO C 289 29.94 19.97 41.60
C PRO C 289 29.73 19.33 42.98
N LEU C 290 29.62 18.01 43.02
CA LEU C 290 29.40 17.27 44.26
C LEU C 290 30.71 16.80 44.86
N GLY C 291 31.82 17.06 44.18
CA GLY C 291 33.12 16.64 44.67
C GLY C 291 33.38 15.15 44.50
N ILE C 292 32.68 14.52 43.56
CA ILE C 292 32.82 13.09 43.35
C ILE C 292 33.58 12.81 42.06
N THR C 293 34.66 12.06 42.18
CA THR C 293 35.51 11.76 41.04
C THR C 293 35.70 10.26 40.84
N ASP C 294 35.38 9.48 41.87
CA ASP C 294 35.50 8.02 41.77
C ASP C 294 34.17 7.42 41.37
N TYR C 295 34.03 7.08 40.10
CA TYR C 295 32.73 6.71 39.57
C TYR C 295 32.35 5.28 40.00
N ASN C 296 33.28 4.55 40.59
CA ASN C 296 32.97 3.26 41.20
C ASN C 296 32.27 3.39 42.55
N SER C 297 32.24 4.60 43.09
CA SER C 297 31.57 4.84 44.36
C SER C 297 30.11 5.18 44.16
N LEU C 298 29.68 5.19 42.89
CA LEU C 298 28.29 5.46 42.52
C LEU C 298 27.55 4.15 42.31
N PHE C 299 26.25 4.14 42.61
CA PHE C 299 25.44 3.04 42.11
C PHE C 299 24.99 3.44 40.71
N TRP C 300 24.95 2.46 39.82
CA TRP C 300 24.82 2.72 38.39
C TRP C 300 23.52 2.18 37.79
N ILE C 301 22.85 3.01 37.00
CA ILE C 301 21.77 2.57 36.14
C ILE C 301 22.05 3.05 34.72
N ALA C 302 22.21 2.11 33.79
CA ALA C 302 22.47 2.49 32.40
C ALA C 302 21.48 1.82 31.48
N HIS C 303 20.95 2.57 30.51
CA HIS C 303 20.08 1.95 29.54
C HIS C 303 20.84 0.85 28.79
N PRO C 304 20.35 -0.40 28.88
CA PRO C 304 21.06 -1.49 28.20
C PRO C 304 20.71 -1.58 26.72
N GLY C 305 21.14 -0.60 25.93
CA GLY C 305 20.83 -0.58 24.50
C GLY C 305 21.33 -1.85 23.81
N GLY C 306 22.43 -2.36 24.32
CA GLY C 306 22.97 -3.64 23.89
C GLY C 306 24.11 -3.95 24.85
N PRO C 307 24.54 -5.21 24.92
CA PRO C 307 25.63 -5.54 25.83
C PRO C 307 26.96 -4.85 25.42
N ALA C 308 27.12 -4.52 24.14
CA ALA C 308 28.35 -3.87 23.68
C ALA C 308 28.50 -2.46 24.25
N ILE C 309 27.38 -1.76 24.42
CA ILE C 309 27.39 -0.44 25.02
C ILE C 309 27.86 -0.58 26.47
N LEU C 310 27.28 -1.53 27.18
CA LEU C 310 27.62 -1.74 28.59
C LEU C 310 29.07 -2.14 28.75
N ASP C 311 29.52 -3.10 27.95
CA ASP C 311 30.89 -3.56 28.05
C ASP C 311 31.87 -2.42 27.77
N GLN C 312 31.56 -1.57 26.80
CA GLN C 312 32.53 -0.55 26.44
C GLN C 312 32.54 0.62 27.42
N VAL C 313 31.39 0.97 27.98
CA VAL C 313 31.35 1.97 29.05
C VAL C 313 32.12 1.48 30.27
N GLU C 314 31.90 0.23 30.65
CA GLU C 314 32.62 -0.39 31.77
C GLU C 314 34.15 -0.32 31.60
N ALA C 315 34.63 -0.69 30.41
CA ALA C 315 36.06 -0.69 30.16
C ALA C 315 36.62 0.73 30.17
N LYS C 316 35.88 1.66 29.56
CA LYS C 316 36.33 3.05 29.42
C LYS C 316 36.45 3.76 30.76
N ILE C 317 35.44 3.61 31.60
CA ILE C 317 35.35 4.30 32.89
C ILE C 317 36.14 3.54 33.97
N GLY C 318 36.43 2.27 33.70
CA GLY C 318 37.15 1.42 34.63
C GLY C 318 36.26 0.93 35.77
N LEU C 319 35.02 0.64 35.45
CA LEU C 319 34.06 0.14 36.44
C LEU C 319 34.40 -1.29 36.85
N LYS C 320 34.25 -1.60 38.13
CA LYS C 320 34.34 -2.98 38.60
C LYS C 320 33.25 -3.83 37.94
N PRO C 321 33.54 -5.11 37.67
CA PRO C 321 32.67 -5.99 36.88
C PRO C 321 31.25 -6.14 37.43
N GLU C 322 31.03 -5.83 38.70
CA GLU C 322 29.71 -6.02 39.29
C GLU C 322 28.86 -4.75 39.35
N LYS C 323 29.45 -3.60 38.98
CA LYS C 323 28.72 -2.34 39.03
C LYS C 323 27.43 -2.32 38.19
N LEU C 324 27.47 -2.98 37.03
CA LEU C 324 26.30 -3.00 36.15
C LEU C 324 25.46 -4.28 36.32
N ARG C 325 25.53 -4.90 37.49
CA ARG C 325 24.78 -6.13 37.74
C ARG C 325 23.27 -5.94 37.53
N ALA C 326 22.71 -4.90 38.13
CA ALA C 326 21.27 -4.67 38.01
C ALA C 326 20.86 -4.42 36.55
N THR C 327 21.62 -3.61 35.84
CA THR C 327 21.31 -3.29 34.45
C THR C 327 21.39 -4.53 33.59
N ARG C 328 22.44 -5.32 33.79
CA ARG C 328 22.60 -6.54 33.03
C ARG C 328 21.52 -7.56 33.38
N HIS C 329 21.07 -7.55 34.63
CA HIS C 329 19.98 -8.44 35.00
C HIS C 329 18.71 -8.11 34.23
N VAL C 330 18.31 -6.84 34.13
CA VAL C 330 17.05 -6.64 33.42
C VAL C 330 17.27 -6.85 31.92
N LEU C 331 18.46 -6.58 31.39
CA LEU C 331 18.73 -6.95 30.00
C LEU C 331 18.51 -8.46 29.82
N SER C 332 19.05 -9.24 30.76
CA SER C 332 18.91 -10.68 30.67
C SER C 332 17.44 -11.14 30.72
N GLU C 333 16.66 -10.55 31.63
CA GLU C 333 15.33 -11.09 31.88
C GLU C 333 14.24 -10.44 31.04
N TYR C 334 14.53 -9.29 30.43
CA TYR C 334 13.50 -8.54 29.68
C TYR C 334 13.92 -8.04 28.29
N GLY C 335 15.23 -8.07 28.00
CA GLY C 335 15.71 -7.48 26.77
C GLY C 335 15.65 -5.96 26.86
N ASN C 336 15.77 -5.31 25.71
CA ASN C 336 15.74 -3.85 25.58
C ASN C 336 14.31 -3.33 25.46
N MET C 337 13.77 -2.81 26.55
CA MET C 337 12.39 -2.31 26.56
C MET C 337 12.33 -0.80 26.36
N SER C 338 13.26 -0.29 25.57
CA SER C 338 13.33 1.14 25.24
C SER C 338 13.22 2.00 26.50
N SER C 339 12.29 2.96 26.51
CA SER C 339 12.25 3.96 27.58
C SER C 339 11.99 3.39 28.97
N ALA C 340 11.33 2.24 29.04
CA ALA C 340 10.95 1.64 30.31
C ALA C 340 12.11 0.97 31.05
N CYS C 341 13.15 0.60 30.29
CA CYS C 341 14.25 -0.21 30.81
C CYS C 341 14.83 0.29 32.12
N VAL C 342 15.26 1.53 32.07
CA VAL C 342 15.94 2.17 33.17
C VAL C 342 15.10 2.19 34.45
N LEU C 343 13.79 2.25 34.28
CA LEU C 343 12.90 2.21 35.43
C LEU C 343 12.80 0.80 36.02
N PHE C 344 12.80 -0.21 35.14
CA PHE C 344 12.88 -1.60 35.59
C PHE C 344 14.17 -1.82 36.38
N ILE C 345 15.25 -1.16 35.94
CA ILE C 345 16.54 -1.33 36.61
C ILE C 345 16.51 -0.70 38.02
N LEU C 346 15.86 0.45 38.15
CA LEU C 346 15.67 1.05 39.47
C LEU C 346 14.95 0.08 40.39
N GLU C 347 13.93 -0.58 39.85
CA GLU C 347 13.20 -1.57 40.63
C GLU C 347 14.09 -2.75 41.04
N GLU C 348 14.83 -3.31 40.08
CA GLU C 348 15.77 -4.40 40.33
C GLU C 348 16.75 -4.04 41.43
N MET C 349 17.33 -2.86 41.30
CA MET C 349 18.34 -2.43 42.24
C MET C 349 17.81 -2.33 43.66
N ARG C 350 16.64 -1.74 43.84
CA ARG C 350 16.19 -1.58 45.21
C ARG C 350 15.70 -2.92 45.76
N LYS C 351 15.15 -3.77 44.91
CA LYS C 351 14.73 -5.11 45.36
C LYS C 351 15.93 -5.95 45.79
N LYS C 352 16.97 -5.95 44.95
CA LYS C 352 18.19 -6.69 45.26
C LYS C 352 18.88 -6.12 46.49
N SER C 353 18.95 -4.80 46.59
CA SER C 353 19.61 -4.16 47.73
C SER C 353 18.92 -4.54 49.04
N ALA C 354 17.60 -4.63 49.00
CA ALA C 354 16.84 -4.98 50.19
C ALA C 354 17.09 -6.42 50.59
N GLU C 355 17.14 -7.31 49.60
CA GLU C 355 17.30 -8.72 49.93
C GLU C 355 18.73 -8.99 50.39
N GLU C 356 19.67 -8.15 49.99
CA GLU C 356 21.04 -8.35 50.44
C GLU C 356 21.34 -7.52 51.67
N LYS C 357 20.31 -6.85 52.19
CA LYS C 357 20.41 -6.04 53.40
C LYS C 357 21.54 -5.02 53.30
N ASN C 358 21.69 -4.39 52.14
CA ASN C 358 22.60 -3.25 52.00
C ASN C 358 22.04 -2.08 52.81
N GLY C 359 22.89 -1.11 53.11
CA GLY C 359 22.48 -0.02 53.97
C GLY C 359 21.54 0.96 53.30
N THR C 360 21.37 0.83 51.99
CA THR C 360 20.55 1.79 51.26
C THR C 360 19.92 1.18 50.02
N THR C 361 19.00 1.91 49.41
CA THR C 361 18.29 1.43 48.23
C THR C 361 19.20 1.35 46.98
N GLY C 362 20.36 2.00 47.07
CA GLY C 362 21.30 2.02 45.97
C GLY C 362 22.53 1.20 46.27
N GLU C 363 22.31 -0.07 46.61
CA GLU C 363 23.38 -1.04 46.84
C GLU C 363 24.32 -0.66 47.98
N GLY C 364 23.83 0.13 48.93
CA GLY C 364 24.63 0.51 50.06
C GLY C 364 25.37 1.82 49.85
N LEU C 365 25.27 2.37 48.64
CA LEU C 365 25.97 3.61 48.29
C LEU C 365 25.03 4.82 48.37
N GLU C 366 25.59 6.02 48.56
CA GLU C 366 24.77 7.23 48.74
C GLU C 366 24.30 7.84 47.44
N TRP C 367 25.23 7.95 46.48
CA TRP C 367 24.99 8.66 45.23
C TRP C 367 25.02 7.71 44.05
N GLY C 368 24.20 8.01 43.06
CA GLY C 368 24.12 7.16 41.88
C GLY C 368 23.85 7.96 40.62
N VAL C 369 23.96 7.28 39.49
CA VAL C 369 23.75 7.93 38.20
C VAL C 369 22.88 7.04 37.36
N LEU C 370 21.97 7.67 36.64
CA LEU C 370 21.11 6.96 35.72
C LEU C 370 21.31 7.57 34.35
N PHE C 371 21.57 6.71 33.38
CA PHE C 371 21.79 7.14 32.00
C PHE C 371 20.73 6.59 31.06
N GLY C 372 20.18 7.46 30.23
CA GLY C 372 19.41 7.02 29.09
C GLY C 372 20.18 7.34 27.82
N PHE C 373 20.09 6.44 26.84
CA PHE C 373 20.76 6.58 25.55
C PHE C 373 19.75 6.38 24.43
N GLY C 374 19.77 7.22 23.42
CA GLY C 374 18.80 7.08 22.32
C GLY C 374 19.13 7.94 21.12
N PRO C 375 18.16 8.08 20.20
CA PRO C 375 18.31 8.88 18.97
C PRO C 375 18.84 10.31 19.19
N GLY C 376 19.72 10.72 18.26
CA GLY C 376 20.35 12.03 18.21
C GLY C 376 21.80 11.76 18.51
N LEU C 377 21.98 10.51 18.90
CA LEU C 377 22.69 10.13 20.10
C LEU C 377 22.53 11.19 21.16
N THR C 378 21.41 11.03 21.85
CA THR C 378 21.06 11.76 23.05
C THR C 378 21.44 10.96 24.28
N VAL C 379 22.06 11.62 25.25
CA VAL C 379 22.23 11.00 26.56
C VAL C 379 21.54 11.86 27.60
N GLU C 380 20.71 11.21 28.40
CA GLU C 380 20.09 11.82 29.57
C GLU C 380 20.90 11.38 30.78
N THR C 381 21.25 12.31 31.67
CA THR C 381 22.03 11.98 32.87
C THR C 381 21.28 12.49 34.11
N VAL C 382 20.87 11.57 34.96
CA VAL C 382 20.14 11.93 36.19
C VAL C 382 20.98 11.55 37.40
N VAL C 383 21.24 12.51 38.27
CA VAL C 383 21.94 12.21 39.52
C VAL C 383 20.92 11.82 40.56
N LEU C 384 21.15 10.69 41.21
CA LEU C 384 20.25 10.16 42.22
C LEU C 384 20.89 10.11 43.60
N HIS C 385 20.04 10.24 44.60
CA HIS C 385 20.40 10.04 46.00
C HIS C 385 19.62 8.85 46.56
N SER C 386 20.32 7.88 47.13
CA SER C 386 19.64 6.73 47.69
C SER C 386 18.99 7.09 49.04
N VAL C 387 18.21 6.16 49.58
CA VAL C 387 17.56 6.34 50.87
C VAL C 387 17.98 5.22 51.82
N GLU C 388 18.16 5.55 53.10
CA GLU C 388 18.54 4.55 54.08
C GLU C 388 17.51 3.43 54.19
N ALA C 389 18.00 2.21 54.42
CA ALA C 389 17.11 1.07 54.59
C ALA C 389 16.82 0.84 56.07
N MET D 1 28.70 17.65 54.92
CA MET D 1 29.37 18.06 53.69
C MET D 1 28.41 18.87 52.82
N VAL D 2 28.02 18.31 51.68
CA VAL D 2 27.08 19.02 50.82
C VAL D 2 25.65 18.58 51.13
N ASN D 3 24.75 19.56 51.19
CA ASN D 3 23.38 19.30 51.56
C ASN D 3 22.41 19.43 50.40
N VAL D 4 21.57 18.42 50.24
CA VAL D 4 20.63 18.39 49.13
C VAL D 4 19.63 19.54 49.24
N GLU D 5 19.37 19.97 50.47
CA GLU D 5 18.47 21.10 50.72
C GLU D 5 19.07 22.40 50.16
N GLU D 6 20.36 22.61 50.39
CA GLU D 6 21.04 23.78 49.86
C GLU D 6 21.21 23.68 48.35
N ILE D 7 21.46 22.47 47.84
CA ILE D 7 21.52 22.28 46.39
C ILE D 7 20.20 22.71 45.73
N ARG D 8 19.10 22.28 46.34
CA ARG D 8 17.76 22.52 45.79
C ARG D 8 17.46 24.03 45.78
N LYS D 9 17.80 24.72 46.87
CA LYS D 9 17.55 26.16 46.98
C LYS D 9 18.38 26.94 45.96
N ALA D 10 19.60 26.49 45.70
CA ALA D 10 20.44 27.16 44.72
C ALA D 10 20.00 26.80 43.30
N GLN D 11 19.51 25.59 43.06
CA GLN D 11 19.29 25.26 41.65
C GLN D 11 17.94 25.79 41.14
N ARG D 12 17.01 26.09 42.03
CA ARG D 12 15.71 26.62 41.61
C ARG D 12 15.74 28.15 41.34
N ALA D 13 14.79 28.62 40.53
CA ALA D 13 14.68 30.04 40.14
C ALA D 13 13.87 30.85 41.16
N GLU D 14 13.81 32.17 41.01
CA GLU D 14 13.17 33.00 42.03
C GLU D 14 11.66 33.19 41.87
N GLY D 15 11.24 33.99 40.92
CA GLY D 15 9.83 34.40 40.85
C GLY D 15 9.06 33.64 39.78
N PRO D 16 7.92 34.20 39.38
CA PRO D 16 7.07 33.59 38.33
C PRO D 16 7.73 33.66 36.96
N ALA D 17 7.43 32.66 36.13
CA ALA D 17 7.93 32.63 34.76
C ALA D 17 7.28 33.73 33.95
N ALA D 18 8.03 34.34 33.03
CA ALA D 18 7.51 35.37 32.15
C ALA D 18 7.76 35.02 30.68
N ILE D 19 6.85 35.42 29.80
CA ILE D 19 7.14 35.43 28.38
C ILE D 19 8.04 36.63 28.13
N LEU D 20 9.25 36.39 27.64
CA LEU D 20 10.21 37.47 27.45
C LEU D 20 10.27 37.95 26.00
N ALA D 21 9.76 37.14 25.09
CA ALA D 21 9.80 37.47 23.66
C ALA D 21 8.85 36.58 22.89
N ILE D 22 8.34 37.07 21.77
CA ILE D 22 7.46 36.29 20.90
C ILE D 22 7.85 36.50 19.44
N GLY D 23 7.90 35.42 18.67
CA GLY D 23 8.08 35.52 17.24
C GLY D 23 7.12 34.60 16.50
N THR D 24 6.73 34.99 15.30
CA THR D 24 5.83 34.16 14.50
C THR D 24 6.34 34.02 13.07
N ALA D 25 5.88 32.97 12.40
CA ALA D 25 6.27 32.73 11.02
C ALA D 25 5.18 31.92 10.32
N THR D 26 5.01 32.12 9.02
CA THR D 26 4.07 31.32 8.23
C THR D 26 4.69 30.94 6.89
N PRO D 27 4.16 29.88 6.25
CA PRO D 27 4.54 29.62 4.85
C PRO D 27 4.22 30.82 3.97
N PRO D 28 4.93 30.97 2.86
CA PRO D 28 4.82 32.16 2.00
C PRO D 28 3.43 32.38 1.39
N ASN D 29 2.75 31.32 1.00
CA ASN D 29 1.51 31.46 0.20
C ASN D 29 0.23 31.51 1.03
N ALA D 30 -0.48 32.64 0.98
CA ALA D 30 -1.80 32.71 1.63
C ALA D 30 -2.91 32.61 0.58
N ILE D 31 -3.87 31.73 0.82
CA ILE D 31 -5.00 31.58 -0.08
C ILE D 31 -6.24 32.20 0.53
N GLU D 32 -6.88 33.07 -0.24
CA GLU D 32 -8.08 33.74 0.22
C GLU D 32 -9.22 32.75 0.42
N GLN D 33 -9.91 32.84 1.56
CA GLN D 33 -10.99 31.90 1.84
C GLN D 33 -12.14 32.03 0.83
N SER D 34 -12.34 33.23 0.30
CA SER D 34 -13.39 33.44 -0.71
C SER D 34 -13.14 32.56 -1.93
N GLU D 35 -11.87 32.25 -2.14
CA GLU D 35 -11.43 31.53 -3.33
C GLU D 35 -11.23 30.03 -3.06
N TYR D 36 -11.31 29.66 -1.79
CA TYR D 36 -10.89 28.30 -1.41
C TYR D 36 -11.85 27.18 -1.87
N PRO D 37 -13.17 27.39 -1.77
CA PRO D 37 -14.04 26.30 -2.26
C PRO D 37 -13.80 25.93 -3.72
N ASP D 38 -13.64 26.92 -4.60
CA ASP D 38 -13.37 26.63 -6.00
C ASP D 38 -12.06 25.87 -6.16
N TYR D 39 -11.04 26.38 -5.48
CA TYR D 39 -9.71 25.79 -5.47
C TYR D 39 -9.71 24.36 -4.94
N TYR D 40 -10.31 24.18 -3.77
CA TYR D 40 -10.28 22.89 -3.10
C TYR D 40 -11.00 21.83 -3.95
N PHE D 41 -12.19 22.14 -4.43
CA PHE D 41 -12.93 21.15 -5.24
C PHE D 41 -12.29 20.94 -6.61
N ARG D 42 -11.45 21.88 -7.05
CA ARG D 42 -10.71 21.69 -8.29
C ARG D 42 -9.52 20.76 -8.12
N VAL D 43 -8.64 21.07 -7.16
CA VAL D 43 -7.43 20.28 -6.99
C VAL D 43 -7.69 18.89 -6.40
N THR D 44 -8.89 18.67 -5.85
CA THR D 44 -9.25 17.34 -5.37
C THR D 44 -10.13 16.62 -6.40
N ASN D 45 -10.26 17.21 -7.59
CA ASN D 45 -11.03 16.64 -8.69
C ASN D 45 -12.45 16.26 -8.27
N SER D 46 -13.11 17.16 -7.54
CA SER D 46 -14.42 16.86 -6.95
C SER D 46 -15.51 17.76 -7.49
N GLU D 47 -15.27 18.38 -8.64
CA GLU D 47 -16.21 19.35 -9.21
C GLU D 47 -17.57 18.70 -9.53
N ASP D 48 -17.59 17.38 -9.66
CA ASP D 48 -18.82 16.61 -9.83
C ASP D 48 -19.77 16.75 -8.65
N LYS D 49 -19.21 16.89 -7.46
CA LYS D 49 -19.99 16.86 -6.21
C LYS D 49 -20.58 18.24 -5.90
N VAL D 50 -21.60 18.61 -6.68
CA VAL D 50 -22.23 19.93 -6.61
C VAL D 50 -22.90 20.19 -5.26
N GLU D 51 -23.62 19.20 -4.76
CA GLU D 51 -24.25 19.27 -3.44
C GLU D 51 -23.20 19.53 -2.35
N LEU D 52 -22.14 18.74 -2.37
CA LEU D 52 -21.10 18.82 -1.35
C LEU D 52 -20.37 20.16 -1.37
N LYS D 53 -20.15 20.67 -2.57
CA LYS D 53 -19.48 21.94 -2.76
C LYS D 53 -20.27 23.09 -2.13
N GLU D 54 -21.59 23.02 -2.28
CA GLU D 54 -22.48 24.01 -1.69
C GLU D 54 -22.38 24.03 -0.17
N LYS D 55 -22.29 22.86 0.45
CA LYS D 55 -22.06 22.75 1.89
C LYS D 55 -20.74 23.38 2.30
N PHE D 56 -19.71 23.09 1.52
CA PHE D 56 -18.35 23.56 1.82
C PHE D 56 -18.26 25.07 1.63
N LYS D 57 -19.01 25.60 0.67
CA LYS D 57 -19.06 27.05 0.50
C LYS D 57 -19.63 27.69 1.75
N ARG D 58 -20.73 27.12 2.24
CA ARG D 58 -21.32 27.58 3.50
C ARG D 58 -20.32 27.51 4.65
N MET D 59 -19.61 26.40 4.76
CA MET D 59 -18.60 26.22 5.80
C MET D 59 -17.54 27.31 5.74
N CYS D 60 -17.04 27.58 4.54
CA CYS D 60 -15.99 28.58 4.38
C CYS D 60 -16.51 30.01 4.59
N GLU D 61 -17.72 30.29 4.11
CA GLU D 61 -18.30 31.62 4.30
C GLU D 61 -18.63 31.87 5.78
N LYS D 62 -19.03 30.81 6.48
CA LYS D 62 -19.36 30.84 7.91
C LYS D 62 -18.12 30.86 8.80
N SER D 63 -16.97 30.45 8.27
CA SER D 63 -15.77 30.22 9.09
C SER D 63 -15.19 31.48 9.72
N MET D 64 -15.58 32.65 9.20
CA MET D 64 -15.02 33.94 9.61
C MET D 64 -13.50 33.96 9.43
N ILE D 65 -13.02 33.14 8.52
CA ILE D 65 -11.62 33.13 8.10
C ILE D 65 -11.51 33.89 6.78
N LYS D 66 -10.61 34.88 6.72
CA LYS D 66 -10.39 35.63 5.47
C LYS D 66 -9.33 34.97 4.59
N LYS D 67 -8.29 34.44 5.22
CA LYS D 67 -7.24 33.75 4.47
C LYS D 67 -6.48 32.79 5.38
N ARG D 68 -5.75 31.89 4.76
CA ARG D 68 -4.87 30.96 5.47
C ARG D 68 -3.55 30.84 4.72
N TYR D 69 -2.47 30.66 5.46
CA TYR D 69 -1.18 30.39 4.85
C TYR D 69 -0.98 28.91 4.74
N LEU D 70 -0.54 28.45 3.58
CA LEU D 70 -0.44 27.01 3.35
C LEU D 70 0.86 26.60 2.66
N TYR D 71 1.59 25.70 3.30
CA TYR D 71 2.80 25.12 2.72
C TYR D 71 2.45 24.38 1.45
N LEU D 72 1.33 23.68 1.49
CA LEU D 72 0.83 22.93 0.34
C LEU D 72 0.43 23.86 -0.80
N THR D 73 1.07 23.67 -1.95
CA THR D 73 0.71 24.44 -3.11
C THR D 73 0.08 23.52 -4.13
N GLU D 74 -0.55 24.11 -5.13
CA GLU D 74 -1.13 23.32 -6.22
C GLU D 74 -0.05 22.48 -6.90
N ASP D 75 1.15 23.05 -7.07
CA ASP D 75 2.26 22.32 -7.67
C ASP D 75 2.68 21.10 -6.86
N ILE D 76 2.71 21.25 -5.53
CA ILE D 76 3.06 20.12 -4.67
C ILE D 76 1.98 19.04 -4.72
N LEU D 77 0.73 19.46 -4.76
CA LEU D 77 -0.40 18.54 -4.88
C LEU D 77 -0.37 17.76 -6.22
N LYS D 78 0.05 18.42 -7.29
CA LYS D 78 0.20 17.76 -8.59
C LYS D 78 1.22 16.62 -8.51
N GLU D 79 2.25 16.83 -7.69
CA GLU D 79 3.29 15.84 -7.47
C GLU D 79 2.85 14.71 -6.55
N ASN D 80 1.78 14.97 -5.80
CA ASN D 80 1.31 14.04 -4.80
C ASN D 80 -0.18 13.76 -4.90
N PRO D 81 -0.61 13.07 -5.98
CA PRO D 81 -2.05 12.91 -6.16
C PRO D 81 -2.74 12.08 -5.06
N ASN D 82 -2.00 11.23 -4.35
CA ASN D 82 -2.61 10.44 -3.28
C ASN D 82 -2.99 11.29 -2.06
N VAL D 83 -2.45 12.51 -1.99
CA VAL D 83 -2.78 13.45 -0.93
C VAL D 83 -4.14 14.12 -1.22
N CYS D 84 -4.51 14.19 -2.49
CA CYS D 84 -5.74 14.84 -2.93
C CYS D 84 -6.98 13.98 -2.77
N ALA D 85 -6.77 12.67 -2.68
CA ALA D 85 -7.89 11.77 -2.49
C ALA D 85 -8.38 11.89 -1.06
N TYR D 86 -9.65 11.57 -0.83
CA TYR D 86 -10.14 11.51 0.54
C TYR D 86 -9.33 10.47 1.30
N MET D 87 -9.21 9.27 0.73
CA MET D 87 -8.45 8.20 1.33
C MET D 87 -7.57 7.48 0.30
N ALA D 88 -6.29 7.84 0.28
CA ALA D 88 -5.31 7.11 -0.52
C ALA D 88 -4.04 7.02 0.29
N THR D 89 -3.25 5.96 0.09
CA THR D 89 -2.05 5.83 0.92
C THR D 89 -1.06 6.93 0.58
N SER D 90 -0.68 7.66 1.62
CA SER D 90 0.03 8.90 1.40
C SER D 90 0.79 9.33 2.64
N LEU D 91 0.84 8.48 3.66
CA LEU D 91 1.51 8.87 4.91
C LEU D 91 3.00 9.18 4.68
N ASP D 92 3.67 8.34 3.90
CA ASP D 92 5.10 8.55 3.66
C ASP D 92 5.36 9.90 2.98
N ALA D 93 4.55 10.22 1.98
CA ALA D 93 4.72 11.49 1.26
C ALA D 93 4.45 12.67 2.19
N ARG D 94 3.46 12.53 3.05
CA ARG D 94 3.14 13.63 3.96
C ARG D 94 4.25 13.79 5.01
N GLN D 95 4.75 12.67 5.52
CA GLN D 95 5.89 12.69 6.47
C GLN D 95 7.11 13.35 5.84
N ASP D 96 7.41 12.97 4.60
CA ASP D 96 8.58 13.54 3.91
C ASP D 96 8.52 15.07 3.86
N MET D 97 7.31 15.62 3.72
CA MET D 97 7.13 17.08 3.71
C MET D 97 7.31 17.67 5.10
N VAL D 98 6.61 17.08 6.04
CA VAL D 98 6.40 17.68 7.33
C VAL D 98 7.60 17.47 8.27
N VAL D 99 8.37 16.38 8.09
CA VAL D 99 9.54 16.19 8.96
C VAL D 99 10.58 17.25 8.66
N VAL D 100 10.56 17.78 7.43
CA VAL D 100 11.47 18.88 7.07
C VAL D 100 10.84 20.24 7.35
N GLU D 101 9.60 20.43 6.92
CA GLU D 101 9.01 21.77 6.97
C GLU D 101 8.70 22.24 8.39
N VAL D 102 8.34 21.30 9.27
CA VAL D 102 7.95 21.72 10.63
C VAL D 102 9.11 22.37 11.39
N PRO D 103 10.30 21.72 11.44
CA PRO D 103 11.39 22.45 12.11
C PRO D 103 11.90 23.67 11.31
N LYS D 104 11.80 23.64 9.98
CA LYS D 104 12.18 24.79 9.16
C LYS D 104 11.35 26.04 9.52
N LEU D 105 10.03 25.88 9.55
CA LEU D 105 9.12 26.96 9.92
C LEU D 105 9.33 27.38 11.37
N GLY D 106 9.53 26.38 12.22
CA GLY D 106 9.81 26.65 13.61
C GLY D 106 11.08 27.49 13.77
N LYS D 107 12.10 27.22 12.96
CA LYS D 107 13.32 28.03 13.03
C LYS D 107 13.08 29.50 12.68
N GLU D 108 12.21 29.74 11.69
CA GLU D 108 11.90 31.10 11.28
C GLU D 108 11.27 31.88 12.42
N ALA D 109 10.32 31.24 13.10
CA ALA D 109 9.65 31.84 14.25
C ALA D 109 10.64 32.07 15.40
N ALA D 110 11.48 31.07 15.66
CA ALA D 110 12.45 31.14 16.76
C ALA D 110 13.48 32.23 16.57
N THR D 111 13.97 32.40 15.35
CA THR D 111 14.97 33.43 15.12
C THR D 111 14.38 34.82 15.37
N ARG D 112 13.10 34.99 15.04
CA ARG D 112 12.42 36.25 15.31
C ARG D 112 12.25 36.48 16.81
N ALA D 113 11.87 35.45 17.56
CA ALA D 113 11.78 35.59 19.02
C ALA D 113 13.14 35.89 19.63
N ILE D 114 14.18 35.24 19.12
CA ILE D 114 15.51 35.44 19.67
C ILE D 114 16.00 36.84 19.35
N LYS D 115 15.64 37.34 18.17
CA LYS D 115 15.99 38.71 17.80
C LYS D 115 15.35 39.74 18.75
N GLU D 116 14.08 39.55 19.10
CA GLU D 116 13.40 40.44 20.04
C GLU D 116 14.04 40.35 21.41
N TRP D 117 14.30 39.11 21.82
CA TRP D 117 14.92 38.82 23.11
C TRP D 117 16.27 39.53 23.22
N GLY D 118 17.07 39.44 22.17
CA GLY D 118 18.31 40.17 22.08
C GLY D 118 19.49 39.52 22.79
N GLN D 119 19.27 38.36 23.40
CA GLN D 119 20.34 37.65 24.11
C GLN D 119 20.99 36.61 23.18
N PRO D 120 22.23 36.19 23.49
CA PRO D 120 22.87 35.15 22.68
C PRO D 120 22.09 33.84 22.71
N LYS D 121 22.03 33.14 21.57
CA LYS D 121 21.40 31.82 21.48
C LYS D 121 21.98 30.86 22.50
N SER D 122 23.25 31.04 22.84
CA SER D 122 23.93 30.14 23.77
C SER D 122 23.32 30.18 25.17
N LYS D 123 22.55 31.24 25.46
CA LYS D 123 21.88 31.37 26.76
C LYS D 123 20.58 30.57 26.85
N ILE D 124 20.14 29.99 25.74
CA ILE D 124 18.97 29.13 25.79
C ILE D 124 19.36 27.80 26.44
N THR D 125 18.60 27.41 27.47
CA THR D 125 18.91 26.23 28.28
C THR D 125 17.96 25.06 28.03
N HIS D 126 16.77 25.40 27.54
CA HIS D 126 15.68 24.44 27.34
C HIS D 126 14.99 24.72 26.02
N LEU D 127 14.48 23.66 25.40
CA LEU D 127 13.67 23.80 24.21
C LEU D 127 12.45 22.90 24.34
N VAL D 128 11.28 23.51 24.22
CA VAL D 128 10.04 22.76 24.16
C VAL D 128 9.51 22.90 22.74
N PHE D 129 9.42 21.79 22.02
CA PHE D 129 8.94 21.83 20.64
C PHE D 129 7.64 21.07 20.57
N CYS D 130 6.63 21.71 19.98
CA CYS D 130 5.32 21.10 19.87
C CYS D 130 4.80 21.09 18.44
N THR D 131 4.29 19.94 18.00
CA THR D 131 3.64 19.88 16.70
C THR D 131 2.55 18.81 16.72
N THR D 132 1.63 18.92 15.77
CA THR D 132 0.59 17.92 15.56
C THR D 132 0.77 17.35 14.14
N SER D 133 1.81 17.82 13.46
CA SER D 133 2.01 17.37 12.09
C SER D 133 3.28 16.58 12.25
N GLY D 134 3.07 15.36 12.74
CA GLY D 134 3.96 14.70 13.68
C GLY D 134 5.00 14.06 12.84
N VAL D 135 6.14 13.69 13.39
CA VAL D 135 7.14 13.15 12.49
C VAL D 135 8.04 11.94 12.92
N ASP D 136 8.98 12.03 13.86
CA ASP D 136 10.27 11.34 13.57
C ASP D 136 11.22 11.14 14.77
N MET D 137 12.23 10.28 14.59
CA MET D 137 13.31 10.09 15.59
C MET D 137 14.69 10.15 14.94
N PRO D 138 15.57 11.05 15.41
CA PRO D 138 15.30 12.07 16.44
C PRO D 138 14.24 13.07 15.96
N GLY D 139 13.65 13.80 16.90
CA GLY D 139 12.49 14.61 16.59
C GLY D 139 12.80 15.99 16.04
N ALA D 140 11.74 16.76 15.82
CA ALA D 140 11.86 18.14 15.35
C ALA D 140 12.63 19.01 16.34
N ASP D 141 12.61 18.62 17.61
CA ASP D 141 13.35 19.36 18.63
C ASP D 141 14.84 19.27 18.35
N TYR D 142 15.28 18.07 18.02
CA TYR D 142 16.66 17.85 17.59
C TYR D 142 16.97 18.61 16.32
N GLN D 143 16.05 18.58 15.34
CA GLN D 143 16.34 19.25 14.07
C GLN D 143 16.49 20.76 14.28
N LEU D 144 15.60 21.31 15.10
CA LEU D 144 15.62 22.75 15.40
C LEU D 144 16.89 23.14 16.14
N THR D 145 17.29 22.30 17.07
CA THR D 145 18.55 22.49 17.79
C THR D 145 19.73 22.61 16.83
N LYS D 146 19.76 21.74 15.83
CA LYS D 146 20.81 21.77 14.81
C LYS D 146 20.70 22.97 13.88
N LEU D 147 19.48 23.28 13.44
CA LEU D 147 19.28 24.42 12.55
C LEU D 147 19.69 25.74 13.19
N LEU D 148 19.36 25.90 14.47
CA LEU D 148 19.64 27.15 15.18
C LEU D 148 21.06 27.21 15.73
N GLY D 149 21.68 26.06 15.91
CA GLY D 149 23.00 25.99 16.51
C GLY D 149 22.94 26.23 18.01
N LEU D 150 21.94 25.65 18.66
CA LEU D 150 21.82 25.76 20.11
C LEU D 150 22.92 24.94 20.76
N ARG D 151 23.18 25.18 22.04
CA ARG D 151 24.17 24.40 22.76
C ARG D 151 23.76 22.93 22.71
N PRO D 152 24.74 22.05 22.52
CA PRO D 152 24.42 20.69 22.88
C PRO D 152 24.25 20.83 24.39
N SER D 153 23.44 19.98 24.99
CA SER D 153 23.10 20.08 26.40
C SER D 153 21.89 20.98 26.63
N VAL D 154 21.33 21.56 25.56
CA VAL D 154 19.99 22.18 25.68
C VAL D 154 19.04 21.06 26.10
N LYS D 155 18.22 21.31 27.10
CA LYS D 155 17.34 20.29 27.65
C LYS D 155 16.06 20.32 26.83
N ARG D 156 15.79 19.25 26.09
CA ARG D 156 14.72 19.24 25.09
C ARG D 156 13.50 18.44 25.55
N LEU D 157 12.33 18.95 25.21
CA LEU D 157 11.06 18.24 25.41
C LEU D 157 10.30 18.24 24.11
N MET D 158 10.15 17.08 23.50
CA MET D 158 9.52 16.95 22.18
C MET D 158 8.07 16.54 22.35
N MET D 159 7.15 17.46 22.03
CA MET D 159 5.73 17.23 22.22
C MET D 159 5.08 16.95 20.87
N TYR D 160 4.86 15.66 20.60
CA TYR D 160 4.32 15.19 19.30
C TYR D 160 2.84 14.86 19.37
N GLN D 161 2.15 15.07 18.25
CA GLN D 161 0.77 14.60 18.06
C GLN D 161 -0.14 15.13 19.17
N GLN D 162 0.02 16.40 19.49
CA GLN D 162 -0.62 16.98 20.66
C GLN D 162 -2.06 17.43 20.40
N GLY D 163 -2.26 18.23 19.37
CA GLY D 163 -3.58 18.75 19.09
C GLY D 163 -3.74 20.19 19.54
N CYS D 164 -4.95 20.72 19.36
CA CYS D 164 -5.16 22.15 19.44
C CYS D 164 -5.06 22.75 20.83
N PHE D 165 -5.03 21.93 21.89
CA PHE D 165 -4.93 22.50 23.24
C PHE D 165 -3.49 22.78 23.63
N ALA D 166 -2.54 22.32 22.82
CA ALA D 166 -1.13 22.26 23.24
C ALA D 166 -0.44 23.61 23.32
N GLY D 167 -1.05 24.66 22.79
CA GLY D 167 -0.56 26.00 23.02
C GLY D 167 -0.56 26.27 24.51
N GLY D 168 -1.61 25.79 25.19
CA GLY D 168 -1.67 25.90 26.64
C GLY D 168 -0.65 24.99 27.31
N THR D 169 -0.48 23.78 26.78
CA THR D 169 0.43 22.82 27.40
C THR D 169 1.85 23.32 27.40
N VAL D 170 2.33 23.88 26.28
CA VAL D 170 3.71 24.28 26.23
C VAL D 170 3.94 25.44 27.18
N LEU D 171 2.93 26.28 27.40
CA LEU D 171 3.04 27.32 28.41
C LEU D 171 3.11 26.69 29.80
N ARG D 172 2.23 25.72 30.06
CA ARG D 172 2.26 25.00 31.34
C ARG D 172 3.62 24.34 31.58
N LEU D 173 4.20 23.75 30.54
CA LEU D 173 5.51 23.11 30.63
C LEU D 173 6.62 24.11 30.89
N ALA D 174 6.66 25.15 30.07
CA ALA D 174 7.72 26.14 30.16
C ALA D 174 7.70 26.82 31.52
N LYS D 175 6.50 26.97 32.08
CA LYS D 175 6.32 27.56 33.40
C LYS D 175 7.11 26.79 34.44
N ASP D 176 6.93 25.48 34.45
CA ASP D 176 7.62 24.65 35.44
C ASP D 176 9.12 24.60 35.17
N LEU D 177 9.52 24.48 33.91
CA LEU D 177 10.94 24.49 33.56
C LEU D 177 11.64 25.76 34.00
N ALA D 178 11.05 26.91 33.69
CA ALA D 178 11.64 28.21 34.02
C ALA D 178 11.69 28.46 35.54
N GLU D 179 10.60 28.15 36.22
CA GLU D 179 10.49 28.48 37.66
C GLU D 179 11.34 27.55 38.53
N ASN D 180 11.58 26.33 38.08
CA ASN D 180 12.31 25.38 38.90
C ASN D 180 13.82 25.34 38.63
N ASN D 181 14.30 26.18 37.72
CA ASN D 181 15.68 26.13 37.28
C ASN D 181 16.31 27.51 37.11
N ARG D 182 17.18 27.86 38.06
CA ARG D 182 17.63 29.23 38.28
C ARG D 182 18.02 30.05 37.05
N GLY D 183 18.84 29.54 36.14
CA GLY D 183 19.22 30.38 35.00
C GLY D 183 18.47 30.05 33.73
N ALA D 184 17.38 29.32 33.87
CA ALA D 184 16.74 28.70 32.71
C ALA D 184 16.12 29.71 31.74
N ARG D 185 16.42 29.56 30.45
CA ARG D 185 15.74 30.33 29.42
C ARG D 185 15.17 29.33 28.46
N VAL D 186 13.85 29.29 28.37
CA VAL D 186 13.18 28.23 27.61
C VAL D 186 12.72 28.74 26.27
N LEU D 187 13.21 28.12 25.21
CA LEU D 187 12.71 28.36 23.86
C LEU D 187 11.48 27.47 23.66
N VAL D 188 10.35 28.07 23.36
CA VAL D 188 9.14 27.31 23.12
C VAL D 188 8.77 27.49 21.67
N VAL D 189 8.54 26.39 20.94
CA VAL D 189 8.13 26.51 19.54
C VAL D 189 6.94 25.60 19.27
N CYS D 190 5.86 26.16 18.72
CA CYS D 190 4.76 25.37 18.18
C CYS D 190 4.78 25.54 16.69
N SER D 191 4.81 24.44 15.93
CA SER D 191 4.89 24.55 14.48
C SER D 191 3.92 23.56 13.85
N GLU D 192 3.03 24.07 13.01
CA GLU D 192 1.88 23.29 12.54
C GLU D 192 1.76 23.39 11.03
N ILE D 193 1.73 22.25 10.35
CA ILE D 193 1.67 22.25 8.88
C ILE D 193 0.63 21.23 8.44
N THR D 194 -0.37 21.71 7.72
CA THR D 194 -1.59 20.95 7.46
C THR D 194 -1.46 19.95 6.31
N ALA D 195 -0.24 19.79 5.78
CA ALA D 195 0.00 18.79 4.77
C ALA D 195 -0.29 17.38 5.29
N VAL D 196 -0.28 17.20 6.60
CA VAL D 196 -0.53 15.88 7.14
C VAL D 196 -2.04 15.58 7.18
N THR D 197 -2.89 16.60 7.13
CA THR D 197 -4.35 16.42 7.22
C THR D 197 -5.14 16.77 5.96
N PHE D 198 -4.51 17.46 5.02
CA PHE D 198 -5.20 17.82 3.79
C PHE D 198 -5.68 16.57 3.07
N ARG D 199 -6.94 16.55 2.67
CA ARG D 199 -7.44 15.46 1.86
C ARG D 199 -8.70 15.86 1.13
N GLY D 200 -9.11 15.03 0.18
CA GLY D 200 -10.31 15.29 -0.59
C GLY D 200 -11.56 15.08 0.23
N PRO D 201 -12.72 15.44 -0.35
CA PRO D 201 -14.00 15.40 0.38
C PRO D 201 -14.73 14.06 0.34
N SER D 202 -15.54 13.80 1.36
CA SER D 202 -16.37 12.59 1.44
C SER D 202 -17.74 12.95 2.00
N GLU D 203 -18.79 12.60 1.28
CA GLU D 203 -20.14 12.97 1.71
C GLU D 203 -20.52 12.21 2.97
N SER D 204 -19.78 11.15 3.27
CA SER D 204 -20.01 10.33 4.44
C SER D 204 -19.31 10.92 5.67
N HIS D 205 -18.42 11.88 5.45
CA HIS D 205 -17.64 12.47 6.53
C HIS D 205 -17.58 13.99 6.45
N LEU D 206 -18.70 14.63 6.76
CA LEU D 206 -18.80 16.08 6.68
C LEU D 206 -17.93 16.76 7.71
N ASP D 207 -17.61 16.06 8.79
CA ASP D 207 -16.78 16.65 9.83
C ASP D 207 -15.34 16.80 9.35
N SER D 208 -14.86 15.85 8.56
CA SER D 208 -13.54 15.98 7.96
C SER D 208 -13.50 17.20 7.06
N LEU D 209 -14.62 17.46 6.40
CA LEU D 209 -14.73 18.60 5.50
C LEU D 209 -14.60 19.94 6.25
N VAL D 210 -15.16 20.02 7.45
CA VAL D 210 -15.05 21.27 8.18
C VAL D 210 -13.59 21.53 8.54
N GLY D 211 -12.81 20.49 8.80
CA GLY D 211 -11.39 20.66 9.04
C GLY D 211 -10.69 21.27 7.84
N GLN D 212 -11.10 20.86 6.64
CA GLN D 212 -10.51 21.39 5.41
C GLN D 212 -10.82 22.87 5.25
N ALA D 213 -11.90 23.31 5.89
CA ALA D 213 -12.32 24.70 5.81
C ALA D 213 -11.62 25.56 6.87
N LEU D 214 -11.12 24.95 7.94
CA LEU D 214 -10.63 25.73 9.09
C LEU D 214 -9.11 25.74 9.30
N PHE D 215 -8.43 24.63 9.02
CA PHE D 215 -7.02 24.54 9.42
C PHE D 215 -6.04 25.26 8.50
N GLY D 216 -5.11 26.01 9.08
CA GLY D 216 -4.05 26.68 8.34
C GLY D 216 -2.69 26.44 8.97
N ASP D 217 -1.62 26.94 8.36
CA ASP D 217 -0.25 26.68 8.83
C ASP D 217 0.35 27.87 9.57
N GLY D 218 1.25 27.58 10.49
CA GLY D 218 1.96 28.65 11.18
C GLY D 218 2.85 28.11 12.27
N ALA D 219 3.81 28.92 12.69
CA ALA D 219 4.64 28.56 13.82
C ALA D 219 4.81 29.79 14.70
N ALA D 220 4.89 29.56 16.01
CA ALA D 220 5.12 30.65 16.95
C ALA D 220 6.19 30.20 17.90
N ALA D 221 7.00 31.15 18.36
CA ALA D 221 8.09 30.88 19.27
C ALA D 221 8.09 31.87 20.41
N LEU D 222 8.42 31.39 21.60
CA LEU D 222 8.56 32.25 22.78
C LEU D 222 9.90 32.03 23.41
N ILE D 223 10.39 33.03 24.13
CA ILE D 223 11.41 32.82 25.16
C ILE D 223 10.70 32.96 26.51
N VAL D 224 10.82 31.97 27.38
CA VAL D 224 10.19 32.01 28.71
C VAL D 224 11.26 31.91 29.79
N GLY D 225 11.17 32.75 30.82
CA GLY D 225 12.14 32.70 31.88
C GLY D 225 11.66 33.40 33.14
N SER D 226 12.17 32.94 34.27
CA SER D 226 11.99 33.66 35.52
C SER D 226 13.15 34.63 35.74
N ASP D 227 12.88 35.64 36.56
CA ASP D 227 13.97 36.48 37.05
C ASP D 227 14.68 37.23 35.93
N ALA D 228 13.90 37.97 35.15
CA ALA D 228 14.39 38.78 34.03
C ALA D 228 15.56 39.67 34.43
N ILE D 229 16.59 39.73 33.60
CA ILE D 229 17.75 40.54 33.96
C ILE D 229 17.43 42.01 33.67
N GLU D 230 17.48 42.86 34.69
CA GLU D 230 16.97 44.22 34.57
C GLU D 230 17.73 44.99 33.49
N GLY D 231 17.00 45.77 32.71
CA GLY D 231 17.61 46.57 31.66
C GLY D 231 17.99 45.81 30.40
N ILE D 232 17.89 44.48 30.45
CA ILE D 232 18.28 43.68 29.30
C ILE D 232 17.08 42.87 28.80
N GLU D 233 16.39 42.21 29.73
CA GLU D 233 15.19 41.45 29.42
C GLU D 233 13.95 42.17 29.91
N ARG D 234 12.84 42.00 29.19
CA ARG D 234 11.59 42.69 29.51
C ARG D 234 10.39 41.76 29.42
N PRO D 235 9.81 41.39 30.57
CA PRO D 235 8.60 40.55 30.55
C PRO D 235 7.46 41.18 29.76
N ILE D 236 6.72 40.34 29.05
CA ILE D 236 5.56 40.76 28.28
C ILE D 236 4.27 40.31 28.99
N PHE D 237 4.25 39.04 29.38
CA PHE D 237 3.17 38.49 30.19
C PHE D 237 3.84 37.64 31.25
N GLU D 238 3.28 37.62 32.46
CA GLU D 238 3.76 36.68 33.47
C GLU D 238 2.71 35.58 33.71
N MET D 239 3.18 34.37 33.95
CA MET D 239 2.25 33.27 34.23
C MET D 239 1.99 33.13 35.72
N VAL D 240 0.73 32.90 36.09
CA VAL D 240 0.33 32.80 37.49
C VAL D 240 -0.04 31.37 37.84
N SER D 241 -0.83 30.74 36.98
CA SER D 241 -1.18 29.34 37.19
C SER D 241 -1.48 28.69 35.85
N ALA D 242 -1.44 27.36 35.82
CA ALA D 242 -1.74 26.63 34.59
C ALA D 242 -2.45 25.33 34.93
N ALA D 243 -3.64 25.15 34.38
CA ALA D 243 -4.48 23.98 34.64
C ALA D 243 -4.82 23.25 33.36
N GLN D 244 -5.24 21.99 33.50
CA GLN D 244 -5.68 21.18 32.37
C GLN D 244 -6.80 20.30 32.86
N THR D 245 -7.88 20.15 32.10
CA THR D 245 -8.92 19.22 32.50
C THR D 245 -9.57 18.59 31.29
N ILE D 246 -10.21 17.45 31.53
CA ILE D 246 -11.00 16.75 30.52
C ILE D 246 -12.46 17.07 30.78
N LEU D 247 -13.15 17.60 29.78
CA LEU D 247 -14.56 17.96 29.95
C LEU D 247 -15.40 16.72 30.08
N PRO D 248 -16.37 16.75 31.00
CA PRO D 248 -17.16 15.55 31.27
C PRO D 248 -17.94 15.09 30.05
N ASP D 249 -17.96 13.76 29.90
CA ASP D 249 -18.69 13.04 28.86
C ASP D 249 -18.60 13.75 27.51
N SER D 250 -17.36 13.86 27.04
CA SER D 250 -17.05 14.51 25.79
C SER D 250 -16.22 13.57 24.93
N GLU D 251 -16.39 12.27 25.19
CA GLU D 251 -15.49 11.20 24.73
C GLU D 251 -14.83 11.39 23.36
N GLY D 252 -15.62 11.27 22.30
CA GLY D 252 -15.07 11.36 20.96
C GLY D 252 -15.37 12.68 20.28
N ALA D 253 -15.44 13.74 21.07
CA ALA D 253 -15.77 15.06 20.55
C ALA D 253 -14.77 15.50 19.48
N ILE D 254 -13.49 15.27 19.74
CA ILE D 254 -12.43 15.59 18.78
C ILE D 254 -11.39 14.47 18.74
N ASP D 255 -11.36 13.70 17.65
CA ASP D 255 -10.40 12.62 17.50
C ASP D 255 -9.53 12.84 16.28
N GLY D 256 -8.30 12.35 16.34
CA GLY D 256 -7.41 12.38 15.19
C GLY D 256 -6.56 11.12 15.17
N HIS D 257 -6.58 10.39 14.07
CA HIS D 257 -5.79 9.16 13.98
C HIS D 257 -4.74 9.26 12.90
N LEU D 258 -3.54 8.78 13.19
CA LEU D 258 -2.46 8.82 12.20
C LEU D 258 -2.41 7.47 11.49
N ARG D 259 -2.80 7.47 10.21
CA ARG D 259 -2.98 6.25 9.45
C ARG D 259 -2.17 6.27 8.16
N GLU D 260 -2.31 5.21 7.38
CA GLU D 260 -1.64 5.09 6.09
C GLU D 260 -2.07 6.19 5.12
N VAL D 261 -3.23 6.78 5.38
CA VAL D 261 -3.78 7.87 4.57
C VAL D 261 -3.43 9.28 5.15
N GLY D 262 -2.61 9.31 6.19
CA GLY D 262 -2.29 10.57 6.85
C GLY D 262 -3.07 10.74 8.13
N LEU D 263 -3.17 11.98 8.61
CA LEU D 263 -3.89 12.26 9.84
C LEU D 263 -5.37 12.54 9.55
N THR D 264 -6.25 11.73 10.15
CA THR D 264 -7.70 11.86 9.94
C THR D 264 -8.32 12.65 11.08
N PHE D 265 -9.44 13.30 10.81
CA PHE D 265 -10.07 14.07 11.87
C PHE D 265 -11.55 13.79 11.99
N HIS D 266 -11.99 13.68 13.24
CA HIS D 266 -13.38 13.43 13.53
C HIS D 266 -13.81 14.51 14.50
N LEU D 267 -14.93 15.15 14.19
CA LEU D 267 -15.38 16.30 14.95
C LEU D 267 -16.89 16.29 15.03
N LEU D 268 -17.45 15.85 16.14
CA LEU D 268 -18.87 15.52 16.08
C LEU D 268 -19.69 16.17 17.17
N LYS D 269 -20.94 16.46 16.84
CA LYS D 269 -21.94 17.04 17.73
C LYS D 269 -21.62 18.47 18.14
N ASP D 270 -21.90 18.79 19.39
CA ASP D 270 -21.76 20.16 19.80
C ASP D 270 -20.47 20.35 20.57
N VAL D 271 -19.35 20.29 19.87
CA VAL D 271 -18.09 20.75 20.47
C VAL D 271 -18.30 22.19 21.01
N PRO D 272 -18.93 23.10 20.22
CA PRO D 272 -19.12 24.44 20.81
C PRO D 272 -19.99 24.44 22.05
N GLY D 273 -21.03 23.61 22.03
CA GLY D 273 -21.90 23.45 23.18
C GLY D 273 -21.19 22.85 24.37
N ILE D 274 -20.33 21.87 24.10
CA ILE D 274 -19.59 21.23 25.19
C ILE D 274 -18.63 22.20 25.85
N ILE D 275 -17.90 22.95 25.02
CA ILE D 275 -16.97 23.91 25.59
C ILE D 275 -17.72 25.00 26.37
N SER D 276 -18.76 25.56 25.79
CA SER D 276 -19.47 26.66 26.44
C SER D 276 -20.18 26.24 27.73
N LYS D 277 -20.69 25.01 27.77
CA LYS D 277 -21.37 24.50 28.97
C LYS D 277 -20.43 24.40 30.17
N ASN D 278 -19.17 24.09 29.89
CA ASN D 278 -18.21 23.74 30.94
C ASN D 278 -17.20 24.85 31.25
N ILE D 279 -17.13 25.87 30.42
CA ILE D 279 -15.97 26.77 30.54
C ILE D 279 -16.00 27.61 31.82
N GLU D 280 -17.18 27.91 32.34
CA GLU D 280 -17.24 28.74 33.55
C GLU D 280 -16.62 28.03 34.75
N LYS D 281 -16.65 26.70 34.76
CA LYS D 281 -16.04 25.94 35.84
C LYS D 281 -14.53 26.13 35.85
N SER D 282 -13.93 26.16 34.66
CA SER D 282 -12.48 26.38 34.57
C SER D 282 -12.14 27.81 34.94
N LEU D 283 -13.00 28.76 34.54
CA LEU D 283 -12.84 30.16 34.95
C LEU D 283 -12.86 30.27 36.48
N GLU D 284 -13.83 29.62 37.10
CA GLU D 284 -14.02 29.76 38.54
C GLU D 284 -12.84 29.13 39.29
N GLU D 285 -12.38 27.97 38.85
CA GLU D 285 -11.26 27.31 39.51
C GLU D 285 -10.00 28.17 39.41
N ALA D 286 -9.87 28.88 38.29
CA ALA D 286 -8.70 29.71 38.04
C ALA D 286 -8.75 31.05 38.78
N PHE D 287 -9.93 31.67 38.84
CA PHE D 287 -10.00 33.05 39.30
C PHE D 287 -10.66 33.29 40.64
N LYS D 288 -11.49 32.36 41.11
CA LYS D 288 -12.03 32.48 42.46
C LYS D 288 -10.94 32.65 43.53
N PRO D 289 -9.83 31.88 43.43
CA PRO D 289 -8.77 32.11 44.43
C PRO D 289 -8.15 33.49 44.38
N LEU D 290 -8.29 34.18 43.24
CA LEU D 290 -7.73 35.51 43.05
C LEU D 290 -8.73 36.59 43.41
N GLY D 291 -9.94 36.15 43.78
CA GLY D 291 -11.00 37.07 44.13
C GLY D 291 -11.63 37.74 42.91
N ILE D 292 -11.50 37.10 41.75
CA ILE D 292 -12.03 37.70 40.51
C ILE D 292 -13.25 36.94 40.02
N THR D 293 -14.36 37.68 39.86
CA THR D 293 -15.64 37.09 39.46
C THR D 293 -16.20 37.72 38.19
N ASP D 294 -15.68 38.89 37.82
CA ASP D 294 -16.10 39.59 36.61
C ASP D 294 -15.18 39.26 35.44
N TYR D 295 -15.63 38.37 34.56
CA TYR D 295 -14.77 37.82 33.53
C TYR D 295 -14.55 38.82 32.40
N ASN D 296 -15.34 39.90 32.38
CA ASN D 296 -15.12 41.02 31.45
C ASN D 296 -13.96 41.93 31.86
N SER D 297 -13.48 41.74 33.09
CA SER D 297 -12.35 42.51 33.61
C SER D 297 -11.03 41.83 33.26
N LEU D 298 -11.12 40.69 32.58
CA LEU D 298 -9.94 39.95 32.12
C LEU D 298 -9.61 40.26 30.68
N PHE D 299 -8.32 40.22 30.30
CA PHE D 299 -8.01 40.14 28.88
C PHE D 299 -8.06 38.67 28.45
N TRP D 300 -8.58 38.42 27.25
CA TRP D 300 -8.94 37.07 26.85
C TRP D 300 -8.13 36.53 25.67
N ILE D 301 -7.63 35.31 25.82
CA ILE D 301 -7.04 34.59 24.69
C ILE D 301 -7.72 33.23 24.63
N ALA D 302 -8.43 32.93 23.55
CA ALA D 302 -9.04 31.62 23.43
C ALA D 302 -8.65 30.97 22.12
N HIS D 303 -8.33 29.68 22.15
CA HIS D 303 -8.05 28.96 20.90
C HIS D 303 -9.28 29.04 20.01
N PRO D 304 -9.13 29.60 18.79
CA PRO D 304 -10.26 29.77 17.89
C PRO D 304 -10.54 28.51 17.08
N GLY D 305 -11.01 27.46 17.73
CA GLY D 305 -11.29 26.20 17.05
C GLY D 305 -12.26 26.36 15.89
N GLY D 306 -13.21 27.28 16.06
CA GLY D 306 -14.13 27.69 15.02
C GLY D 306 -14.90 28.86 15.57
N PRO D 307 -15.54 29.66 14.69
CA PRO D 307 -16.28 30.83 15.16
C PRO D 307 -17.46 30.46 16.07
N ALA D 308 -18.04 29.27 15.90
CA ALA D 308 -19.17 28.86 16.75
C ALA D 308 -18.73 28.67 18.21
N ILE D 309 -17.49 28.23 18.41
CA ILE D 309 -16.97 28.08 19.77
C ILE D 309 -16.89 29.45 20.46
N LEU D 310 -16.31 30.42 19.76
CA LEU D 310 -16.13 31.77 20.30
C LEU D 310 -17.46 32.44 20.58
N ASP D 311 -18.39 32.33 19.63
CA ASP D 311 -19.71 32.93 19.78
C ASP D 311 -20.45 32.36 21.00
N GLN D 312 -20.36 31.05 21.19
CA GLN D 312 -21.13 30.42 22.24
C GLN D 312 -20.49 30.63 23.61
N VAL D 313 -19.18 30.67 23.66
CA VAL D 313 -18.50 31.05 24.91
C VAL D 313 -18.83 32.50 25.28
N GLU D 314 -18.75 33.39 24.29
CA GLU D 314 -19.12 34.79 24.50
C GLU D 314 -20.55 34.93 25.03
N ALA D 315 -21.47 34.20 24.42
CA ALA D 315 -22.87 34.29 24.82
C ALA D 315 -23.07 33.72 26.22
N LYS D 316 -22.40 32.60 26.49
CA LYS D 316 -22.58 31.89 27.75
C LYS D 316 -22.08 32.70 28.93
N ILE D 317 -20.87 33.24 28.77
CA ILE D 317 -20.19 33.97 29.83
C ILE D 317 -20.67 35.43 29.88
N GLY D 318 -21.28 35.88 28.80
CA GLY D 318 -21.77 37.25 28.74
C GLY D 318 -20.66 38.25 28.51
N LEU D 319 -19.68 37.87 27.70
CA LEU D 319 -18.58 38.75 27.36
C LEU D 319 -19.05 39.91 26.48
N LYS D 320 -18.50 41.08 26.72
CA LYS D 320 -18.70 42.21 25.83
C LYS D 320 -18.19 41.83 24.44
N PRO D 321 -18.83 42.34 23.38
CA PRO D 321 -18.54 41.87 22.02
C PRO D 321 -17.09 42.04 21.55
N GLU D 322 -16.31 42.91 22.17
CA GLU D 322 -14.95 43.17 21.72
C GLU D 322 -13.87 42.45 22.53
N LYS D 323 -14.30 41.72 23.56
CA LYS D 323 -13.36 40.98 24.39
C LYS D 323 -12.53 39.98 23.57
N LEU D 324 -13.16 39.35 22.58
CA LEU D 324 -12.45 38.37 21.76
C LEU D 324 -11.93 38.95 20.45
N ARG D 325 -11.70 40.26 20.40
CA ARG D 325 -11.22 40.90 19.17
C ARG D 325 -9.90 40.30 18.70
N ALA D 326 -8.93 40.20 19.59
CA ALA D 326 -7.61 39.68 19.24
C ALA D 326 -7.69 38.26 18.71
N THR D 327 -8.47 37.42 19.39
CA THR D 327 -8.62 36.02 18.97
C THR D 327 -9.30 35.93 17.61
N ARG D 328 -10.36 36.70 17.40
CA ARG D 328 -11.04 36.69 16.11
C ARG D 328 -10.16 37.26 15.00
N HIS D 329 -9.30 38.20 15.35
CA HIS D 329 -8.38 38.74 14.35
C HIS D 329 -7.46 37.65 13.83
N VAL D 330 -6.88 36.83 14.69
CA VAL D 330 -5.97 35.85 14.11
C VAL D 330 -6.75 34.73 13.44
N LEU D 331 -7.96 34.42 13.91
CA LEU D 331 -8.81 33.49 13.17
C LEU D 331 -9.04 34.01 11.76
N SER D 332 -9.36 35.30 11.66
CA SER D 332 -9.60 35.92 10.36
C SER D 332 -8.36 35.86 9.45
N GLU D 333 -7.18 36.16 10.00
CA GLU D 333 -6.01 36.34 9.14
C GLU D 333 -5.18 35.08 8.95
N TYR D 334 -5.39 34.07 9.79
CA TYR D 334 -4.57 32.85 9.74
C TYR D 334 -5.35 31.55 9.76
N GLY D 335 -6.62 31.61 10.12
CA GLY D 335 -7.40 30.40 10.31
C GLY D 335 -6.97 29.70 11.59
N ASN D 336 -7.35 28.44 11.73
CA ASN D 336 -7.04 27.61 12.91
C ASN D 336 -5.67 26.96 12.72
N MET D 337 -4.64 27.50 13.38
CA MET D 337 -3.28 26.95 13.27
C MET D 337 -2.95 26.01 14.42
N SER D 338 -3.97 25.29 14.89
CA SER D 338 -3.84 24.31 15.96
C SER D 338 -3.07 24.91 17.14
N SER D 339 -2.03 24.22 17.61
CA SER D 339 -1.38 24.60 18.87
C SER D 339 -0.73 25.97 18.85
N ALA D 340 -0.35 26.46 17.67
CA ALA D 340 0.33 27.75 17.56
C ALA D 340 -0.62 28.94 17.73
N CYS D 341 -1.92 28.73 17.51
CA CYS D 341 -2.92 29.82 17.46
C CYS D 341 -2.84 30.82 18.59
N VAL D 342 -2.95 30.28 19.79
CA VAL D 342 -3.01 31.03 21.02
C VAL D 342 -1.75 31.92 21.21
N LEU D 343 -0.62 31.45 20.71
CA LEU D 343 0.60 32.23 20.79
C LEU D 343 0.57 33.38 19.81
N PHE D 344 0.00 33.17 18.61
CA PHE D 344 -0.23 34.27 17.69
C PHE D 344 -1.13 35.34 18.32
N ILE D 345 -2.12 34.89 19.09
CA ILE D 345 -3.07 35.81 19.71
C ILE D 345 -2.39 36.65 20.80
N LEU D 346 -1.50 36.03 21.56
CA LEU D 346 -0.69 36.81 22.50
C LEU D 346 0.10 37.90 21.78
N GLU D 347 0.70 37.56 20.65
CA GLU D 347 1.45 38.53 19.88
C GLU D 347 0.53 39.65 19.38
N GLU D 348 -0.60 39.29 18.79
CA GLU D 348 -1.63 40.25 18.34
C GLU D 348 -2.04 41.20 19.45
N MET D 349 -2.37 40.63 20.59
CA MET D 349 -2.85 41.43 21.70
C MET D 349 -1.82 42.44 22.18
N ARG D 350 -0.58 42.02 22.35
CA ARG D 350 0.37 42.98 22.91
C ARG D 350 0.74 44.05 21.87
N LYS D 351 0.76 43.68 20.59
CA LYS D 351 1.03 44.67 19.53
C LYS D 351 -0.07 45.73 19.42
N LYS D 352 -1.32 45.28 19.43
CA LYS D 352 -2.48 46.17 19.35
C LYS D 352 -2.58 47.06 20.58
N SER D 353 -2.32 46.47 21.76
CA SER D 353 -2.37 47.22 23.01
C SER D 353 -1.35 48.35 22.96
N ALA D 354 -0.20 48.07 22.36
CA ALA D 354 0.86 49.09 22.23
C ALA D 354 0.46 50.18 21.24
N GLU D 355 -0.15 49.78 20.13
CA GLU D 355 -0.49 50.76 19.10
C GLU D 355 -1.68 51.62 19.52
N GLU D 356 -2.51 51.09 20.42
CA GLU D 356 -3.65 51.84 20.93
C GLU D 356 -3.32 52.53 22.26
N LYS D 357 -2.06 52.42 22.67
CA LYS D 357 -1.56 53.05 23.89
C LYS D 357 -2.39 52.69 25.12
N ASN D 358 -2.79 51.42 25.24
CA ASN D 358 -3.36 50.96 26.49
C ASN D 358 -2.23 50.95 27.52
N GLY D 359 -2.58 50.94 28.80
CA GLY D 359 -1.58 51.01 29.84
C GLY D 359 -0.78 49.75 30.06
N THR D 360 -1.18 48.66 29.40
CA THR D 360 -0.51 47.40 29.62
C THR D 360 -0.56 46.51 28.38
N THR D 361 0.23 45.43 28.42
CA THR D 361 0.30 44.50 27.31
C THR D 361 -0.99 43.68 27.14
N GLY D 362 -1.87 43.73 28.14
CA GLY D 362 -3.14 43.02 28.07
C GLY D 362 -4.34 43.97 27.93
N GLU D 363 -4.30 44.81 26.91
CA GLU D 363 -5.41 45.71 26.58
C GLU D 363 -5.74 46.70 27.72
N GLY D 364 -4.77 47.00 28.56
CA GLY D 364 -4.96 47.94 29.65
C GLY D 364 -5.37 47.27 30.95
N LEU D 365 -5.62 45.95 30.87
CA LEU D 365 -6.08 45.21 32.04
C LEU D 365 -4.95 44.47 32.75
N GLU D 366 -5.13 44.13 34.02
CA GLU D 366 -4.10 43.46 34.81
C GLU D 366 -4.05 41.95 34.65
N TRP D 367 -5.22 41.33 34.67
CA TRP D 367 -5.31 39.88 34.69
C TRP D 367 -5.93 39.36 33.42
N GLY D 368 -5.47 38.19 32.98
CA GLY D 368 -5.99 37.59 31.77
C GLY D 368 -6.07 36.09 31.82
N VAL D 369 -6.74 35.52 30.83
CA VAL D 369 -6.90 34.09 30.76
C VAL D 369 -6.62 33.65 29.34
N LEU D 370 -5.95 32.52 29.23
CA LEU D 370 -5.63 31.91 27.97
C LEU D 370 -6.18 30.48 28.00
N PHE D 371 -6.93 30.13 26.96
CA PHE D 371 -7.55 28.81 26.86
C PHE D 371 -7.06 28.05 25.63
N GLY D 372 -6.67 26.80 25.83
CA GLY D 372 -6.50 25.88 24.71
C GLY D 372 -7.61 24.84 24.79
N PHE D 373 -8.13 24.46 23.61
CA PHE D 373 -9.21 23.49 23.46
C PHE D 373 -8.75 22.44 22.46
N GLY D 374 -8.98 21.17 22.76
CA GLY D 374 -8.51 20.15 21.83
C GLY D 374 -9.04 18.78 22.18
N PRO D 375 -8.47 17.74 21.54
CA PRO D 375 -8.88 16.34 21.76
C PRO D 375 -8.96 15.92 23.24
N GLY D 376 -9.99 15.13 23.55
CA GLY D 376 -10.24 14.60 24.88
C GLY D 376 -11.50 15.30 25.30
N LEU D 377 -11.82 16.26 24.44
CA LEU D 377 -12.11 17.60 24.85
C LEU D 377 -11.32 17.92 26.11
N THR D 378 -10.08 18.31 25.84
CA THR D 378 -9.16 18.83 26.84
C THR D 378 -9.23 20.35 26.83
N VAL D 379 -9.27 20.95 28.01
CA VAL D 379 -9.11 22.41 28.06
C VAL D 379 -7.90 22.74 28.93
N GLU D 380 -7.01 23.57 28.39
CA GLU D 380 -5.89 24.12 29.15
C GLU D 380 -6.29 25.52 29.59
N THR D 381 -6.07 25.86 30.85
CA THR D 381 -6.42 27.19 31.36
C THR D 381 -5.20 27.82 31.98
N VAL D 382 -4.71 28.91 31.39
CA VAL D 382 -3.55 29.60 31.93
C VAL D 382 -3.93 30.98 32.39
N VAL D 383 -3.64 31.27 33.64
CA VAL D 383 -3.87 32.62 34.17
C VAL D 383 -2.63 33.46 33.92
N LEU D 384 -2.85 34.63 33.31
CA LEU D 384 -1.77 35.54 32.96
C LEU D 384 -1.84 36.85 33.69
N HIS D 385 -0.68 37.46 33.88
CA HIS D 385 -0.60 38.83 34.37
C HIS D 385 0.09 39.70 33.31
N SER D 386 -0.55 40.82 32.96
CA SER D 386 0.03 41.72 31.99
C SER D 386 1.18 42.51 32.61
N VAL D 387 1.91 43.25 31.78
CA VAL D 387 3.01 44.09 32.24
C VAL D 387 2.74 45.53 31.83
N GLU D 388 3.16 46.49 32.65
CA GLU D 388 2.94 47.89 32.30
C GLU D 388 3.58 48.24 30.96
N ALA D 389 2.84 49.03 30.18
CA ALA D 389 3.31 49.49 28.88
C ALA D 389 3.94 50.87 29.00
#